data_9K94
#
_entry.id   9K94
#
_cell.length_a   1.00
_cell.length_b   1.00
_cell.length_c   1.00
_cell.angle_alpha   90.00
_cell.angle_beta   90.00
_cell.angle_gamma   90.00
#
_symmetry.space_group_name_H-M   'P 1'
#
loop_
_entity.id
_entity.type
_entity.pdbx_description
1 polymer 'C-reactive protein'
2 polymer 'CRP specific recognition heavy chain antibodie 2 (HCAb2)'
#
loop_
_entity_poly.entity_id
_entity_poly.type
_entity_poly.pdbx_seq_one_letter_code
_entity_poly.pdbx_strand_id
1 'polypeptide(L)'
;QTDMSRKAFVFPKESDTSYVSLKAPLTKPLKAFTVCLHFYTELSSTRGYSIFSYATKRQDNEILIFWSKDIGYSFTVGGS
EILFEVPEVTVAPVHICTSWESASGIVEFWVDGKPRVRKSLKKGYTVGAEASIILGQEQDSFGGNFEGSQSLVGDIGNVN
MWDFVLSPDEINTIYLGGPFSPNVLNWRALKYEVQGEVFTKPQLWP
;
C,A,D,F,I
2 'polypeptide(L)'
;MAHVQLVESGGGLVLPGGSLRLSCEASGISFSSNAVGWYRQAPGNQRTLVAVISSGGSTVYGDSVRGRFTISKDNPKNTA
YLLMNNLKPEDTGVYYCNVDRRVHALPRSQSYWGRGTQVTVSS
;
H,B,E,G,J
#
# COMPACT_ATOMS: atom_id res chain seq x y z
N GLN A 1 14.25 35.07 -35.90
CA GLN A 1 13.52 33.97 -35.19
C GLN A 1 14.28 32.66 -35.32
N THR A 2 13.91 31.69 -34.49
CA THR A 2 14.55 30.38 -34.51
C THR A 2 13.54 29.34 -34.05
N ASP A 3 13.78 28.09 -34.43
CA ASP A 3 12.88 26.98 -34.12
C ASP A 3 13.50 26.17 -33.00
N MET A 4 12.88 26.22 -31.82
CA MET A 4 13.31 25.46 -30.65
C MET A 4 12.76 24.03 -30.64
N SER A 5 12.31 23.51 -31.78
CA SER A 5 11.74 22.17 -31.81
C SER A 5 12.75 21.15 -31.30
N ARG A 6 12.31 20.29 -30.39
CA ARG A 6 13.17 19.26 -29.80
C ARG A 6 14.38 19.88 -29.10
N LYS A 7 14.20 21.06 -28.52
CA LYS A 7 15.25 21.74 -27.79
C LYS A 7 14.68 22.24 -26.47
N ALA A 8 15.56 22.40 -25.48
CA ALA A 8 15.13 22.81 -24.15
C ALA A 8 16.24 23.58 -23.46
N PHE A 9 15.85 24.58 -22.69
CA PHE A 9 16.80 25.32 -21.86
C PHE A 9 17.11 24.53 -20.59
N VAL A 10 18.35 24.67 -20.13
CA VAL A 10 18.86 23.98 -18.96
C VAL A 10 19.55 25.00 -18.07
N PHE A 11 19.19 25.00 -16.78
CA PHE A 11 19.81 25.81 -15.76
C PHE A 11 20.65 24.91 -14.86
N PRO A 12 21.98 24.94 -14.94
CA PRO A 12 22.78 23.95 -14.20
C PRO A 12 22.72 24.12 -12.69
N LYS A 13 22.98 25.33 -12.21
CA LYS A 13 23.14 25.60 -10.78
C LYS A 13 22.24 26.73 -10.35
N GLU A 14 21.82 26.69 -9.09
CA GLU A 14 21.00 27.75 -8.57
C GLU A 14 21.82 29.02 -8.42
N SER A 15 21.22 30.16 -8.74
CA SER A 15 21.88 31.45 -8.68
C SER A 15 20.83 32.53 -8.77
N ASP A 16 21.25 33.79 -8.93
CA ASP A 16 20.29 34.89 -9.06
C ASP A 16 20.64 35.81 -10.23
N THR A 17 21.38 35.29 -11.20
CA THR A 17 21.77 36.08 -12.37
C THR A 17 21.51 35.38 -13.69
N SER A 18 21.13 34.10 -13.70
CA SER A 18 20.88 33.37 -14.93
C SER A 18 19.38 33.40 -15.24
N TYR A 19 19.03 33.79 -16.46
CA TYR A 19 17.64 33.90 -16.85
C TYR A 19 17.57 34.22 -18.35
N VAL A 20 16.43 33.90 -18.94
CA VAL A 20 16.16 34.25 -20.33
C VAL A 20 14.97 35.19 -20.37
N SER A 21 14.85 35.92 -21.48
CA SER A 21 13.79 36.88 -21.68
C SER A 21 13.16 36.62 -23.03
N LEU A 22 11.82 36.50 -23.06
CA LEU A 22 11.09 36.23 -24.28
C LEU A 22 10.33 37.48 -24.71
N LYS A 23 10.49 37.87 -25.97
CA LYS A 23 9.81 39.02 -26.53
C LYS A 23 8.58 38.58 -27.31
N ALA A 24 7.61 39.48 -27.41
CA ALA A 24 6.35 39.21 -28.09
C ALA A 24 5.98 40.41 -28.95
N PRO A 25 5.22 40.18 -30.02
CA PRO A 25 4.72 41.30 -30.83
C PRO A 25 3.40 41.90 -30.34
N LEU A 26 2.99 41.59 -29.12
CA LEU A 26 1.70 42.04 -28.61
C LEU A 26 1.64 43.57 -28.62
N THR A 27 0.48 44.09 -29.01
CA THR A 27 0.29 45.54 -29.11
C THR A 27 -0.99 46.01 -28.44
N LYS A 28 -2.00 45.13 -28.35
CA LYS A 28 -3.30 45.51 -27.82
C LYS A 28 -3.58 44.81 -26.49
N PRO A 29 -4.39 45.40 -25.62
CA PRO A 29 -4.63 44.80 -24.31
C PRO A 29 -5.30 43.44 -24.42
N LEU A 30 -5.02 42.59 -23.45
CA LEU A 30 -5.55 41.23 -23.41
C LEU A 30 -6.81 41.16 -22.57
N LYS A 31 -7.82 40.47 -23.09
CA LYS A 31 -9.05 40.19 -22.35
C LYS A 31 -9.21 38.70 -22.04
N ALA A 32 -8.18 37.90 -22.33
CA ALA A 32 -8.19 36.48 -22.03
C ALA A 32 -6.82 35.94 -22.43
N PHE A 33 -6.50 34.74 -21.97
CA PHE A 33 -5.22 34.14 -22.34
C PHE A 33 -5.21 32.66 -22.00
N THR A 34 -4.24 31.96 -22.57
CA THR A 34 -4.00 30.56 -22.28
C THR A 34 -2.52 30.29 -22.51
N VAL A 35 -1.90 29.53 -21.60
CA VAL A 35 -0.49 29.18 -21.73
C VAL A 35 -0.33 27.69 -21.48
N CYS A 36 0.72 27.12 -22.07
CA CYS A 36 1.01 25.70 -21.98
C CYS A 36 2.52 25.51 -21.97
N LEU A 37 3.01 24.62 -21.12
CA LEU A 37 4.45 24.38 -21.10
C LEU A 37 4.77 23.06 -20.41
N HIS A 38 5.97 22.56 -20.69
CA HIS A 38 6.44 21.35 -20.07
C HIS A 38 7.66 21.70 -19.25
N PHE A 39 7.87 20.98 -18.16
CA PHE A 39 9.01 21.27 -17.29
C PHE A 39 9.29 20.05 -16.43
N TYR A 40 10.49 20.04 -15.84
CA TYR A 40 10.99 18.89 -15.10
C TYR A 40 12.12 19.33 -14.19
N THR A 41 11.94 19.17 -12.87
CA THR A 41 12.94 19.56 -11.90
C THR A 41 12.79 18.70 -10.66
N GLU A 42 13.86 18.66 -9.86
CA GLU A 42 13.91 17.83 -8.66
C GLU A 42 13.69 18.62 -7.37
N LEU A 43 13.42 19.92 -7.45
CA LEU A 43 13.21 20.70 -6.23
C LEU A 43 12.14 20.07 -5.36
N SER A 44 11.01 19.74 -5.99
CA SER A 44 9.92 19.06 -5.29
C SER A 44 9.65 19.63 -3.90
N SER A 45 9.46 18.76 -2.90
CA SER A 45 9.19 19.24 -1.56
C SER A 45 10.47 19.64 -0.83
N THR A 46 11.18 20.61 -1.40
CA THR A 46 12.35 21.17 -0.72
C THR A 46 12.17 22.67 -0.53
N ARG A 47 11.76 23.36 -1.59
CA ARG A 47 11.48 24.78 -1.53
C ARG A 47 10.58 25.14 -2.71
N GLY A 48 10.04 26.35 -2.68
CA GLY A 48 9.20 26.84 -3.76
C GLY A 48 10.04 27.44 -4.87
N TYR A 49 9.61 27.18 -6.11
CA TYR A 49 10.31 27.68 -7.29
C TYR A 49 9.31 28.30 -8.26
N SER A 50 9.79 29.28 -9.02
CA SER A 50 8.95 29.95 -9.99
C SER A 50 8.93 29.19 -11.31
N ILE A 51 7.75 29.14 -11.93
CA ILE A 51 7.54 28.42 -13.17
C ILE A 51 7.42 29.38 -14.36
N PHE A 52 6.50 30.34 -14.27
CA PHE A 52 6.26 31.29 -15.35
C PHE A 52 5.90 32.63 -14.74
N SER A 53 6.51 33.69 -15.25
CA SER A 53 6.33 35.04 -14.76
C SER A 53 5.99 35.98 -15.91
N TYR A 54 5.15 36.98 -15.63
CA TYR A 54 4.72 37.95 -16.62
C TYR A 54 4.41 39.24 -15.87
N ALA A 55 5.30 40.22 -16.00
CA ALA A 55 5.20 41.48 -15.27
C ALA A 55 4.91 42.62 -16.23
N THR A 56 4.59 43.78 -15.65
CA THR A 56 4.29 44.99 -16.42
C THR A 56 4.95 46.16 -15.72
N LYS A 57 4.57 47.37 -16.13
CA LYS A 57 5.17 48.58 -15.58
C LYS A 57 4.53 49.02 -14.26
N ARG A 58 3.40 48.44 -13.87
CA ARG A 58 2.71 48.83 -12.65
C ARG A 58 2.34 47.62 -11.81
N GLN A 59 2.90 46.45 -12.11
CA GLN A 59 2.57 45.24 -11.36
C GLN A 59 3.62 44.17 -11.60
N ASP A 60 4.20 43.59 -10.56
CA ASP A 60 5.24 42.58 -10.74
C ASP A 60 4.66 41.20 -10.96
N ASN A 61 3.38 41.00 -10.65
CA ASN A 61 2.76 39.68 -10.73
C ASN A 61 1.52 39.72 -11.59
N GLU A 62 1.64 40.32 -12.79
CA GLU A 62 0.51 40.35 -13.72
C GLU A 62 0.01 38.93 -13.97
N ILE A 63 0.92 38.02 -14.29
CA ILE A 63 0.62 36.59 -14.35
C ILE A 63 1.78 35.85 -13.71
N LEU A 64 1.48 34.87 -12.87
CA LEU A 64 2.56 34.10 -12.28
C LEU A 64 2.07 32.73 -11.84
N ILE A 65 2.91 31.73 -12.08
CA ILE A 65 2.67 30.35 -11.65
C ILE A 65 3.80 29.94 -10.73
N PHE A 66 3.44 29.41 -9.56
CA PHE A 66 4.41 29.05 -8.53
C PHE A 66 4.07 27.69 -7.97
N TRP A 67 5.03 27.09 -7.26
CA TRP A 67 4.86 25.80 -6.60
C TRP A 67 5.06 26.02 -5.09
N SER A 68 3.98 26.37 -4.40
CA SER A 68 4.07 26.65 -2.97
C SER A 68 4.34 25.38 -2.19
N LYS A 69 5.38 25.42 -1.36
CA LYS A 69 5.88 24.29 -0.60
C LYS A 69 4.77 23.60 0.20
N ASP A 70 4.49 22.34 -0.12
CA ASP A 70 3.48 21.56 0.60
C ASP A 70 2.04 22.04 0.39
N ILE A 71 1.87 23.12 -0.38
CA ILE A 71 0.55 23.65 -0.66
C ILE A 71 0.07 23.22 -2.04
N GLY A 72 0.91 23.38 -3.06
CA GLY A 72 0.55 22.97 -4.39
C GLY A 72 0.77 24.09 -5.38
N TYR A 73 0.08 24.02 -6.50
CA TYR A 73 0.26 25.02 -7.55
C TYR A 73 -0.45 26.30 -7.16
N SER A 74 0.19 27.44 -7.43
CA SER A 74 -0.37 28.75 -7.12
C SER A 74 -0.42 29.56 -8.41
N PHE A 75 -1.62 29.96 -8.82
CA PHE A 75 -1.84 30.72 -10.03
C PHE A 75 -2.37 32.10 -9.65
N THR A 76 -1.64 33.14 -10.01
CA THR A 76 -2.01 34.50 -9.63
C THR A 76 -2.05 35.41 -10.84
N VAL A 77 -3.09 36.24 -10.87
CA VAL A 77 -3.29 37.23 -11.92
C VAL A 77 -3.58 38.57 -11.27
N GLY A 78 -2.94 39.63 -11.78
CA GLY A 78 -3.18 40.98 -11.31
C GLY A 78 -3.29 41.10 -9.81
N GLY A 79 -2.41 40.43 -9.09
CA GLY A 79 -2.44 40.45 -7.62
C GLY A 79 -3.23 39.34 -6.98
N SER A 80 -4.47 39.15 -7.42
CA SER A 80 -5.30 38.08 -6.86
C SER A 80 -4.67 36.73 -7.17
N GLU A 81 -5.00 35.76 -6.34
CA GLU A 81 -4.44 34.45 -6.56
C GLU A 81 -5.27 33.32 -6.03
N ILE A 82 -5.06 32.16 -6.61
CA ILE A 82 -5.73 30.94 -6.19
C ILE A 82 -4.67 29.86 -6.09
N LEU A 83 -5.00 28.80 -5.34
CA LEU A 83 -4.06 27.70 -5.17
C LEU A 83 -4.68 26.32 -5.35
N PHE A 84 -4.33 25.66 -6.43
CA PHE A 84 -4.80 24.30 -6.69
C PHE A 84 -3.96 23.32 -5.87
N GLU A 85 -4.63 22.48 -5.11
CA GLU A 85 -3.98 21.61 -4.14
C GLU A 85 -3.61 20.28 -4.79
N VAL A 86 -2.41 19.80 -4.49
CA VAL A 86 -1.92 18.51 -4.96
C VAL A 86 -1.57 17.67 -3.74
N PRO A 87 -2.13 16.47 -3.58
CA PRO A 87 -1.89 15.72 -2.34
C PRO A 87 -0.48 15.17 -2.23
N GLU A 88 0.07 14.63 -3.31
CA GLU A 88 1.38 13.99 -3.30
C GLU A 88 2.19 14.46 -4.49
N VAL A 89 3.51 14.34 -4.37
CA VAL A 89 4.46 14.82 -5.37
C VAL A 89 5.24 13.63 -5.91
N THR A 90 5.47 13.64 -7.22
CA THR A 90 6.27 12.62 -7.90
C THR A 90 7.51 13.28 -8.49
N VAL A 91 8.31 12.49 -9.21
CA VAL A 91 9.54 12.95 -9.84
C VAL A 91 9.51 12.47 -11.29
N ALA A 92 9.06 13.34 -12.20
CA ALA A 92 9.01 13.02 -13.62
C ALA A 92 8.59 14.26 -14.40
N PRO A 93 8.86 14.32 -15.70
CA PRO A 93 8.45 15.51 -16.47
C PRO A 93 6.95 15.69 -16.42
N VAL A 94 6.52 16.96 -16.37
CA VAL A 94 5.12 17.30 -16.23
C VAL A 94 4.76 18.39 -17.24
N HIS A 95 3.56 18.28 -17.80
CA HIS A 95 3.01 19.24 -18.74
C HIS A 95 1.81 19.93 -18.12
N ILE A 96 1.76 21.26 -18.24
CA ILE A 96 0.68 22.03 -17.64
C ILE A 96 0.10 22.99 -18.68
N CYS A 97 -1.17 23.35 -18.46
CA CYS A 97 -1.89 24.20 -19.40
C CYS A 97 -2.95 24.96 -18.62
N THR A 98 -2.79 26.28 -18.51
CA THR A 98 -3.76 27.10 -17.80
C THR A 98 -4.43 28.09 -18.74
N SER A 99 -5.66 28.47 -18.44
CA SER A 99 -6.42 29.39 -19.27
C SER A 99 -7.32 30.25 -18.40
N TRP A 100 -7.46 31.51 -18.78
CA TRP A 100 -8.27 32.48 -18.05
C TRP A 100 -9.01 33.36 -19.03
N GLU A 101 -10.22 33.77 -18.64
CA GLU A 101 -11.08 34.62 -19.44
C GLU A 101 -11.60 35.78 -18.60
N SER A 102 -11.86 36.91 -19.25
CA SER A 102 -12.27 38.10 -18.53
C SER A 102 -13.76 38.10 -18.23
N ALA A 103 -14.59 38.05 -19.26
CA ALA A 103 -16.03 38.17 -19.08
C ALA A 103 -16.55 37.10 -18.12
N SER A 104 -16.22 35.85 -18.40
CA SER A 104 -16.65 34.75 -17.53
C SER A 104 -15.94 34.78 -16.20
N GLY A 105 -14.67 35.18 -16.20
CA GLY A 105 -13.90 35.18 -14.97
C GLY A 105 -13.69 33.79 -14.41
N ILE A 106 -13.35 32.83 -15.26
CA ILE A 106 -13.16 31.44 -14.86
C ILE A 106 -11.74 31.02 -15.23
N VAL A 107 -11.12 30.23 -14.36
CA VAL A 107 -9.75 29.76 -14.54
C VAL A 107 -9.78 28.25 -14.67
N GLU A 108 -9.12 27.73 -15.71
CA GLU A 108 -8.98 26.30 -15.92
C GLU A 108 -7.50 25.94 -15.86
N PHE A 109 -7.20 24.78 -15.25
CA PHE A 109 -5.82 24.37 -14.98
C PHE A 109 -5.70 22.88 -15.23
N TRP A 110 -5.29 22.52 -16.45
CA TRP A 110 -5.04 21.13 -16.79
C TRP A 110 -3.61 20.75 -16.44
N VAL A 111 -3.45 19.63 -15.74
CA VAL A 111 -2.14 19.10 -15.38
C VAL A 111 -2.04 17.67 -15.90
N ASP A 112 -1.03 17.40 -16.71
CA ASP A 112 -0.75 16.05 -17.20
C ASP A 112 -1.99 15.43 -17.84
N GLY A 113 -2.74 16.25 -18.58
CA GLY A 113 -3.92 15.80 -19.30
C GLY A 113 -5.21 15.83 -18.52
N LYS A 114 -5.17 15.45 -17.25
CA LYS A 114 -6.38 15.44 -16.44
C LYS A 114 -6.77 16.87 -16.07
N PRO A 115 -8.06 17.20 -16.07
CA PRO A 115 -8.48 18.55 -15.67
C PRO A 115 -8.79 18.66 -14.19
N ARG A 116 -8.77 19.89 -13.70
CA ARG A 116 -9.12 20.21 -12.33
C ARG A 116 -10.40 21.03 -12.29
N VAL A 117 -10.95 21.18 -11.08
CA VAL A 117 -12.19 21.93 -10.91
C VAL A 117 -11.99 23.37 -11.35
N ARG A 118 -13.05 23.93 -11.94
CA ARG A 118 -12.99 25.32 -12.36
C ARG A 118 -13.18 26.24 -11.19
N LYS A 119 -12.65 27.45 -11.29
CA LYS A 119 -12.71 28.42 -10.20
C LYS A 119 -12.80 29.82 -10.80
N SER A 120 -13.29 30.75 -9.99
CA SER A 120 -13.50 32.13 -10.40
C SER A 120 -12.39 33.02 -9.86
N LEU A 121 -12.02 34.03 -10.64
CA LEU A 121 -10.94 34.92 -10.25
C LEU A 121 -10.91 36.18 -11.12
N LYS A 122 -10.88 37.35 -10.48
CA LYS A 122 -10.66 38.62 -11.17
C LYS A 122 -11.67 38.81 -12.30
N LYS A 123 -12.93 38.92 -11.92
CA LYS A 123 -13.97 39.12 -12.91
C LYS A 123 -13.99 40.54 -13.42
N GLY A 124 -14.01 40.69 -14.73
CA GLY A 124 -14.10 41.99 -15.36
C GLY A 124 -12.88 42.87 -15.13
N TYR A 125 -11.74 42.49 -15.71
CA TYR A 125 -10.52 43.26 -15.56
C TYR A 125 -9.56 42.88 -16.68
N THR A 126 -8.91 43.89 -17.24
CA THR A 126 -8.05 43.71 -18.40
C THR A 126 -6.59 43.56 -17.99
N VAL A 127 -5.77 43.14 -18.95
CA VAL A 127 -4.33 42.94 -18.74
C VAL A 127 -3.58 43.85 -19.70
N GLY A 128 -2.49 44.42 -19.22
CA GLY A 128 -1.71 45.35 -20.01
C GLY A 128 -1.00 44.66 -21.17
N ALA A 129 -0.34 45.49 -21.98
CA ALA A 129 0.34 45.04 -23.19
C ALA A 129 1.85 45.06 -23.05
N GLU A 130 2.43 46.21 -22.70
CA GLU A 130 3.87 46.29 -22.49
C GLU A 130 4.28 45.34 -21.38
N ALA A 131 5.02 44.29 -21.73
CA ALA A 131 5.36 43.24 -20.78
C ALA A 131 6.79 42.79 -20.98
N SER A 132 7.35 42.20 -19.94
CA SER A 132 8.70 41.64 -19.96
C SER A 132 8.60 40.22 -19.39
N ILE A 133 8.63 39.22 -20.27
CA ILE A 133 8.43 37.83 -19.88
C ILE A 133 9.79 37.23 -19.57
N ILE A 134 10.11 37.16 -18.27
CA ILE A 134 11.36 36.56 -17.85
C ILE A 134 11.10 35.12 -17.49
N LEU A 135 12.06 34.26 -17.85
CA LEU A 135 11.96 32.85 -17.54
C LEU A 135 13.20 32.44 -16.77
N GLY A 136 13.02 31.71 -15.68
CA GLY A 136 14.11 31.24 -14.85
C GLY A 136 14.07 31.81 -13.44
N GLN A 137 13.69 33.08 -13.30
CA GLN A 137 13.69 33.75 -12.00
C GLN A 137 12.40 34.53 -11.83
N GLU A 138 11.83 34.47 -10.63
CA GLU A 138 10.71 35.33 -10.30
C GLU A 138 11.19 36.77 -10.18
N GLN A 139 10.34 37.71 -10.61
CA GLN A 139 10.66 39.12 -10.62
C GLN A 139 9.69 39.88 -9.73
N ASP A 140 10.24 40.83 -8.97
CA ASP A 140 9.43 41.76 -8.18
C ASP A 140 9.42 43.16 -8.77
N SER A 141 9.87 43.29 -10.02
CA SER A 141 9.87 44.57 -10.72
C SER A 141 9.97 44.28 -12.20
N PHE A 142 9.80 45.34 -13.01
CA PHE A 142 9.80 45.16 -14.45
C PHE A 142 11.13 44.61 -14.95
N GLY A 143 12.22 44.91 -14.25
CA GLY A 143 13.54 44.47 -14.68
C GLY A 143 14.01 43.23 -13.95
N GLY A 144 14.94 43.42 -13.02
CA GLY A 144 15.51 42.31 -12.27
C GLY A 144 14.87 42.11 -10.91
N ASN A 145 15.56 42.51 -9.85
CA ASN A 145 15.06 42.37 -8.48
C ASN A 145 14.76 40.90 -8.15
N PHE A 146 15.53 39.98 -8.71
CA PHE A 146 15.29 38.56 -8.49
C PHE A 146 15.64 38.17 -7.06
N GLU A 147 15.12 37.01 -6.66
CA GLU A 147 15.42 36.48 -5.33
C GLU A 147 15.96 35.07 -5.54
N GLY A 148 17.19 34.83 -5.11
CA GLY A 148 17.83 33.55 -5.35
C GLY A 148 17.08 32.38 -4.73
N SER A 149 16.38 32.63 -3.62
CA SER A 149 15.66 31.55 -2.96
C SER A 149 14.57 30.96 -3.85
N GLN A 150 14.02 31.77 -4.75
CA GLN A 150 12.91 31.36 -5.61
C GLN A 150 13.36 30.93 -7.00
N SER A 151 14.66 30.74 -7.21
CA SER A 151 15.15 30.37 -8.53
C SER A 151 14.75 28.92 -8.85
N LEU A 152 14.86 28.59 -10.14
CA LEU A 152 14.52 27.27 -10.64
C LEU A 152 15.77 26.56 -11.13
N VAL A 153 15.88 25.27 -10.79
CA VAL A 153 16.99 24.43 -11.22
C VAL A 153 16.39 23.19 -11.87
N GLY A 154 16.50 23.10 -13.19
CA GLY A 154 15.94 21.99 -13.93
C GLY A 154 15.86 22.25 -15.42
N ASP A 155 14.84 21.72 -16.08
CA ASP A 155 14.64 21.90 -17.50
C ASP A 155 13.21 22.37 -17.76
N ILE A 156 13.04 23.18 -18.79
CA ILE A 156 11.73 23.67 -19.16
C ILE A 156 11.74 23.90 -20.66
N GLY A 157 10.59 23.71 -21.31
CA GLY A 157 10.49 23.91 -22.74
C GLY A 157 9.07 23.76 -23.21
N ASN A 158 8.88 23.98 -24.52
CA ASN A 158 7.58 23.87 -25.17
C ASN A 158 6.60 24.90 -24.60
N VAL A 159 7.04 26.14 -24.57
CA VAL A 159 6.24 27.24 -24.04
C VAL A 159 5.41 27.83 -25.17
N ASN A 160 4.09 27.73 -25.04
CA ASN A 160 3.18 28.28 -26.04
C ASN A 160 2.15 29.12 -25.33
N MET A 161 1.58 30.09 -26.03
CA MET A 161 0.59 30.98 -25.43
C MET A 161 -0.34 31.51 -26.51
N TRP A 162 -1.64 31.40 -26.28
CA TRP A 162 -2.67 31.96 -27.14
C TRP A 162 -3.42 33.07 -26.40
N ASP A 163 -3.93 34.04 -27.17
CA ASP A 163 -4.69 35.12 -26.56
C ASP A 163 -6.10 34.70 -26.18
N PHE A 164 -6.73 33.84 -26.99
CA PHE A 164 -8.09 33.40 -26.70
C PHE A 164 -8.04 32.13 -25.83
N VAL A 165 -9.18 31.49 -25.64
CA VAL A 165 -9.31 30.33 -24.76
C VAL A 165 -9.51 29.09 -25.62
N LEU A 166 -8.73 28.05 -25.35
CA LEU A 166 -8.84 26.80 -26.08
C LEU A 166 -9.99 25.96 -25.54
N SER A 167 -10.36 24.95 -26.32
CA SER A 167 -11.39 23.99 -25.95
C SER A 167 -10.75 22.69 -25.50
N PRO A 168 -11.48 21.84 -24.78
CA PRO A 168 -10.87 20.60 -24.27
C PRO A 168 -10.25 19.74 -25.35
N ASP A 169 -10.89 19.66 -26.51
CA ASP A 169 -10.33 18.90 -27.61
C ASP A 169 -8.98 19.47 -28.00
N GLU A 170 -8.90 20.79 -28.14
CA GLU A 170 -7.66 21.44 -28.51
C GLU A 170 -6.56 21.14 -27.49
N ILE A 171 -6.90 21.18 -26.20
CA ILE A 171 -5.91 20.88 -25.17
C ILE A 171 -5.45 19.43 -25.28
N ASN A 172 -6.38 18.51 -25.55
CA ASN A 172 -6.00 17.12 -25.71
C ASN A 172 -5.05 16.94 -26.89
N THR A 173 -5.34 17.60 -28.01
CA THR A 173 -4.45 17.52 -29.16
C THR A 173 -3.08 18.09 -28.82
N ILE A 174 -3.06 19.19 -28.07
CA ILE A 174 -1.79 19.76 -27.65
C ILE A 174 -1.01 18.73 -26.85
N TYR A 175 -1.69 18.07 -25.91
CA TYR A 175 -1.03 17.08 -25.07
C TYR A 175 -0.47 15.95 -25.92
N LEU A 176 -1.24 15.47 -26.89
CA LEU A 176 -0.79 14.37 -27.73
C LEU A 176 0.32 14.77 -28.68
N GLY A 177 0.58 16.06 -28.87
CA GLY A 177 1.67 16.50 -29.72
C GLY A 177 1.28 16.62 -31.18
N GLY A 178 0.16 17.28 -31.46
CA GLY A 178 -0.28 17.49 -32.81
C GLY A 178 0.10 18.87 -33.32
N PRO A 179 -0.35 19.22 -34.51
CA PRO A 179 -0.08 20.55 -35.05
C PRO A 179 -0.93 21.62 -34.38
N PHE A 180 -0.48 22.86 -34.51
CA PHE A 180 -1.17 24.01 -33.93
C PHE A 180 -0.52 25.27 -34.49
N SER A 181 -1.03 26.42 -34.07
CA SER A 181 -0.54 27.71 -34.57
C SER A 181 -0.78 28.77 -33.50
N PRO A 182 0.17 28.97 -32.60
CA PRO A 182 0.04 30.06 -31.62
C PRO A 182 0.02 31.41 -32.29
N ASN A 183 -0.31 32.43 -31.51
CA ASN A 183 -0.36 33.80 -32.01
C ASN A 183 0.28 34.82 -31.09
N VAL A 184 0.83 34.40 -29.94
CA VAL A 184 1.49 35.33 -29.02
C VAL A 184 2.93 34.90 -28.83
N LEU A 185 3.10 33.67 -28.31
CA LEU A 185 4.43 33.11 -28.13
C LEU A 185 4.45 31.74 -28.79
N ASN A 186 5.18 31.61 -29.89
CA ASN A 186 5.27 30.37 -30.65
C ASN A 186 6.64 29.73 -30.41
N TRP A 187 6.63 28.52 -29.87
CA TRP A 187 7.89 27.81 -29.63
C TRP A 187 8.62 27.49 -30.92
N ARG A 188 7.92 27.48 -32.05
CA ARG A 188 8.54 27.18 -33.34
C ARG A 188 9.15 28.39 -34.01
N ALA A 189 8.78 29.60 -33.58
CA ALA A 189 9.33 30.84 -34.13
C ALA A 189 9.68 31.79 -33.00
N LEU A 190 10.35 31.26 -31.97
CA LEU A 190 10.64 32.04 -30.77
C LEU A 190 11.70 33.09 -31.06
N LYS A 191 11.73 34.12 -30.21
CA LYS A 191 12.73 35.18 -30.28
C LYS A 191 13.07 35.56 -28.84
N TYR A 192 14.32 35.32 -28.43
CA TYR A 192 14.66 35.37 -27.03
C TYR A 192 16.06 35.93 -26.84
N GLU A 193 16.30 36.43 -25.62
CA GLU A 193 17.63 36.77 -25.14
C GLU A 193 17.93 35.93 -23.92
N VAL A 194 19.22 35.80 -23.59
CA VAL A 194 19.65 34.96 -22.49
C VAL A 194 20.84 35.62 -21.79
N GLN A 195 20.92 35.44 -20.47
CA GLN A 195 22.06 35.94 -19.70
C GLN A 195 22.35 34.97 -18.58
N GLY A 196 23.64 34.76 -18.31
CA GLY A 196 24.07 33.88 -17.25
C GLY A 196 24.37 32.48 -17.74
N GLU A 197 24.25 31.53 -16.79
CA GLU A 197 24.50 30.13 -17.08
C GLU A 197 23.24 29.45 -17.53
N VAL A 198 23.01 29.46 -18.82
CA VAL A 198 21.85 28.78 -19.42
C VAL A 198 22.33 28.07 -20.68
N PHE A 199 21.89 26.84 -20.87
CA PHE A 199 22.34 26.04 -22.00
C PHE A 199 21.15 25.53 -22.78
N THR A 200 21.37 25.18 -24.05
CA THR A 200 20.30 24.60 -24.86
C THR A 200 20.72 23.21 -25.23
N LYS A 201 19.88 22.24 -24.92
CA LYS A 201 20.17 20.83 -25.14
C LYS A 201 18.88 20.12 -25.51
N PRO A 202 18.99 18.96 -26.17
CA PRO A 202 17.77 18.22 -26.54
C PRO A 202 16.93 17.87 -25.33
N GLN A 203 15.61 17.90 -25.53
CA GLN A 203 14.69 17.62 -24.44
C GLN A 203 14.74 16.15 -24.05
N LEU A 204 14.78 15.90 -22.74
CA LEU A 204 14.80 14.52 -22.25
C LEU A 204 13.44 13.85 -22.41
N TRP A 205 12.36 14.56 -22.05
CA TRP A 205 11.04 13.96 -22.11
C TRP A 205 10.66 13.65 -23.56
N PRO A 206 9.83 12.63 -23.78
CA PRO A 206 9.46 12.23 -25.15
C PRO A 206 8.75 13.35 -25.91
N HIS B 3 2.37 54.54 8.40
CA HIS B 3 2.92 53.29 7.89
C HIS B 3 1.93 52.15 8.08
N VAL B 4 2.43 50.92 8.18
CA VAL B 4 1.57 49.79 8.41
C VAL B 4 1.42 49.43 9.87
N GLN B 5 0.19 49.26 10.30
CA GLN B 5 -0.10 48.84 11.66
C GLN B 5 -1.16 47.75 11.63
N LEU B 6 -0.94 46.70 12.43
CA LEU B 6 -1.88 45.58 12.52
C LEU B 6 -2.40 45.53 13.95
N VAL B 7 -3.72 45.50 14.11
CA VAL B 7 -4.36 45.49 15.42
C VAL B 7 -5.14 44.19 15.57
N GLU B 8 -4.85 43.45 16.64
CA GLU B 8 -5.57 42.22 16.94
C GLU B 8 -6.55 42.47 18.09
N SER B 9 -7.69 41.80 18.02
CA SER B 9 -8.72 41.97 19.05
C SER B 9 -9.54 40.68 19.12
N GLY B 10 -10.35 40.58 20.17
CA GLY B 10 -11.18 39.42 20.37
C GLY B 10 -10.44 38.19 20.85
N GLY B 11 -9.88 38.27 22.05
CA GLY B 11 -9.16 37.14 22.62
C GLY B 11 -9.26 37.14 24.12
N GLY B 12 -8.99 35.97 24.70
CA GLY B 12 -9.06 35.80 26.14
C GLY B 12 -9.04 34.36 26.58
N LEU B 13 -9.82 34.07 27.60
CA LEU B 13 -9.91 32.71 28.10
C LEU B 13 -11.36 32.31 28.26
N VAL B 14 -11.63 31.03 28.13
CA VAL B 14 -12.98 30.49 28.28
C VAL B 14 -12.90 29.06 28.80
N LEU B 15 -13.99 28.61 29.39
CA LEU B 15 -14.05 27.24 29.87
C LEU B 15 -14.07 26.28 28.69
N PRO B 16 -13.80 25.01 28.94
CA PRO B 16 -13.75 24.05 27.83
C PRO B 16 -15.09 23.89 27.15
N GLY B 17 -15.06 23.77 25.83
CA GLY B 17 -16.26 23.63 25.03
C GLY B 17 -16.91 24.93 24.62
N GLY B 18 -16.38 26.07 25.03
CA GLY B 18 -16.95 27.36 24.71
C GLY B 18 -16.66 27.77 23.28
N SER B 19 -16.70 29.08 23.05
CA SER B 19 -16.44 29.63 21.73
C SER B 19 -16.00 31.08 21.87
N LEU B 20 -15.40 31.59 20.79
CA LEU B 20 -14.87 32.95 20.75
C LEU B 20 -14.69 33.32 19.29
N ARG B 21 -14.21 34.54 19.05
CA ARG B 21 -13.94 34.99 17.69
C ARG B 21 -12.88 36.08 17.73
N LEU B 22 -11.89 35.93 16.85
CA LEU B 22 -10.80 36.88 16.81
C LEU B 22 -10.88 37.73 15.56
N SER B 23 -10.37 38.94 15.64
CA SER B 23 -10.38 39.86 14.52
C SER B 23 -9.00 40.46 14.36
N CYS B 24 -8.51 40.46 13.12
CA CYS B 24 -7.19 40.99 12.79
C CYS B 24 -7.37 42.16 11.82
N GLU B 25 -7.59 43.35 12.39
CA GLU B 25 -7.74 44.54 11.56
C GLU B 25 -6.37 45.02 11.09
N ALA B 26 -6.33 45.60 9.90
CA ALA B 26 -5.10 46.08 9.30
C ALA B 26 -5.28 47.51 8.82
N SER B 27 -4.16 48.21 8.70
CA SER B 27 -4.16 49.58 8.20
C SER B 27 -2.94 49.78 7.31
N GLY B 28 -3.09 50.60 6.28
CA GLY B 28 -2.00 50.80 5.32
C GLY B 28 -1.99 49.72 4.26
N ILE B 29 -1.93 48.46 4.68
CA ILE B 29 -1.98 47.35 3.75
C ILE B 29 -3.43 47.01 3.44
N SER B 30 -3.65 46.33 2.30
CA SER B 30 -4.98 45.98 1.84
C SER B 30 -5.06 44.47 1.64
N PHE B 31 -6.13 43.86 2.17
CA PHE B 31 -6.34 42.44 2.00
C PHE B 31 -6.79 42.08 0.59
N SER B 32 -7.13 43.07 -0.24
CA SER B 32 -7.58 42.77 -1.59
C SER B 32 -6.49 42.06 -2.38
N SER B 33 -5.25 42.50 -2.25
CA SER B 33 -4.11 41.92 -2.97
C SER B 33 -3.12 41.32 -2.00
N ASN B 34 -3.61 40.63 -0.97
CA ASN B 34 -2.76 39.98 0.01
C ASN B 34 -3.50 38.79 0.59
N ALA B 35 -2.82 38.04 1.45
CA ALA B 35 -3.36 36.86 2.10
C ALA B 35 -3.03 36.92 3.59
N VAL B 36 -3.98 36.49 4.41
CA VAL B 36 -3.80 36.57 5.87
C VAL B 36 -3.84 35.17 6.46
N GLY B 37 -3.38 35.04 7.70
CA GLY B 37 -3.39 33.75 8.37
C GLY B 37 -3.05 33.80 9.84
N TRP B 38 -3.54 32.82 10.59
CA TRP B 38 -3.29 32.73 12.02
C TRP B 38 -2.38 31.55 12.32
N TYR B 39 -1.34 31.80 13.11
CA TYR B 39 -0.38 30.79 13.50
C TYR B 39 -0.37 30.64 15.01
N ARG B 40 -0.09 29.41 15.46
CA ARG B 40 -0.07 29.05 16.86
C ARG B 40 1.37 29.11 17.37
N GLN B 41 1.54 28.84 18.67
CA GLN B 41 2.85 28.78 19.30
C GLN B 41 3.27 27.33 19.45
N ALA B 42 4.59 27.11 19.48
CA ALA B 42 5.14 25.77 19.56
C ALA B 42 6.53 25.81 20.17
N PRO B 43 7.13 24.65 20.47
CA PRO B 43 8.49 24.65 21.04
C PRO B 43 9.48 25.33 20.13
N GLY B 44 10.43 26.05 20.72
CA GLY B 44 11.36 26.84 19.92
C GLY B 44 10.69 28.08 19.36
N ASN B 45 11.05 28.41 18.12
CA ASN B 45 10.49 29.55 17.41
C ASN B 45 9.72 29.11 16.17
N GLN B 46 8.95 28.02 16.29
CA GLN B 46 8.23 27.44 15.16
C GLN B 46 6.74 27.68 15.34
N ARG B 47 6.23 28.65 14.59
CA ARG B 47 4.80 28.86 14.60
C ARG B 47 4.23 27.75 13.75
N THR B 48 2.98 27.40 13.97
CA THR B 48 2.34 26.30 13.26
C THR B 48 1.13 26.79 12.49
N LEU B 49 0.90 26.17 11.34
CA LEU B 49 -0.25 26.54 10.52
C LEU B 49 -1.57 26.25 11.20
N VAL B 50 -2.45 27.22 11.20
CA VAL B 50 -3.77 27.09 11.81
C VAL B 50 -4.87 27.28 10.77
N ALA B 51 -4.91 28.46 10.13
CA ALA B 51 -5.87 28.74 9.08
C ALA B 51 -5.42 29.98 8.34
N VAL B 52 -5.39 29.88 7.00
CA VAL B 52 -4.93 30.98 6.15
C VAL B 52 -5.91 31.14 5.00
N ILE B 53 -6.20 32.40 4.68
CA ILE B 53 -7.07 32.74 3.55
C ILE B 53 -6.29 33.62 2.58
N SER B 54 -6.26 33.20 1.33
CA SER B 54 -5.56 33.94 0.28
C SER B 54 -6.43 35.07 -0.26
N SER B 55 -5.81 35.92 -1.06
CA SER B 55 -6.53 37.05 -1.65
C SER B 55 -7.67 36.57 -2.53
N GLY B 56 -7.43 35.55 -3.35
CA GLY B 56 -8.47 35.09 -4.25
C GLY B 56 -9.71 34.59 -3.54
N GLY B 57 -9.52 33.83 -2.47
CA GLY B 57 -10.65 33.31 -1.71
C GLY B 57 -10.44 31.91 -1.20
N SER B 58 -9.52 31.18 -1.82
CA SER B 58 -9.20 29.84 -1.36
C SER B 58 -8.58 29.88 0.04
N THR B 59 -8.89 28.85 0.81
CA THR B 59 -8.38 28.80 2.16
C THR B 59 -7.73 27.47 2.47
N VAL B 60 -6.80 27.47 3.41
CA VAL B 60 -6.08 26.29 3.82
C VAL B 60 -6.12 26.21 5.35
N TYR B 61 -6.60 25.08 5.87
CA TYR B 61 -6.70 24.87 7.31
C TYR B 61 -5.63 23.88 7.77
N GLY B 62 -5.31 23.95 9.06
CA GLY B 62 -4.34 23.03 9.62
C GLY B 62 -4.81 21.60 9.57
N ASP B 63 -3.84 20.68 9.55
CA ASP B 63 -4.17 19.27 9.44
C ASP B 63 -4.98 18.78 10.64
N SER B 64 -4.59 19.20 11.84
CA SER B 64 -5.29 18.75 13.04
C SER B 64 -6.67 19.39 13.15
N VAL B 65 -6.84 20.57 12.60
CA VAL B 65 -8.08 21.34 12.77
C VAL B 65 -8.96 21.21 11.53
N ARG B 66 -8.76 20.16 10.75
CA ARG B 66 -9.55 19.98 9.54
C ARG B 66 -11.03 19.98 9.86
N GLY B 67 -11.75 20.96 9.31
CA GLY B 67 -13.19 21.03 9.51
C GLY B 67 -13.60 21.26 10.94
N ARG B 68 -12.95 22.19 11.63
CA ARG B 68 -13.27 22.48 13.01
C ARG B 68 -13.58 23.96 13.18
N PHE B 69 -12.71 24.81 12.65
CA PHE B 69 -12.87 26.27 12.78
C PHE B 69 -13.51 26.91 11.55
N THR B 70 -13.35 28.18 11.31
CA THR B 70 -13.88 28.87 10.14
C THR B 70 -13.29 30.26 10.04
N ILE B 71 -12.51 30.49 9.01
CA ILE B 71 -11.89 31.80 8.80
C ILE B 71 -12.62 32.51 7.67
N SER B 72 -12.62 33.84 7.72
CA SER B 72 -13.27 34.63 6.68
C SER B 72 -12.70 36.03 6.71
N LYS B 73 -12.97 36.78 5.64
CA LYS B 73 -12.42 38.13 5.49
C LYS B 73 -13.50 39.05 4.96
N ASP B 74 -13.22 40.36 5.05
CA ASP B 74 -14.14 41.36 4.56
C ASP B 74 -13.31 42.52 4.05
N ASN B 75 -13.28 42.73 2.74
CA ASN B 75 -12.48 43.81 2.20
C ASN B 75 -13.04 45.22 2.54
N PRO B 76 -14.37 45.43 2.44
CA PRO B 76 -14.89 46.77 2.72
C PRO B 76 -14.23 47.46 3.91
N LYS B 77 -14.22 46.82 5.07
CA LYS B 77 -13.51 47.39 6.22
C LYS B 77 -12.14 46.77 6.38
N ASN B 78 -11.78 45.83 5.52
CA ASN B 78 -10.44 45.25 5.53
C ASN B 78 -10.15 44.56 6.87
N THR B 79 -10.99 43.59 7.22
CA THR B 79 -10.83 42.92 8.49
C THR B 79 -11.06 41.42 8.31
N ALA B 80 -10.27 40.62 9.01
CA ALA B 80 -10.36 39.16 8.94
C ALA B 80 -10.82 38.61 10.28
N TYR B 81 -11.80 37.71 10.20
CA TYR B 81 -12.37 37.13 11.40
C TYR B 81 -12.26 35.62 11.44
N LEU B 82 -11.70 35.09 12.51
CA LEU B 82 -11.58 33.66 12.71
C LEU B 82 -12.48 33.25 13.86
N LEU B 83 -13.36 32.29 13.63
CA LEU B 83 -14.34 31.85 14.62
C LEU B 83 -13.83 30.59 15.31
N MET B 84 -13.62 30.68 16.62
CA MET B 84 -13.14 29.57 17.43
C MET B 84 -14.34 28.90 18.08
N ASN B 85 -14.51 27.61 17.81
CA ASN B 85 -15.58 26.83 18.42
C ASN B 85 -15.10 25.41 18.64
N ASN B 86 -15.56 24.80 19.73
CA ASN B 86 -15.15 23.45 20.10
C ASN B 86 -13.63 23.40 20.32
N LEU B 87 -13.20 24.16 21.32
CA LEU B 87 -11.78 24.25 21.61
C LEU B 87 -11.41 23.41 22.81
N LYS B 88 -10.59 22.39 22.59
CA LYS B 88 -10.15 21.52 23.66
C LYS B 88 -9.09 22.21 24.51
N PRO B 89 -8.82 21.69 25.71
CA PRO B 89 -7.84 22.35 26.58
C PRO B 89 -6.47 22.52 25.94
N GLU B 90 -6.04 21.54 25.14
CA GLU B 90 -4.73 21.62 24.51
C GLU B 90 -4.61 22.79 23.55
N ASP B 91 -5.73 23.34 23.08
CA ASP B 91 -5.69 24.43 22.11
C ASP B 91 -5.18 25.74 22.71
N THR B 92 -5.06 25.82 24.03
CA THR B 92 -4.61 27.06 24.64
C THR B 92 -3.17 27.36 24.25
N GLY B 93 -2.84 28.65 24.21
CA GLY B 93 -1.48 29.06 23.89
C GLY B 93 -1.46 30.49 23.36
N VAL B 94 -0.45 30.75 22.53
CA VAL B 94 -0.23 32.08 21.96
C VAL B 94 -0.53 32.03 20.48
N TYR B 95 -1.35 32.96 20.01
CA TYR B 95 -1.78 33.02 18.63
C TYR B 95 -1.38 34.34 18.01
N TYR B 96 -1.04 34.30 16.73
CA TYR B 96 -0.68 35.51 15.99
C TYR B 96 -1.41 35.52 14.66
N CYS B 97 -1.66 36.71 14.14
CA CYS B 97 -2.26 36.90 12.83
C CYS B 97 -1.32 37.73 11.97
N ASN B 98 -0.94 37.21 10.81
CA ASN B 98 -0.01 37.87 9.92
C ASN B 98 -0.58 37.96 8.51
N VAL B 99 0.03 38.84 7.71
CA VAL B 99 -0.39 39.08 6.34
C VAL B 99 0.85 39.08 5.45
N ASP B 100 0.70 38.54 4.24
CA ASP B 100 1.80 38.50 3.28
C ASP B 100 1.23 38.55 1.88
N ARG B 101 2.10 38.87 0.92
CA ARG B 101 1.68 39.00 -0.47
C ARG B 101 1.18 37.68 -1.07
N ARG B 102 1.48 36.54 -0.44
CA ARG B 102 1.06 35.26 -0.97
C ARG B 102 1.21 34.21 0.11
N VAL B 103 0.20 33.35 0.24
CA VAL B 103 0.26 32.27 1.22
C VAL B 103 1.53 31.48 1.01
N HIS B 104 2.34 31.34 2.05
CA HIS B 104 3.64 30.67 1.90
C HIS B 104 3.92 29.63 2.98
N ALA B 105 2.88 28.99 3.51
CA ALA B 105 3.07 27.95 4.50
C ALA B 105 3.93 28.47 5.66
N LEU B 106 5.01 27.76 5.97
CA LEU B 106 5.97 28.20 6.98
C LEU B 106 6.28 29.67 6.74
N PRO B 107 6.06 30.54 7.74
CA PRO B 107 6.17 31.98 7.52
C PRO B 107 7.53 32.42 6.97
N ARG B 108 7.62 33.66 6.54
CA ARG B 108 8.84 34.20 5.96
C ARG B 108 9.16 35.53 6.63
N SER B 109 10.44 35.91 6.57
CA SER B 109 10.96 37.05 7.32
C SER B 109 10.21 38.34 7.03
N GLN B 110 10.01 38.67 5.75
CA GLN B 110 9.38 39.93 5.40
C GLN B 110 7.95 40.02 5.95
N SER B 111 7.21 38.91 5.90
CA SER B 111 5.82 38.90 6.36
C SER B 111 5.68 39.52 7.75
N TYR B 112 4.83 40.55 7.86
CA TYR B 112 4.59 41.18 9.14
C TYR B 112 3.92 40.19 10.08
N TRP B 113 4.25 40.27 11.37
CA TRP B 113 3.75 39.31 12.34
C TRP B 113 2.56 39.81 13.14
N GLY B 114 2.64 41.01 13.71
CA GLY B 114 1.48 41.59 14.36
C GLY B 114 1.25 41.22 15.82
N ARG B 115 2.21 41.57 16.67
CA ARG B 115 2.06 41.34 18.11
C ARG B 115 1.69 39.91 18.44
N GLY B 116 0.53 39.72 19.05
CA GLY B 116 0.11 38.40 19.47
C GLY B 116 -1.07 38.46 20.41
N THR B 117 -1.49 37.29 20.86
CA THR B 117 -2.63 37.16 21.75
C THR B 117 -2.54 35.86 22.53
N GLN B 118 -3.22 35.85 23.67
CA GLN B 118 -3.22 34.66 24.50
C GLN B 118 -4.61 34.07 24.61
N VAL B 119 -4.68 32.76 24.62
CA VAL B 119 -5.94 32.03 24.72
C VAL B 119 -5.78 30.92 25.74
N THR B 120 -6.76 30.84 26.65
CA THR B 120 -6.72 29.82 27.68
C THR B 120 -7.95 28.93 27.63
N VAL B 121 -7.76 27.63 27.83
CA VAL B 121 -8.85 26.66 27.78
C VAL B 121 -9.06 26.09 29.18
N SER B 122 -8.77 26.89 30.20
CA SER B 122 -8.89 26.42 31.58
C SER B 122 -10.32 25.95 31.87
N SER B 123 -10.42 24.83 32.58
CA SER B 123 -11.72 24.27 32.95
C SER B 123 -12.21 24.85 34.26
N GLN C 1 -36.95 24.84 -27.15
CA GLN C 1 -36.01 23.78 -26.69
C GLN C 1 -34.60 24.08 -27.20
N THR C 2 -33.62 23.38 -26.63
CA THR C 2 -32.23 23.54 -27.04
C THR C 2 -31.50 22.23 -26.80
N ASP C 3 -30.40 22.04 -27.52
CA ASP C 3 -29.58 20.83 -27.43
C ASP C 3 -28.34 21.16 -26.61
N MET C 4 -28.26 20.59 -25.40
CA MET C 4 -27.12 20.78 -24.52
C MET C 4 -26.00 19.78 -24.77
N SER C 5 -25.98 19.15 -25.94
CA SER C 5 -24.94 18.15 -26.22
C SER C 5 -23.56 18.78 -26.09
N ARG C 6 -22.67 18.08 -25.39
CA ARG C 6 -21.30 18.55 -25.17
C ARG C 6 -21.28 19.91 -24.47
N LYS C 7 -22.27 20.14 -23.60
CA LYS C 7 -22.34 21.37 -22.82
C LYS C 7 -22.63 21.01 -21.38
N ALA C 8 -22.23 21.90 -20.46
CA ALA C 8 -22.38 21.64 -19.05
C ALA C 8 -22.54 22.96 -18.30
N PHE C 9 -23.37 22.93 -17.26
CA PHE C 9 -23.52 24.07 -16.37
C PHE C 9 -22.36 24.13 -15.38
N VAL C 10 -21.98 25.36 -15.04
CA VAL C 10 -20.86 25.62 -14.14
C VAL C 10 -21.32 26.61 -13.09
N PHE C 11 -21.08 26.28 -11.82
CA PHE C 11 -21.35 27.16 -10.69
C PHE C 11 -20.01 27.64 -10.14
N PRO C 12 -19.64 28.91 -10.35
CA PRO C 12 -18.28 29.33 -9.97
C PRO C 12 -18.04 29.36 -8.48
N LYS C 13 -18.93 30.02 -7.73
CA LYS C 13 -18.73 30.27 -6.31
C LYS C 13 -19.94 29.79 -5.52
N GLU C 14 -19.70 29.39 -4.27
CA GLU C 14 -20.79 28.98 -3.43
C GLU C 14 -21.63 30.17 -3.04
N SER C 15 -22.93 29.99 -3.00
CA SER C 15 -23.87 31.06 -2.67
C SER C 15 -25.23 30.42 -2.38
N ASP C 16 -26.27 31.24 -2.26
CA ASP C 16 -27.61 30.71 -2.00
C ASP C 16 -28.66 31.33 -2.94
N THR C 17 -28.21 31.86 -4.08
CA THR C 17 -29.11 32.46 -5.04
C THR C 17 -28.93 31.98 -6.46
N SER C 18 -27.90 31.19 -6.75
CA SER C 18 -27.65 30.69 -8.10
C SER C 18 -28.24 29.29 -8.24
N TYR C 19 -29.04 29.08 -9.28
CA TYR C 19 -29.70 27.80 -9.50
C TYR C 19 -30.41 27.83 -10.84
N VAL C 20 -30.65 26.64 -11.38
CA VAL C 20 -31.41 26.49 -12.60
C VAL C 20 -32.68 25.68 -12.29
N SER C 21 -33.67 25.82 -13.15
CA SER C 21 -34.95 25.13 -13.00
C SER C 21 -35.27 24.44 -14.31
N LEU C 22 -35.58 23.14 -14.23
CA LEU C 22 -35.90 22.34 -15.41
C LEU C 22 -37.39 22.04 -15.43
N LYS C 23 -38.03 22.30 -16.56
CA LYS C 23 -39.44 22.05 -16.74
C LYS C 23 -39.66 20.73 -17.49
N ALA C 24 -40.81 20.11 -17.25
CA ALA C 24 -41.15 18.84 -17.85
C ALA C 24 -42.59 18.87 -18.35
N PRO C 25 -42.92 18.09 -19.36
CA PRO C 25 -44.31 17.96 -19.80
C PRO C 25 -45.14 16.93 -19.06
N LEU C 26 -44.66 16.45 -17.91
CA LEU C 26 -45.34 15.39 -17.18
C LEU C 26 -46.75 15.84 -16.80
N THR C 27 -47.71 14.92 -16.93
CA THR C 27 -49.10 15.23 -16.65
C THR C 27 -49.77 14.19 -15.76
N LYS C 28 -49.26 12.94 -15.78
CA LYS C 28 -49.89 11.85 -15.05
C LYS C 28 -48.98 11.37 -13.92
N PRO C 29 -49.54 10.80 -12.85
CA PRO C 29 -48.72 10.38 -11.72
C PRO C 29 -47.72 9.30 -12.11
N LEU C 30 -46.59 9.29 -11.40
CA LEU C 30 -45.53 8.34 -11.66
C LEU C 30 -45.64 7.13 -10.74
N LYS C 31 -45.48 5.94 -11.31
CA LYS C 31 -45.42 4.70 -10.55
C LYS C 31 -44.04 4.05 -10.61
N ALA C 32 -43.05 4.74 -11.18
CA ALA C 32 -41.68 4.28 -11.26
C ALA C 32 -40.86 5.38 -11.91
N PHE C 33 -39.54 5.28 -11.81
CA PHE C 33 -38.71 6.28 -12.44
C PHE C 33 -37.26 5.81 -12.47
N THR C 34 -36.46 6.48 -13.30
CA THR C 34 -35.03 6.24 -13.40
C THR C 34 -34.37 7.53 -13.84
N VAL C 35 -33.24 7.87 -13.22
CA VAL C 35 -32.50 9.08 -13.57
C VAL C 35 -31.03 8.74 -13.72
N CYS C 36 -30.35 9.53 -14.53
CA CYS C 36 -28.92 9.34 -14.82
C CYS C 36 -28.27 10.69 -15.02
N LEU C 37 -27.07 10.87 -14.47
CA LEU C 37 -26.39 12.14 -14.66
C LEU C 37 -24.90 12.02 -14.35
N HIS C 38 -24.15 12.98 -14.87
CA HIS C 38 -22.73 13.02 -14.62
C HIS C 38 -22.43 14.29 -13.87
N PHE C 39 -21.42 14.27 -13.04
CA PHE C 39 -21.07 15.46 -12.25
C PHE C 39 -19.64 15.33 -11.74
N TYR C 40 -19.08 16.47 -11.33
CA TYR C 40 -17.69 16.56 -10.93
C TYR C 40 -17.48 17.78 -10.05
N THR C 41 -17.05 17.56 -8.81
CA THR C 41 -16.81 18.64 -7.87
C THR C 41 -15.73 18.23 -6.89
N GLU C 42 -15.10 19.23 -6.27
CA GLU C 42 -14.02 19.02 -5.33
C GLU C 42 -14.44 19.12 -3.87
N LEU C 43 -15.74 19.25 -3.59
CA LEU C 43 -16.19 19.33 -2.20
C LEU C 43 -15.70 18.11 -1.42
N SER C 44 -15.96 16.93 -1.97
CA SER C 44 -15.48 15.70 -1.35
C SER C 44 -15.74 15.65 0.15
N SER C 45 -14.76 15.19 0.93
CA SER C 45 -14.95 15.08 2.37
C SER C 45 -14.72 16.43 3.05
N THR C 46 -15.51 17.44 2.69
CA THR C 46 -15.46 18.72 3.36
C THR C 46 -16.83 19.06 3.94
N ARG C 47 -17.88 18.90 3.14
CA ARG C 47 -19.25 19.12 3.58
C ARG C 47 -20.18 18.38 2.62
N GLY C 48 -21.44 18.27 3.02
CA GLY C 48 -22.44 17.62 2.18
C GLY C 48 -23.03 18.60 1.17
N TYR C 49 -23.27 18.10 -0.04
CA TYR C 49 -23.81 18.91 -1.12
C TYR C 49 -24.94 18.16 -1.80
N SER C 50 -25.89 18.92 -2.34
CA SER C 50 -27.04 18.35 -3.02
C SER C 50 -26.70 18.07 -4.48
N ILE C 51 -27.18 16.93 -4.97
CA ILE C 51 -26.93 16.48 -6.35
C ILE C 51 -28.17 16.68 -7.21
N PHE C 52 -29.30 16.13 -6.79
CA PHE C 52 -30.54 16.22 -7.57
C PHE C 52 -31.70 16.34 -6.60
N SER C 53 -32.62 17.26 -6.90
CA SER C 53 -33.77 17.55 -6.07
C SER C 53 -35.04 17.53 -6.91
N TYR C 54 -36.13 17.09 -6.30
CA TYR C 54 -37.43 16.99 -6.96
C TYR C 54 -38.50 17.14 -5.89
N ALA C 55 -39.14 18.31 -5.84
CA ALA C 55 -40.12 18.64 -4.82
C ALA C 55 -41.51 18.73 -5.43
N THR C 56 -42.49 18.84 -4.55
CA THR C 56 -43.90 18.96 -4.94
C THR C 56 -44.57 19.98 -4.04
N LYS C 57 -45.90 20.02 -4.10
CA LYS C 57 -46.67 20.99 -3.33
C LYS C 57 -46.93 20.55 -1.90
N ARG C 58 -46.64 19.30 -1.55
CA ARG C 58 -46.90 18.78 -0.21
C ARG C 58 -45.70 18.03 0.35
N GLN C 59 -44.53 18.17 -0.29
CA GLN C 59 -43.33 17.47 0.16
C GLN C 59 -42.09 18.09 -0.44
N ASP C 60 -41.09 18.43 0.38
CA ASP C 60 -39.89 19.07 -0.14
C ASP C 60 -38.87 18.07 -0.66
N ASN C 61 -39.01 16.79 -0.29
CA ASN C 61 -38.04 15.77 -0.66
C ASN C 61 -38.74 14.61 -1.35
N GLU C 62 -39.55 14.92 -2.36
CA GLU C 62 -40.19 13.86 -3.14
C GLU C 62 -39.13 12.91 -3.70
N ILE C 63 -38.10 13.46 -4.32
CA ILE C 63 -36.91 12.70 -4.71
C ILE C 63 -35.69 13.54 -4.40
N LEU C 64 -34.66 12.95 -3.81
CA LEU C 64 -33.46 13.71 -3.56
C LEU C 64 -32.26 12.80 -3.43
N ILE C 65 -31.13 13.26 -3.96
CA ILE C 65 -29.85 12.57 -3.88
C ILE C 65 -28.86 13.51 -3.20
N PHE C 66 -28.18 13.01 -2.17
CA PHE C 66 -27.26 13.82 -1.38
C PHE C 66 -25.98 13.03 -1.13
N TRP C 67 -24.95 13.75 -0.69
CA TRP C 67 -23.65 13.17 -0.36
C TRP C 67 -23.39 13.45 1.12
N SER C 68 -23.86 12.55 1.98
CA SER C 68 -23.70 12.74 3.42
C SER C 68 -22.24 12.58 3.82
N LYS C 69 -21.72 13.60 4.51
CA LYS C 69 -20.32 13.68 4.91
C LYS C 69 -19.86 12.42 5.62
N ASP C 70 -18.87 11.73 5.03
CA ASP C 70 -18.30 10.52 5.65
C ASP C 70 -19.26 9.34 5.70
N ILE C 71 -20.49 9.52 5.24
CA ILE C 71 -21.48 8.44 5.23
C ILE C 71 -21.60 7.83 3.84
N GLY C 72 -21.75 8.68 2.81
CA GLY C 72 -21.85 8.19 1.45
C GLY C 72 -23.08 8.76 0.77
N TYR C 73 -23.54 8.07 -0.26
CA TYR C 73 -24.67 8.56 -1.03
C TYR C 73 -25.96 8.33 -0.26
N SER C 74 -26.86 9.31 -0.30
CA SER C 74 -28.15 9.23 0.38
C SER C 74 -29.24 9.44 -0.64
N PHE C 75 -30.09 8.43 -0.81
CA PHE C 75 -31.19 8.47 -1.77
C PHE C 75 -32.50 8.44 -1.00
N THR C 76 -33.32 9.47 -1.19
CA THR C 76 -34.56 9.58 -0.43
C THR C 76 -35.74 9.83 -1.37
N VAL C 77 -36.83 9.14 -1.09
CA VAL C 77 -38.08 9.26 -1.82
C VAL C 77 -39.22 9.44 -0.83
N GLY C 78 -40.11 10.38 -1.11
CA GLY C 78 -41.29 10.62 -0.30
C GLY C 78 -41.02 10.58 1.20
N GLY C 79 -39.94 11.19 1.62
CA GLY C 79 -39.57 11.20 3.04
C GLY C 79 -38.64 10.09 3.47
N SER C 80 -38.97 8.85 3.10
CA SER C 80 -38.11 7.73 3.46
C SER C 80 -36.76 7.86 2.77
N GLU C 81 -35.76 7.24 3.36
CA GLU C 81 -34.47 7.31 2.75
C GLU C 81 -33.57 6.15 3.06
N ILE C 82 -32.61 5.95 2.20
CA ILE C 82 -31.60 4.91 2.37
C ILE C 82 -30.25 5.54 2.10
N LEU C 83 -29.19 4.89 2.57
CA LEU C 83 -27.85 5.42 2.37
C LEU C 83 -26.84 4.37 1.92
N PHE C 84 -26.43 4.46 0.67
CA PHE C 84 -25.41 3.57 0.14
C PHE C 84 -24.03 4.04 0.58
N GLU C 85 -23.27 3.13 1.18
CA GLU C 85 -22.01 3.46 1.82
C GLU C 85 -20.86 3.36 0.83
N VAL C 86 -19.97 4.34 0.89
CA VAL C 86 -18.76 4.34 0.06
C VAL C 86 -17.55 4.41 0.99
N PRO C 87 -16.60 3.48 0.89
CA PRO C 87 -15.51 3.47 1.88
C PRO C 87 -14.53 4.62 1.70
N GLU C 88 -14.15 4.93 0.47
CA GLU C 88 -13.15 5.96 0.21
C GLU C 88 -13.65 6.87 -0.91
N VAL C 89 -13.07 8.07 -0.96
CA VAL C 89 -13.48 9.10 -1.90
C VAL C 89 -12.30 9.44 -2.79
N THR C 90 -12.57 9.66 -4.07
CA THR C 90 -11.58 10.05 -5.06
C THR C 90 -11.93 11.44 -5.59
N VAL C 91 -11.15 11.90 -6.57
CA VAL C 91 -11.35 13.21 -7.19
C VAL C 91 -11.31 12.99 -8.71
N ALA C 92 -12.49 12.84 -9.30
CA ALA C 92 -12.61 12.66 -10.74
C ALA C 92 -14.08 12.68 -11.14
N PRO C 93 -14.41 13.02 -12.38
CA PRO C 93 -15.83 13.04 -12.78
C PRO C 93 -16.47 11.68 -12.59
N VAL C 94 -17.73 11.69 -12.14
CA VAL C 94 -18.44 10.47 -11.81
C VAL C 94 -19.81 10.49 -12.47
N HIS C 95 -20.25 9.31 -12.93
CA HIS C 95 -21.56 9.10 -13.53
C HIS C 95 -22.39 8.21 -12.62
N ILE C 96 -23.65 8.59 -12.40
CA ILE C 96 -24.54 7.85 -11.52
C ILE C 96 -25.87 7.60 -12.23
N CYS C 97 -26.53 6.53 -11.82
CA CYS C 97 -27.79 6.12 -12.42
C CYS C 97 -28.62 5.40 -11.38
N THR C 98 -29.73 6.00 -10.95
CA THR C 98 -30.60 5.37 -9.96
C THR C 98 -31.96 5.05 -10.55
N SER C 99 -32.62 4.02 -10.04
CA SER C 99 -33.93 3.61 -10.55
C SER C 99 -34.76 3.05 -9.40
N TRP C 100 -36.06 3.35 -9.44
CA TRP C 100 -36.99 2.91 -8.42
C TRP C 100 -38.30 2.49 -9.07
N GLU C 101 -38.95 1.50 -8.46
CA GLU C 101 -40.21 0.96 -8.94
C GLU C 101 -41.20 0.87 -7.79
N SER C 102 -42.49 1.00 -8.11
CA SER C 102 -43.51 1.03 -7.07
C SER C 102 -43.90 -0.39 -6.63
N ALA C 103 -44.41 -1.19 -7.56
CA ALA C 103 -44.93 -2.51 -7.21
C ALA C 103 -43.87 -3.35 -6.50
N SER C 104 -42.70 -3.46 -7.11
CA SER C 104 -41.60 -4.22 -6.52
C SER C 104 -41.05 -3.53 -5.30
N GLY C 105 -41.01 -2.20 -5.32
CA GLY C 105 -40.42 -1.45 -4.22
C GLY C 105 -38.95 -1.73 -4.04
N ILE C 106 -38.20 -1.74 -5.14
CA ILE C 106 -36.76 -2.03 -5.13
C ILE C 106 -36.03 -0.83 -5.72
N VAL C 107 -34.88 -0.50 -5.13
CA VAL C 107 -34.07 0.63 -5.57
C VAL C 107 -32.73 0.09 -6.07
N GLU C 108 -32.33 0.53 -7.26
CA GLU C 108 -31.04 0.18 -7.84
C GLU C 108 -30.22 1.45 -8.03
N PHE C 109 -28.92 1.36 -7.75
CA PHE C 109 -28.04 2.53 -7.72
C PHE C 109 -26.70 2.14 -8.35
N TRP C 110 -26.57 2.38 -9.66
CA TRP C 110 -25.32 2.14 -10.36
C TRP C 110 -24.42 3.36 -10.26
N VAL C 111 -23.17 3.14 -9.89
CA VAL C 111 -22.17 4.19 -9.78
C VAL C 111 -20.98 3.81 -10.66
N ASP C 112 -20.67 4.67 -11.63
CA ASP C 112 -19.49 4.47 -12.48
C ASP C 112 -19.49 3.09 -13.12
N GLY C 113 -20.67 2.63 -13.53
CA GLY C 113 -20.82 1.37 -14.23
C GLY C 113 -21.04 0.16 -13.33
N LYS C 114 -20.33 0.09 -12.21
CA LYS C 114 -20.50 -1.03 -11.30
C LYS C 114 -21.82 -0.91 -10.55
N PRO C 115 -22.53 -2.02 -10.35
CA PRO C 115 -23.79 -1.96 -9.58
C PRO C 115 -23.58 -2.21 -8.10
N ARG C 116 -24.55 -1.74 -7.33
CA ARG C 116 -24.58 -1.95 -5.88
C ARG C 116 -25.73 -2.89 -5.51
N VAL C 117 -25.76 -3.26 -4.23
CA VAL C 117 -26.79 -4.17 -3.75
C VAL C 117 -28.17 -3.54 -3.91
N ARG C 118 -29.16 -4.39 -4.17
CA ARG C 118 -30.53 -3.90 -4.28
C ARG C 118 -31.12 -3.77 -2.89
N LYS C 119 -32.04 -2.83 -2.72
CA LYS C 119 -32.64 -2.54 -1.44
C LYS C 119 -34.10 -2.17 -1.63
N SER C 120 -34.88 -2.31 -0.57
CA SER C 120 -36.32 -2.07 -0.59
C SER C 120 -36.62 -0.71 0.03
N LEU C 121 -37.62 -0.02 -0.52
CA LEU C 121 -37.97 1.31 -0.04
C LEU C 121 -39.33 1.75 -0.56
N LYS C 122 -40.21 2.16 0.35
CA LYS C 122 -41.49 2.78 0.00
C LYS C 122 -42.30 1.89 -0.95
N LYS C 123 -42.68 0.73 -0.44
CA LYS C 123 -43.46 -0.19 -1.24
C LYS C 123 -44.89 0.27 -1.37
N GLY C 124 -45.40 0.28 -2.59
CA GLY C 124 -46.79 0.63 -2.85
C GLY C 124 -47.13 2.08 -2.53
N TYR C 125 -46.57 3.01 -3.31
CA TYR C 125 -46.84 4.43 -3.08
C TYR C 125 -46.49 5.19 -4.35
N THR C 126 -47.34 6.13 -4.71
CA THR C 126 -47.22 6.88 -5.97
C THR C 126 -46.50 8.19 -5.75
N VAL C 127 -46.13 8.83 -6.86
CA VAL C 127 -45.43 10.10 -6.85
C VAL C 127 -46.27 11.12 -7.63
N GLY C 128 -46.31 12.34 -7.12
CA GLY C 128 -47.12 13.39 -7.73
C GLY C 128 -46.58 13.80 -9.09
N ALA C 129 -47.33 14.70 -9.73
CA ALA C 129 -47.02 15.18 -11.07
C ALA C 129 -46.52 16.62 -11.08
N GLU C 130 -47.28 17.54 -10.50
CA GLU C 130 -46.84 18.93 -10.43
C GLU C 130 -45.53 19.00 -9.64
N ALA C 131 -44.44 19.35 -10.32
CA ALA C 131 -43.13 19.33 -9.70
C ALA C 131 -42.33 20.56 -10.15
N SER C 132 -41.32 20.89 -9.36
CA SER C 132 -40.40 21.99 -9.64
C SER C 132 -38.99 21.46 -9.45
N ILE C 133 -38.34 21.07 -10.55
CA ILE C 133 -37.04 20.42 -10.50
C ILE C 133 -35.97 21.51 -10.48
N ILE C 134 -35.46 21.81 -9.30
CA ILE C 134 -34.38 22.77 -9.13
C ILE C 134 -33.06 22.03 -9.12
N LEU C 135 -32.07 22.65 -9.80
CA LEU C 135 -30.74 22.08 -9.85
C LEU C 135 -29.76 23.12 -9.34
N GLY C 136 -28.86 22.72 -8.45
CA GLY C 136 -27.86 23.61 -7.87
C GLY C 136 -28.00 23.78 -6.38
N GLN C 137 -29.23 23.84 -5.88
CA GLN C 137 -29.50 24.09 -4.47
C GLN C 137 -30.57 23.14 -3.97
N GLU C 138 -30.37 22.58 -2.78
CA GLU C 138 -31.44 21.82 -2.14
C GLU C 138 -32.55 22.76 -1.71
N GLN C 139 -33.78 22.27 -1.81
CA GLN C 139 -34.96 23.07 -1.49
C GLN C 139 -35.74 22.42 -0.36
N ASP C 140 -36.19 23.23 0.58
CA ASP C 140 -37.08 22.79 1.66
C ASP C 140 -38.50 23.27 1.43
N SER C 141 -38.81 23.73 0.23
CA SER C 141 -40.16 24.17 -0.13
C SER C 141 -40.28 24.14 -1.64
N PHE C 142 -41.52 24.31 -2.12
CA PHE C 142 -41.76 24.23 -3.56
C PHE C 142 -40.98 25.28 -4.32
N GLY C 143 -40.68 26.42 -3.70
CA GLY C 143 -39.97 27.49 -4.37
C GLY C 143 -38.51 27.55 -4.01
N GLY C 144 -38.15 28.49 -3.14
CA GLY C 144 -36.76 28.68 -2.75
C GLY C 144 -36.43 28.00 -1.44
N ASN C 145 -36.30 28.78 -0.37
CA ASN C 145 -35.97 28.26 0.95
C ASN C 145 -34.64 27.50 0.94
N PHE C 146 -33.71 27.93 0.08
CA PHE C 146 -32.44 27.24 -0.04
C PHE C 146 -31.59 27.45 1.21
N GLU C 147 -30.56 26.60 1.34
CA GLU C 147 -29.63 26.70 2.46
C GLU C 147 -28.24 26.73 1.86
N GLY C 148 -27.49 27.81 2.08
CA GLY C 148 -26.20 27.96 1.46
C GLY C 148 -25.21 26.88 1.86
N SER C 149 -25.37 26.32 3.05
CA SER C 149 -24.45 25.28 3.51
C SER C 149 -24.51 24.04 2.62
N GLN C 150 -25.66 23.79 1.99
CA GLN C 150 -25.86 22.60 1.19
C GLN C 150 -25.70 22.86 -0.30
N SER C 151 -25.18 24.02 -0.69
CA SER C 151 -25.03 24.35 -2.10
C SER C 151 -23.94 23.49 -2.74
N LEU C 152 -23.95 23.47 -4.07
CA LEU C 152 -22.99 22.69 -4.85
C LEU C 152 -22.08 23.64 -5.62
N VAL C 153 -20.79 23.31 -5.63
CA VAL C 153 -19.77 24.07 -6.37
C VAL C 153 -19.03 23.08 -7.25
N GLY C 154 -19.24 23.16 -8.56
CA GLY C 154 -18.59 22.27 -9.50
C GLY C 154 -19.25 22.28 -10.86
N ASP C 155 -19.30 21.12 -11.52
CA ASP C 155 -19.93 20.99 -12.83
C ASP C 155 -20.86 19.78 -12.81
N ILE C 156 -21.94 19.87 -13.59
CA ILE C 156 -22.88 18.78 -13.70
C ILE C 156 -23.50 18.85 -15.09
N GLY C 157 -23.88 17.71 -15.63
CA GLY C 157 -24.49 17.67 -16.95
C GLY C 157 -24.94 16.26 -17.29
N ASN C 158 -25.55 16.15 -18.48
CA ASN C 158 -26.04 14.88 -19.00
C ASN C 158 -27.14 14.31 -18.10
N VAL C 159 -28.12 15.14 -17.80
CA VAL C 159 -29.23 14.76 -16.93
C VAL C 159 -30.33 14.16 -17.80
N ASN C 160 -30.60 12.87 -17.60
CA ASN C 160 -31.66 12.19 -18.32
C ASN C 160 -32.57 11.50 -17.32
N MET C 161 -33.82 11.29 -17.69
CA MET C 161 -34.79 10.66 -16.80
C MET C 161 -35.87 9.96 -17.61
N TRP C 162 -36.14 8.71 -17.25
CA TRP C 162 -37.21 7.92 -17.85
C TRP C 162 -38.26 7.59 -16.79
N ASP C 163 -39.51 7.42 -17.23
CA ASP C 163 -40.57 7.07 -16.31
C ASP C 163 -40.53 5.60 -15.92
N PHE C 164 -40.17 4.71 -16.83
CA PHE C 164 -40.12 3.29 -16.53
C PHE C 164 -38.72 2.93 -16.02
N VAL C 165 -38.45 1.63 -15.89
CA VAL C 165 -37.20 1.13 -15.31
C VAL C 165 -36.37 0.52 -16.43
N LEU C 166 -35.10 0.91 -16.51
CA LEU C 166 -34.20 0.38 -17.52
C LEU C 166 -33.65 -0.97 -17.09
N SER C 167 -33.07 -1.68 -18.05
CA SER C 167 -32.42 -2.96 -17.84
C SER C 167 -30.91 -2.79 -17.80
N PRO C 168 -30.19 -3.76 -17.24
CA PRO C 168 -28.73 -3.60 -17.12
C PRO C 168 -28.04 -3.30 -18.44
N ASP C 169 -28.48 -3.96 -19.51
CA ASP C 169 -27.90 -3.69 -20.82
C ASP C 169 -28.10 -2.23 -21.19
N GLU C 170 -29.31 -1.72 -21.00
CA GLU C 170 -29.60 -0.33 -21.32
C GLU C 170 -28.69 0.61 -20.53
N ILE C 171 -28.50 0.32 -19.24
CA ILE C 171 -27.64 1.17 -18.42
C ILE C 171 -26.20 1.11 -18.93
N ASN C 172 -25.74 -0.08 -19.33
CA ASN C 172 -24.39 -0.18 -19.87
C ASN C 172 -24.23 0.63 -21.14
N THR C 173 -25.23 0.57 -22.04
CA THR C 173 -25.18 1.38 -23.24
C THR C 173 -25.17 2.86 -22.91
N ILE C 174 -25.99 3.27 -21.93
CA ILE C 174 -25.97 4.65 -21.47
C ILE C 174 -24.57 5.05 -21.04
N TYR C 175 -23.93 4.19 -20.25
CA TYR C 175 -22.59 4.50 -19.75
C TYR C 175 -21.60 4.63 -20.91
N LEU C 176 -21.69 3.73 -21.90
CA LEU C 176 -20.77 3.77 -23.02
C LEU C 176 -21.02 4.95 -23.95
N GLY C 177 -22.18 5.60 -23.85
CA GLY C 177 -22.46 6.77 -24.66
C GLY C 177 -23.07 6.42 -26.00
N GLY C 178 -24.13 5.61 -26.00
CA GLY C 178 -24.83 5.26 -27.21
C GLY C 178 -26.08 6.09 -27.40
N PRO C 179 -26.93 5.70 -28.35
CA PRO C 179 -28.19 6.43 -28.48
C PRO C 179 -29.20 6.03 -27.41
N PHE C 180 -30.15 6.92 -27.11
CA PHE C 180 -31.20 6.60 -26.16
C PHE C 180 -32.27 7.66 -26.30
N SER C 181 -33.51 7.30 -26.02
CA SER C 181 -34.62 8.24 -26.17
C SER C 181 -35.35 8.45 -24.87
N PRO C 182 -35.01 9.52 -24.15
CA PRO C 182 -35.76 9.79 -22.92
C PRO C 182 -37.19 10.22 -23.23
N ASN C 183 -38.01 10.26 -22.19
CA ASN C 183 -39.41 10.66 -22.33
C ASN C 183 -39.88 11.61 -21.25
N VAL C 184 -39.04 12.00 -20.31
CA VAL C 184 -39.42 12.93 -19.25
C VAL C 184 -38.52 14.16 -19.31
N LEU C 185 -37.22 13.92 -19.13
CA LEU C 185 -36.22 14.98 -19.21
C LEU C 185 -35.15 14.54 -20.20
N ASN C 186 -35.10 15.16 -21.38
CA ASN C 186 -34.15 14.82 -22.43
C ASN C 186 -33.08 15.90 -22.49
N TRP C 187 -31.82 15.49 -22.28
CA TRP C 187 -30.72 16.44 -22.34
C TRP C 187 -30.55 17.03 -23.74
N ARG C 188 -31.06 16.35 -24.77
CA ARG C 188 -30.93 16.83 -26.13
C ARG C 188 -32.02 17.81 -26.54
N ALA C 189 -33.12 17.88 -25.78
CA ALA C 189 -34.22 18.80 -26.06
C ALA C 189 -34.69 19.44 -24.76
N LEU C 190 -33.72 19.90 -23.96
CA LEU C 190 -34.03 20.42 -22.64
C LEU C 190 -34.71 21.78 -22.76
N LYS C 191 -35.44 22.15 -21.70
CA LYS C 191 -36.08 23.46 -21.61
C LYS C 191 -35.92 23.93 -20.17
N TYR C 192 -35.17 25.02 -19.97
CA TYR C 192 -34.72 25.37 -18.63
C TYR C 192 -34.73 26.89 -18.45
N GLU C 193 -34.77 27.29 -17.18
CA GLU C 193 -34.53 28.66 -16.76
C GLU C 193 -33.33 28.68 -15.82
N VAL C 194 -32.71 29.85 -15.67
CA VAL C 194 -31.52 29.99 -14.86
C VAL C 194 -31.55 31.33 -14.16
N GLN C 195 -31.03 31.37 -12.93
CA GLN C 195 -30.89 32.61 -12.18
C GLN C 195 -29.60 32.57 -11.37
N GLY C 196 -28.94 33.72 -11.28
CA GLY C 196 -27.71 33.84 -10.53
C GLY C 196 -26.47 33.65 -11.38
N GLU C 197 -25.40 33.24 -10.69
CA GLU C 197 -24.12 33.01 -11.34
C GLU C 197 -24.01 31.59 -11.83
N VAL C 198 -24.47 31.35 -13.04
CA VAL C 198 -24.38 30.04 -13.67
C VAL C 198 -23.93 30.25 -15.10
N PHE C 199 -23.00 29.41 -15.56
CA PHE C 199 -22.44 29.55 -16.90
C PHE C 199 -22.57 28.24 -17.66
N THR C 200 -22.52 28.33 -18.99
CA THR C 200 -22.55 27.12 -19.80
C THR C 200 -21.25 27.04 -20.55
N LYS C 201 -20.56 25.92 -20.40
CA LYS C 201 -19.24 25.73 -21.00
C LYS C 201 -19.10 24.28 -21.41
N PRO C 202 -18.20 23.97 -22.34
CA PRO C 202 -18.01 22.58 -22.76
C PRO C 202 -17.64 21.68 -21.60
N GLN C 203 -18.14 20.44 -21.65
CA GLN C 203 -17.89 19.49 -20.58
C GLN C 203 -16.43 19.05 -20.58
N LEU C 204 -15.84 19.02 -19.38
CA LEU C 204 -14.45 18.59 -19.26
C LEU C 204 -14.33 17.07 -19.44
N TRP C 205 -15.21 16.31 -18.82
CA TRP C 205 -15.11 14.86 -18.89
C TRP C 205 -15.35 14.38 -20.33
N PRO C 206 -14.74 13.25 -20.72
CA PRO C 206 -14.87 12.75 -22.09
C PRO C 206 -16.31 12.45 -22.47
N HIS D 3 -46.35 20.51 21.66
CA HIS D 3 -45.27 20.63 20.69
C HIS D 3 -44.48 19.32 20.61
N VAL D 4 -43.18 19.41 20.38
CA VAL D 4 -42.35 18.21 20.33
C VAL D 4 -41.72 18.00 21.70
N GLN D 5 -41.85 16.78 22.23
CA GLN D 5 -41.20 16.39 23.48
C GLN D 5 -40.53 15.04 23.29
N LEU D 6 -39.29 14.93 23.75
CA LEU D 6 -38.52 13.68 23.66
C LEU D 6 -38.28 13.19 25.08
N VAL D 7 -38.64 11.94 25.35
CA VAL D 7 -38.52 11.34 26.67
C VAL D 7 -37.57 10.14 26.58
N GLU D 8 -36.52 10.17 27.39
CA GLU D 8 -35.60 9.05 27.42
C GLU D 8 -35.83 8.23 28.67
N SER D 9 -35.57 6.95 28.60
CA SER D 9 -35.77 6.04 29.73
C SER D 9 -34.85 4.84 29.56
N GLY D 10 -34.72 4.06 30.64
CA GLY D 10 -33.88 2.87 30.61
C GLY D 10 -32.39 3.18 30.68
N GLY D 11 -31.97 3.75 31.81
CA GLY D 11 -30.57 4.07 32.01
C GLY D 11 -30.19 3.98 33.46
N GLY D 12 -28.89 3.85 33.70
CA GLY D 12 -28.37 3.74 35.06
C GLY D 12 -26.93 3.28 35.10
N LEU D 13 -26.64 2.43 36.09
CA LEU D 13 -25.30 1.90 36.23
C LEU D 13 -25.37 0.40 36.41
N VAL D 14 -24.31 -0.28 36.01
CA VAL D 14 -24.22 -1.73 36.15
C VAL D 14 -22.76 -2.12 36.30
N LEU D 15 -22.54 -3.31 36.86
CA LEU D 15 -21.19 -3.82 37.00
C LEU D 15 -20.64 -4.17 35.62
N PRO D 16 -19.33 -4.35 35.53
CA PRO D 16 -18.73 -4.63 34.21
C PRO D 16 -19.17 -5.96 33.65
N GLY D 17 -19.37 -5.99 32.33
CA GLY D 17 -19.82 -7.18 31.64
C GLY D 17 -21.31 -7.37 31.59
N GLY D 18 -22.09 -6.49 32.21
CA GLY D 18 -23.54 -6.60 32.20
C GLY D 18 -24.16 -6.14 30.90
N SER D 19 -25.42 -5.72 30.98
CA SER D 19 -26.13 -5.23 29.80
C SER D 19 -27.26 -4.33 30.25
N LEU D 20 -27.77 -3.55 29.31
CA LEU D 20 -28.85 -2.61 29.56
C LEU D 20 -29.54 -2.30 28.24
N ARG D 21 -30.65 -1.57 28.32
CA ARG D 21 -31.38 -1.17 27.12
C ARG D 21 -32.03 0.18 27.37
N LEU D 22 -31.88 1.05 26.39
CA LEU D 22 -32.45 2.38 26.50
C LEU D 22 -33.57 2.58 25.51
N SER D 23 -34.49 3.46 25.85
CA SER D 23 -35.64 3.75 25.00
C SER D 23 -35.77 5.26 24.85
N CYS D 24 -35.93 5.72 23.62
CA CYS D 24 -36.09 7.14 23.31
C CYS D 24 -37.47 7.34 22.70
N GLU D 25 -38.46 7.52 23.55
CA GLU D 25 -39.82 7.77 23.07
C GLU D 25 -39.95 9.22 22.62
N ALA D 26 -40.78 9.43 21.60
CA ALA D 26 -40.99 10.75 21.02
C ALA D 26 -42.47 11.04 20.93
N SER D 27 -42.79 12.34 20.88
CA SER D 27 -44.16 12.80 20.73
C SER D 27 -44.17 14.00 19.81
N GLY D 28 -45.23 14.13 19.02
CA GLY D 28 -45.32 15.20 18.06
C GLY D 28 -44.63 14.85 16.76
N ILE D 29 -43.37 14.46 16.84
CA ILE D 29 -42.63 14.03 15.66
C ILE D 29 -42.86 12.54 15.42
N SER D 30 -42.63 12.11 14.19
CA SER D 30 -42.86 10.72 13.79
C SER D 30 -41.58 10.14 13.23
N PHE D 31 -41.22 8.94 13.71
CA PHE D 31 -40.04 8.26 13.20
C PHE D 31 -40.23 7.70 11.80
N SER D 32 -41.46 7.70 11.28
CA SER D 32 -41.70 7.17 9.95
C SER D 32 -40.91 7.94 8.89
N SER D 33 -40.89 9.27 9.01
CA SER D 33 -40.19 10.13 8.06
C SER D 33 -39.05 10.88 8.74
N ASN D 34 -38.31 10.19 9.61
CA ASN D 34 -37.19 10.78 10.31
C ASN D 34 -36.19 9.69 10.64
N ALA D 35 -35.05 10.11 11.21
CA ALA D 35 -33.99 9.19 11.60
C ALA D 35 -33.52 9.55 13.00
N VAL D 36 -33.22 8.52 13.79
CA VAL D 36 -32.85 8.74 15.18
C VAL D 36 -31.44 8.23 15.42
N GLY D 37 -30.84 8.62 16.55
CA GLY D 37 -29.50 8.17 16.86
C GLY D 37 -29.03 8.54 18.25
N TRP D 38 -28.10 7.75 18.79
CA TRP D 38 -27.55 7.97 20.12
C TRP D 38 -26.10 8.43 20.01
N TYR D 39 -25.79 9.51 20.72
CA TYR D 39 -24.46 10.10 20.73
C TYR D 39 -23.90 10.10 22.15
N ARG D 40 -22.58 9.94 22.23
CA ARG D 40 -21.86 9.87 23.49
C ARG D 40 -21.29 11.24 23.84
N GLN D 41 -20.71 11.35 25.03
CA GLN D 41 -20.06 12.57 25.49
C GLN D 41 -18.56 12.46 25.23
N ALA D 42 -17.92 13.62 25.12
CA ALA D 42 -16.50 13.68 24.81
C ALA D 42 -15.92 15.01 25.26
N PRO D 43 -14.59 15.19 25.18
CA PRO D 43 -14.00 16.47 25.59
C PRO D 43 -14.56 17.64 24.79
N GLY D 44 -14.73 18.78 25.44
CA GLY D 44 -15.36 19.91 24.78
C GLY D 44 -16.86 19.70 24.63
N ASN D 45 -17.38 20.14 23.48
CA ASN D 45 -18.78 19.98 23.14
C ASN D 45 -18.96 19.09 21.91
N GLN D 46 -18.18 18.01 21.83
CA GLN D 46 -18.19 17.11 20.68
C GLN D 46 -18.82 15.79 21.08
N ARG D 47 -20.07 15.63 20.65
CA ARG D 47 -20.72 14.35 20.85
C ARG D 47 -20.14 13.43 19.81
N THR D 48 -20.10 12.15 20.10
CA THR D 48 -19.51 11.17 19.19
C THR D 48 -20.56 10.19 18.71
N LEU D 49 -20.45 9.81 17.44
CA LEU D 49 -21.38 8.86 16.84
C LEU D 49 -21.32 7.53 17.58
N VAL D 50 -22.49 6.98 17.89
CA VAL D 50 -22.62 5.67 18.53
C VAL D 50 -23.41 4.70 17.67
N ALA D 51 -24.66 5.04 17.36
CA ALA D 51 -25.50 4.21 16.52
C ALA D 51 -26.69 5.03 16.08
N VAL D 52 -26.96 5.02 14.77
CA VAL D 52 -28.05 5.80 14.19
C VAL D 52 -28.82 4.93 13.22
N ILE D 53 -30.15 5.06 13.24
CA ILE D 53 -31.04 4.34 12.33
C ILE D 53 -31.83 5.36 11.54
N SER D 54 -31.78 5.23 10.21
CA SER D 54 -32.50 6.13 9.31
C SER D 54 -33.95 5.69 9.17
N SER D 55 -34.75 6.56 8.54
CA SER D 55 -36.16 6.26 8.34
C SER D 55 -36.34 5.01 7.50
N GLY D 56 -35.56 4.88 6.42
CA GLY D 56 -35.72 3.74 5.54
C GLY D 56 -35.49 2.41 6.24
N GLY D 57 -34.44 2.33 7.06
CA GLY D 57 -34.14 1.10 7.76
C GLY D 57 -32.65 0.84 7.88
N SER D 58 -31.86 1.46 7.01
CA SER D 58 -30.41 1.30 7.09
C SER D 58 -29.89 1.93 8.37
N THR D 59 -28.83 1.31 8.89
CA THR D 59 -28.26 1.80 10.12
C THR D 59 -26.75 1.98 10.02
N VAL D 60 -26.21 2.85 10.84
CA VAL D 60 -24.78 3.14 10.87
C VAL D 60 -24.33 3.08 12.32
N TYR D 61 -23.32 2.25 12.60
CA TYR D 61 -22.77 2.09 13.93
C TYR D 61 -21.42 2.77 14.03
N GLY D 62 -21.03 3.11 15.26
CA GLY D 62 -19.74 3.72 15.48
C GLY D 62 -18.60 2.79 15.12
N ASP D 63 -17.47 3.40 14.75
CA ASP D 63 -16.32 2.61 14.33
C ASP D 63 -15.81 1.71 15.46
N SER D 64 -15.71 2.27 16.67
CA SER D 64 -15.19 1.50 17.80
C SER D 64 -16.16 0.39 18.21
N VAL D 65 -17.46 0.66 18.11
CA VAL D 65 -18.48 -0.25 18.64
C VAL D 65 -19.02 -1.14 17.54
N ARG D 66 -18.28 -1.24 16.43
CA ARG D 66 -18.72 -2.08 15.31
C ARG D 66 -19.10 -3.47 15.79
N GLY D 67 -20.38 -3.82 15.60
CA GLY D 67 -20.85 -5.13 15.99
C GLY D 67 -20.78 -5.42 17.47
N ARG D 68 -21.20 -4.46 18.29
CA ARG D 68 -21.22 -4.67 19.73
C ARG D 68 -22.63 -4.55 20.25
N PHE D 69 -23.31 -3.47 19.87
CA PHE D 69 -24.70 -3.29 20.31
C PHE D 69 -25.66 -3.38 19.12
N THR D 70 -26.98 -3.34 19.41
CA THR D 70 -27.96 -3.32 18.32
C THR D 70 -29.02 -2.27 18.59
N ILE D 71 -29.32 -1.48 17.56
CA ILE D 71 -30.35 -0.46 17.65
C ILE D 71 -31.54 -0.90 16.79
N SER D 72 -32.74 -0.47 17.19
CA SER D 72 -33.94 -0.85 16.45
C SER D 72 -35.02 0.17 16.77
N LYS D 73 -36.09 0.14 15.97
CA LYS D 73 -37.17 1.10 16.11
C LYS D 73 -38.50 0.39 15.95
N ASP D 74 -39.56 1.09 16.35
CA ASP D 74 -40.91 0.55 16.21
C ASP D 74 -41.83 1.72 15.91
N ASN D 75 -42.31 1.81 14.68
CA ASN D 75 -43.21 2.90 14.29
C ASN D 75 -44.54 2.87 15.01
N PRO D 76 -45.24 1.73 15.14
CA PRO D 76 -46.54 1.70 15.80
C PRO D 76 -46.60 2.55 17.07
N LYS D 77 -45.69 2.30 18.01
CA LYS D 77 -45.60 3.11 19.21
C LYS D 77 -44.54 4.21 19.09
N ASN D 78 -43.90 4.33 17.94
CA ASN D 78 -42.95 5.41 17.67
C ASN D 78 -41.88 5.47 18.76
N THR D 79 -41.19 4.34 18.95
CA THR D 79 -40.19 4.27 20.01
C THR D 79 -38.96 3.54 19.49
N ALA D 80 -37.78 4.05 19.87
CA ALA D 80 -36.50 3.48 19.46
C ALA D 80 -35.81 2.87 20.66
N TYR D 81 -35.32 1.64 20.50
CA TYR D 81 -34.66 0.89 21.56
C TYR D 81 -33.24 0.57 21.13
N LEU D 82 -32.28 0.89 22.00
CA LEU D 82 -30.88 0.53 21.80
C LEU D 82 -30.48 -0.44 22.90
N LEU D 83 -30.04 -1.63 22.52
CA LEU D 83 -29.69 -2.68 23.46
C LEU D 83 -28.17 -2.79 23.55
N MET D 84 -27.61 -2.42 24.69
CA MET D 84 -26.18 -2.47 24.93
C MET D 84 -25.87 -3.71 25.75
N ASN D 85 -24.87 -4.48 25.30
CA ASN D 85 -24.41 -5.66 26.03
C ASN D 85 -22.90 -5.74 25.92
N ASN D 86 -22.28 -6.31 26.95
CA ASN D 86 -20.82 -6.47 26.95
C ASN D 86 -20.14 -5.10 26.88
N LEU D 87 -20.42 -4.31 27.91
CA LEU D 87 -19.87 -2.97 27.95
C LEU D 87 -18.67 -2.92 28.86
N LYS D 88 -17.59 -2.35 28.35
CA LYS D 88 -16.37 -2.18 29.13
C LYS D 88 -16.47 -0.94 30.01
N PRO D 89 -15.60 -0.83 31.03
CA PRO D 89 -15.69 0.33 31.93
C PRO D 89 -15.57 1.66 31.23
N GLU D 90 -14.74 1.75 30.19
CA GLU D 90 -14.55 3.01 29.49
C GLU D 90 -15.83 3.52 28.84
N ASP D 91 -16.82 2.64 28.62
CA ASP D 91 -18.05 3.05 27.97
C ASP D 91 -18.90 3.97 28.83
N THR D 92 -18.59 4.13 30.11
CA THR D 92 -19.38 4.99 30.98
C THR D 92 -19.29 6.44 30.52
N GLY D 93 -20.35 7.18 30.79
CA GLY D 93 -20.37 8.60 30.43
C GLY D 93 -21.80 9.11 30.33
N VAL D 94 -21.98 10.08 29.45
CA VAL D 94 -23.28 10.71 29.22
C VAL D 94 -23.73 10.40 27.80
N TYR D 95 -24.97 9.97 27.67
CA TYR D 95 -25.53 9.57 26.38
C TYR D 95 -26.78 10.40 26.09
N TYR D 96 -26.98 10.69 24.81
CA TYR D 96 -28.16 11.43 24.38
C TYR D 96 -28.76 10.74 23.16
N CYS D 97 -30.07 10.89 23.00
CA CYS D 97 -30.79 10.38 21.84
C CYS D 97 -31.46 11.53 21.13
N ASN D 98 -31.19 11.67 19.83
CA ASN D 98 -31.71 12.76 19.04
C ASN D 98 -32.35 12.25 17.77
N VAL D 99 -33.17 13.10 17.16
CA VAL D 99 -33.90 12.78 15.94
C VAL D 99 -33.75 13.95 14.97
N ASP D 100 -33.65 13.61 13.68
CA ASP D 100 -33.51 14.63 12.64
C ASP D 100 -34.12 14.10 11.36
N ARG D 101 -34.39 15.02 10.43
CA ARG D 101 -35.02 14.65 9.16
C ARG D 101 -34.14 13.74 8.31
N ARG D 102 -32.85 13.62 8.62
CA ARG D 102 -31.96 12.79 7.82
C ARG D 102 -30.66 12.58 8.58
N VAL D 103 -30.16 11.35 8.57
CA VAL D 103 -28.90 11.06 9.23
C VAL D 103 -27.84 12.01 8.71
N HIS D 104 -27.15 12.71 9.61
CA HIS D 104 -26.17 13.71 9.18
C HIS D 104 -24.82 13.62 9.87
N ALA D 105 -24.46 12.44 10.36
CA ALA D 105 -23.18 12.28 11.05
C ALA D 105 -23.08 13.26 12.20
N LEU D 106 -22.03 14.08 12.19
CA LEU D 106 -21.89 15.10 13.21
C LEU D 106 -23.21 15.83 13.30
N PRO D 107 -23.72 16.00 14.52
CA PRO D 107 -25.05 16.60 14.66
C PRO D 107 -25.13 18.01 14.10
N ARG D 108 -26.35 18.53 13.98
CA ARG D 108 -26.59 19.85 13.43
C ARG D 108 -27.52 20.62 14.35
N SER D 109 -27.50 21.94 14.21
CA SER D 109 -28.16 22.84 15.16
C SER D 109 -29.64 22.54 15.34
N GLN D 110 -30.39 22.45 14.24
CA GLN D 110 -31.83 22.30 14.34
C GLN D 110 -32.22 21.00 15.04
N SER D 111 -31.49 19.92 14.76
CA SER D 111 -31.80 18.61 15.31
C SER D 111 -32.01 18.68 16.82
N TYR D 112 -33.18 18.22 17.27
CA TYR D 112 -33.45 18.18 18.70
C TYR D 112 -32.38 17.35 19.35
N TRP D 113 -32.18 17.55 20.64
CA TRP D 113 -31.19 16.76 21.37
C TRP D 113 -31.82 15.78 22.36
N GLY D 114 -32.76 16.22 23.18
CA GLY D 114 -33.48 15.30 24.04
C GLY D 114 -32.83 15.03 25.38
N ARG D 115 -32.63 16.08 26.18
CA ARG D 115 -32.07 15.91 27.52
C ARG D 115 -30.79 15.10 27.53
N GLY D 116 -30.81 13.96 28.21
CA GLY D 116 -29.62 13.15 28.33
C GLY D 116 -29.79 12.09 29.40
N THR D 117 -28.73 11.30 29.57
CA THR D 117 -28.74 10.21 30.53
C THR D 117 -27.31 9.87 30.93
N GLN D 118 -27.17 9.20 32.07
CA GLN D 118 -25.89 8.87 32.67
C GLN D 118 -25.75 7.36 32.78
N VAL D 119 -24.59 6.84 32.35
CA VAL D 119 -24.32 5.41 32.38
C VAL D 119 -22.99 5.18 33.08
N THR D 120 -22.99 4.26 34.04
CA THR D 120 -21.78 3.96 34.78
C THR D 120 -21.39 2.50 34.63
N VAL D 121 -20.10 2.25 34.49
CA VAL D 121 -19.59 0.89 34.32
C VAL D 121 -18.75 0.51 35.53
N SER D 122 -19.10 1.06 36.69
CA SER D 122 -18.33 0.80 37.91
C SER D 122 -18.28 -0.69 38.21
N SER D 123 -17.11 -1.15 38.62
CA SER D 123 -16.92 -2.56 38.97
C SER D 123 -17.24 -2.81 40.44
N GLN E 1 -41.72 -26.79 -16.14
CA GLN E 1 -40.32 -26.26 -16.09
C GLN E 1 -40.28 -24.85 -16.67
N THR E 2 -39.18 -24.14 -16.41
CA THR E 2 -38.99 -22.80 -16.90
C THR E 2 -37.51 -22.53 -17.07
N ASP E 3 -37.18 -21.55 -17.91
CA ASP E 3 -35.80 -21.18 -18.20
C ASP E 3 -35.49 -19.88 -17.45
N MET E 4 -34.58 -19.98 -16.47
CA MET E 4 -34.15 -18.83 -15.68
C MET E 4 -32.95 -18.10 -16.30
N SER E 5 -32.68 -18.32 -17.59
CA SER E 5 -31.53 -17.68 -18.21
C SER E 5 -31.63 -16.16 -18.08
N ARG E 6 -30.52 -15.55 -17.66
CA ARG E 6 -30.45 -14.10 -17.47
C ARG E 6 -31.50 -13.64 -16.45
N LYS E 7 -31.79 -14.47 -15.45
CA LYS E 7 -32.71 -14.13 -14.39
C LYS E 7 -32.10 -14.50 -13.06
N ALA E 8 -32.52 -13.81 -12.00
CA ALA E 8 -31.96 -14.03 -10.67
C ALA E 8 -33.00 -13.73 -9.61
N PHE E 9 -32.96 -14.51 -8.54
CA PHE E 9 -33.81 -14.26 -7.39
C PHE E 9 -33.22 -13.14 -6.53
N VAL E 10 -34.11 -12.36 -5.93
CA VAL E 10 -33.74 -11.21 -5.10
C VAL E 10 -34.52 -11.30 -3.79
N PHE E 11 -33.80 -11.17 -2.68
CA PHE E 11 -34.37 -11.13 -1.34
C PHE E 11 -34.24 -9.70 -0.82
N PRO E 12 -35.32 -8.92 -0.74
CA PRO E 12 -35.17 -7.50 -0.40
C PRO E 12 -34.71 -7.26 1.04
N LYS E 13 -35.40 -7.87 2.01
CA LYS E 13 -35.17 -7.58 3.41
C LYS E 13 -34.93 -8.87 4.18
N GLU E 14 -34.16 -8.76 5.26
CA GLU E 14 -33.91 -9.92 6.09
C GLU E 14 -35.17 -10.31 6.83
N SER E 15 -35.42 -11.59 6.94
CA SER E 15 -36.60 -12.13 7.61
C SER E 15 -36.37 -13.61 7.88
N ASP E 16 -37.42 -14.30 8.31
CA ASP E 16 -37.33 -15.73 8.59
C ASP E 16 -38.45 -16.51 7.90
N THR E 17 -39.07 -15.95 6.87
CA THR E 17 -40.18 -16.61 6.18
C THR E 17 -40.05 -16.60 4.67
N SER E 18 -39.08 -15.89 4.10
CA SER E 18 -38.91 -15.83 2.66
C SER E 18 -37.86 -16.85 2.23
N TYR E 19 -38.22 -17.67 1.24
CA TYR E 19 -37.34 -18.74 0.78
C TYR E 19 -37.95 -19.41 -0.44
N VAL E 20 -37.08 -20.04 -1.23
CA VAL E 20 -37.52 -20.83 -2.38
C VAL E 20 -37.11 -22.28 -2.15
N SER E 21 -37.77 -23.18 -2.86
CA SER E 21 -37.52 -24.61 -2.76
C SER E 21 -37.35 -25.17 -4.16
N LEU E 22 -36.26 -25.91 -4.38
CA LEU E 22 -35.95 -26.49 -5.69
C LEU E 22 -36.16 -27.99 -5.63
N LYS E 23 -36.91 -28.52 -6.58
CA LYS E 23 -37.18 -29.95 -6.68
C LYS E 23 -36.25 -30.59 -7.70
N ALA E 24 -35.99 -31.88 -7.51
CA ALA E 24 -35.10 -32.63 -8.37
C ALA E 24 -35.72 -33.99 -8.69
N PRO E 25 -35.38 -34.58 -9.83
CA PRO E 25 -35.84 -35.93 -10.15
C PRO E 25 -34.96 -37.05 -9.61
N LEU E 26 -34.07 -36.74 -8.68
CA LEU E 26 -33.14 -37.74 -8.17
C LEU E 26 -33.88 -38.91 -7.55
N THR E 27 -33.39 -40.13 -7.81
CA THR E 27 -34.05 -41.33 -7.32
C THR E 27 -33.06 -42.29 -6.66
N LYS E 28 -31.79 -42.25 -7.05
CA LYS E 28 -30.80 -43.19 -6.55
C LYS E 28 -29.77 -42.49 -5.67
N PRO E 29 -29.15 -43.20 -4.73
CA PRO E 29 -28.20 -42.55 -3.83
C PRO E 29 -27.00 -41.97 -4.57
N LEU E 30 -26.44 -40.91 -4.00
CA LEU E 30 -25.30 -40.22 -4.60
C LEU E 30 -23.99 -40.71 -4.00
N LYS E 31 -23.02 -40.97 -4.87
CA LYS E 31 -21.66 -41.33 -4.45
C LYS E 31 -20.66 -40.24 -4.80
N ALA E 32 -21.12 -39.09 -5.28
CA ALA E 32 -20.27 -37.95 -5.61
C ALA E 32 -21.19 -36.82 -6.05
N PHE E 33 -20.65 -35.61 -6.10
CA PHE E 33 -21.45 -34.49 -6.54
C PHE E 33 -20.56 -33.29 -6.84
N THR E 34 -21.14 -32.32 -7.55
CA THR E 34 -20.49 -31.06 -7.85
C THR E 34 -21.57 -30.00 -8.02
N VAL E 35 -21.36 -28.83 -7.44
CA VAL E 35 -22.31 -27.74 -7.54
C VAL E 35 -21.57 -26.47 -7.92
N CYS E 36 -22.30 -25.55 -8.57
CA CYS E 36 -21.75 -24.29 -9.04
C CYS E 36 -22.82 -23.23 -8.95
N LEU E 37 -22.45 -22.02 -8.51
CA LEU E 37 -23.44 -20.95 -8.43
C LEU E 37 -22.76 -19.60 -8.31
N HIS E 38 -23.53 -18.56 -8.64
CA HIS E 38 -23.04 -17.21 -8.54
C HIS E 38 -23.91 -16.50 -7.53
N PHE E 39 -23.32 -15.54 -6.82
CA PHE E 39 -24.07 -14.80 -5.80
C PHE E 39 -23.36 -13.50 -5.49
N TYR E 40 -24.10 -12.59 -4.86
CA TYR E 40 -23.62 -11.23 -4.61
C TYR E 40 -24.44 -10.61 -3.48
N THR E 41 -23.76 -10.22 -2.40
CA THR E 41 -24.42 -9.63 -1.26
C THR E 41 -23.42 -8.75 -0.50
N GLU E 42 -23.96 -7.85 0.32
CA GLU E 42 -23.15 -6.91 1.08
C GLU E 42 -22.98 -7.28 2.54
N LEU E 43 -23.47 -8.44 2.97
CA LEU E 43 -23.32 -8.84 4.36
C LEU E 43 -21.86 -8.79 4.77
N SER E 44 -21.01 -9.42 3.97
CA SER E 44 -19.56 -9.40 4.19
C SER E 44 -19.20 -9.62 5.67
N SER E 45 -18.26 -8.83 6.19
CA SER E 45 -17.85 -9.01 7.58
C SER E 45 -18.81 -8.33 8.54
N THR E 46 -20.08 -8.74 8.51
CA THR E 46 -21.06 -8.26 9.48
C THR E 46 -21.64 -9.43 10.26
N ARG E 47 -22.04 -10.48 9.54
CA ARG E 47 -22.55 -11.69 10.17
C ARG E 47 -22.45 -12.83 9.15
N GLY E 48 -22.64 -14.05 9.64
CA GLY E 48 -22.61 -15.22 8.76
C GLY E 48 -23.96 -15.44 8.10
N TYR E 49 -23.91 -15.85 6.83
CA TYR E 49 -25.11 -16.10 6.04
C TYR E 49 -24.97 -17.42 5.32
N SER E 50 -26.12 -18.08 5.10
CA SER E 50 -26.14 -19.36 4.42
C SER E 50 -26.16 -19.15 2.91
N ILE E 51 -25.42 -20.00 2.20
CA ILE E 51 -25.30 -19.93 0.75
C ILE E 51 -26.11 -21.03 0.07
N PHE E 52 -25.87 -22.29 0.45
CA PHE E 52 -26.54 -23.42 -0.16
C PHE E 52 -26.77 -24.48 0.91
N SER E 53 -27.98 -25.04 0.93
CA SER E 53 -28.39 -26.02 1.93
C SER E 53 -29.00 -27.23 1.25
N TYR E 54 -28.79 -28.41 1.85
CA TYR E 54 -29.29 -29.66 1.30
C TYR E 54 -29.46 -30.62 2.48
N ALA E 55 -30.70 -30.85 2.89
CA ALA E 55 -31.01 -31.68 4.04
C ALA E 55 -31.74 -32.95 3.62
N THR E 56 -31.92 -33.84 4.58
CA THR E 56 -32.59 -35.11 4.36
C THR E 56 -33.51 -35.38 5.55
N LYS E 57 -34.00 -36.61 5.63
CA LYS E 57 -34.92 -36.99 6.70
C LYS E 57 -34.22 -37.35 8.01
N ARG E 58 -32.89 -37.50 7.99
CA ARG E 58 -32.14 -37.90 9.18
C ARG E 58 -30.92 -37.01 9.39
N GLN E 59 -30.85 -35.86 8.72
CA GLN E 59 -29.70 -34.97 8.86
C GLN E 59 -30.03 -33.60 8.31
N ASP E 60 -29.79 -32.54 9.08
CA ASP E 60 -30.13 -31.19 8.62
C ASP E 60 -29.02 -30.58 7.77
N ASN E 61 -27.81 -31.13 7.82
CA ASN E 61 -26.67 -30.56 7.11
C ASN E 61 -26.02 -31.61 6.22
N GLU E 62 -26.84 -32.30 5.41
CA GLU E 62 -26.28 -33.26 4.46
C GLU E 62 -25.24 -32.59 3.58
N ILE E 63 -25.57 -31.43 3.02
CA ILE E 63 -24.60 -30.58 2.33
C ILE E 63 -24.91 -29.14 2.71
N LEU E 64 -23.88 -28.37 3.03
CA LEU E 64 -24.12 -26.97 3.36
C LEU E 64 -22.86 -26.14 3.13
N ILE E 65 -23.07 -24.93 2.61
CA ILE E 65 -22.01 -23.96 2.39
C ILE E 65 -22.36 -22.71 3.18
N PHE E 66 -21.41 -22.22 3.98
CA PHE E 66 -21.64 -21.08 4.85
C PHE E 66 -20.45 -20.12 4.76
N TRP E 67 -20.65 -18.92 5.27
CA TRP E 67 -19.62 -17.88 5.31
C TRP E 67 -19.38 -17.52 6.78
N SER E 68 -18.49 -18.25 7.43
CA SER E 68 -18.23 -18.02 8.85
C SER E 68 -17.51 -16.70 9.04
N LYS E 69 -18.08 -15.87 9.92
CA LYS E 69 -17.61 -14.51 10.18
C LYS E 69 -16.12 -14.49 10.50
N ASP E 70 -15.34 -13.80 9.66
CA ASP E 70 -13.90 -13.65 9.90
C ASP E 70 -13.12 -14.96 9.78
N ILE E 71 -13.80 -16.05 9.46
CA ILE E 71 -13.14 -17.34 9.30
C ILE E 71 -12.99 -17.69 7.83
N GLY E 72 -14.07 -17.57 7.05
CA GLY E 72 -14.02 -17.84 5.64
C GLY E 72 -15.11 -18.81 5.25
N TYR E 73 -14.92 -19.49 4.12
CA TYR E 73 -15.95 -20.39 3.63
C TYR E 73 -15.94 -21.68 4.45
N SER E 74 -17.12 -22.20 4.72
CA SER E 74 -17.27 -23.43 5.49
C SER E 74 -18.09 -24.40 4.66
N PHE E 75 -17.50 -25.55 4.34
CA PHE E 75 -18.14 -26.57 3.53
C PHE E 75 -18.33 -27.81 4.40
N THR E 76 -19.58 -28.24 4.56
CA THR E 76 -19.88 -29.36 5.44
C THR E 76 -20.73 -30.39 4.72
N VAL E 77 -20.38 -31.66 4.93
CA VAL E 77 -21.09 -32.80 4.36
C VAL E 77 -21.35 -33.80 5.48
N GLY E 78 -22.58 -34.32 5.53
CA GLY E 78 -22.95 -35.35 6.49
C GLY E 78 -22.43 -35.09 7.89
N GLY E 79 -22.51 -33.85 8.34
CA GLY E 79 -22.02 -33.48 9.67
C GLY E 79 -20.59 -32.99 9.70
N SER E 80 -19.68 -33.73 9.09
CA SER E 80 -18.29 -33.31 9.06
C SER E 80 -18.15 -31.99 8.31
N GLU E 81 -17.10 -31.25 8.66
CA GLU E 81 -16.94 -29.95 8.05
C GLU E 81 -15.51 -29.52 7.90
N ILE E 82 -15.25 -28.74 6.88
CA ILE E 82 -13.95 -28.15 6.65
C ILE E 82 -14.15 -26.66 6.41
N LEU E 83 -13.08 -25.89 6.58
CA LEU E 83 -13.18 -24.45 6.38
C LEU E 83 -12.02 -23.88 5.57
N PHE E 84 -12.32 -23.38 4.39
CA PHE E 84 -11.33 -22.74 3.55
C PHE E 84 -11.19 -21.28 3.96
N GLU E 85 -9.96 -20.86 4.24
CA GLU E 85 -9.69 -19.56 4.83
C GLU E 85 -9.50 -18.52 3.72
N VAL E 86 -10.09 -17.35 3.92
CA VAL E 86 -9.94 -16.22 3.01
C VAL E 86 -9.36 -15.06 3.80
N PRO E 87 -8.24 -14.47 3.39
CA PRO E 87 -7.62 -13.43 4.23
C PRO E 87 -8.39 -12.13 4.24
N GLU E 88 -8.89 -11.68 3.10
CA GLU E 88 -9.57 -10.39 3.00
C GLU E 88 -10.86 -10.56 2.21
N VAL E 89 -11.77 -9.62 2.40
CA VAL E 89 -13.10 -9.67 1.80
C VAL E 89 -13.27 -8.44 0.89
N THR E 90 -13.89 -8.65 -0.26
CA THR E 90 -14.20 -7.59 -1.20
C THR E 90 -15.72 -7.46 -1.34
N VAL E 91 -16.15 -6.58 -2.24
CA VAL E 91 -17.57 -6.34 -2.49
C VAL E 91 -17.75 -6.40 -4.01
N ALA E 92 -18.16 -7.55 -4.52
CA ALA E 92 -18.42 -7.74 -5.94
C ALA E 92 -19.01 -9.12 -6.17
N PRO E 93 -19.72 -9.34 -7.27
CA PRO E 93 -20.30 -10.67 -7.50
C PRO E 93 -19.23 -11.74 -7.56
N VAL E 94 -19.55 -12.92 -7.03
CA VAL E 94 -18.59 -14.01 -6.92
C VAL E 94 -19.22 -15.30 -7.40
N HIS E 95 -18.42 -16.12 -8.08
CA HIS E 95 -18.82 -17.42 -8.59
C HIS E 95 -18.04 -18.50 -7.86
N ILE E 96 -18.72 -19.55 -7.43
CA ILE E 96 -18.10 -20.63 -6.68
C ILE E 96 -18.49 -21.97 -7.28
N CYS E 97 -17.61 -22.95 -7.10
CA CYS E 97 -17.81 -24.28 -7.66
C CYS E 97 -17.13 -25.29 -6.76
N THR E 98 -17.92 -26.13 -6.08
CA THR E 98 -17.35 -27.14 -5.20
C THR E 98 -17.66 -28.54 -5.72
N SER E 99 -16.81 -29.50 -5.41
CA SER E 99 -16.98 -30.88 -5.86
C SER E 99 -16.44 -31.84 -4.82
N TRP E 100 -17.13 -32.96 -4.65
CA TRP E 100 -16.75 -33.98 -3.68
C TRP E 100 -16.97 -35.36 -4.28
N GLU E 101 -16.11 -36.29 -3.89
CA GLU E 101 -16.16 -37.67 -4.36
C GLU E 101 -16.08 -38.61 -3.18
N SER E 102 -16.70 -39.78 -3.32
CA SER E 102 -16.77 -40.73 -2.21
C SER E 102 -15.50 -41.57 -2.10
N ALA E 103 -15.18 -42.33 -3.15
CA ALA E 103 -14.06 -43.25 -3.09
C ALA E 103 -12.76 -42.53 -2.72
N SER E 104 -12.45 -41.46 -3.46
CA SER E 104 -11.24 -40.69 -3.18
C SER E 104 -11.37 -39.92 -1.89
N GLY E 105 -12.56 -39.44 -1.58
CA GLY E 105 -12.74 -38.63 -0.39
C GLY E 105 -11.99 -37.33 -0.44
N ILE E 106 -12.03 -36.63 -1.57
CA ILE E 106 -11.31 -35.38 -1.77
C ILE E 106 -12.33 -34.29 -2.12
N VAL E 107 -12.10 -33.09 -1.61
CA VAL E 107 -12.97 -31.95 -1.81
C VAL E 107 -12.20 -30.88 -2.57
N GLU E 108 -12.79 -30.36 -3.65
CA GLU E 108 -12.22 -29.27 -4.41
C GLU E 108 -13.16 -28.07 -4.35
N PHE E 109 -12.59 -26.87 -4.23
CA PHE E 109 -13.36 -25.65 -4.01
C PHE E 109 -12.75 -24.53 -4.85
N TRP E 110 -13.28 -24.34 -6.06
CA TRP E 110 -12.85 -23.25 -6.92
C TRP E 110 -13.65 -21.99 -6.60
N VAL E 111 -12.94 -20.88 -6.41
CA VAL E 111 -13.55 -19.58 -6.15
C VAL E 111 -13.05 -18.61 -7.21
N ASP E 112 -13.99 -18.00 -7.94
CA ASP E 112 -13.66 -16.96 -8.92
C ASP E 112 -12.59 -17.44 -9.90
N GLY E 113 -12.69 -18.70 -10.30
CA GLY E 113 -11.78 -19.28 -11.28
C GLY E 113 -10.51 -19.89 -10.70
N LYS E 114 -9.92 -19.24 -9.71
CA LYS E 114 -8.70 -19.77 -9.12
C LYS E 114 -9.03 -20.97 -8.23
N PRO E 115 -8.19 -22.01 -8.23
CA PRO E 115 -8.45 -23.16 -7.35
C PRO E 115 -7.75 -23.03 -6.01
N ARG E 116 -8.26 -23.80 -5.05
CA ARG E 116 -7.68 -23.89 -3.72
C ARG E 116 -7.10 -25.28 -3.49
N VAL E 117 -6.33 -25.40 -2.40
CA VAL E 117 -5.70 -26.67 -2.09
C VAL E 117 -6.75 -27.74 -1.84
N ARG E 118 -6.43 -28.96 -2.25
CA ARG E 118 -7.36 -30.07 -2.04
C ARG E 118 -7.31 -30.53 -0.61
N LYS E 119 -8.40 -31.14 -0.15
CA LYS E 119 -8.50 -31.61 1.23
C LYS E 119 -9.37 -32.86 1.26
N SER E 120 -9.22 -33.62 2.34
CA SER E 120 -9.92 -34.89 2.52
C SER E 120 -11.08 -34.71 3.49
N LEU E 121 -12.17 -35.43 3.23
CA LEU E 121 -13.35 -35.32 4.07
C LEU E 121 -14.33 -36.46 3.82
N LYS E 122 -14.73 -37.16 4.88
CA LYS E 122 -15.79 -38.15 4.83
C LYS E 122 -15.50 -39.23 3.77
N LYS E 123 -14.44 -39.98 4.02
CA LYS E 123 -14.07 -41.03 3.09
C LYS E 123 -14.98 -42.22 3.22
N GLY E 124 -15.48 -42.71 2.10
CA GLY E 124 -16.32 -43.89 2.07
C GLY E 124 -17.65 -43.73 2.78
N TYR E 125 -18.53 -42.90 2.22
CA TYR E 125 -19.84 -42.67 2.81
C TYR E 125 -20.76 -42.10 1.75
N THR E 126 -21.99 -42.59 1.72
CA THR E 126 -22.96 -42.25 0.69
C THR E 126 -23.88 -41.12 1.15
N VAL E 127 -24.64 -40.59 0.21
CA VAL E 127 -25.58 -39.50 0.47
C VAL E 127 -26.98 -39.96 0.07
N GLY E 128 -27.97 -39.57 0.85
CA GLY E 128 -29.34 -39.99 0.61
C GLY E 128 -29.91 -39.36 -0.64
N ALA E 129 -31.13 -39.78 -0.96
CA ALA E 129 -31.83 -39.34 -2.17
C ALA E 129 -32.98 -38.38 -1.87
N GLU E 130 -33.92 -38.77 -1.01
CA GLU E 130 -35.01 -37.89 -0.62
C GLU E 130 -34.45 -36.63 0.02
N ALA E 131 -34.62 -35.49 -0.63
CA ALA E 131 -33.99 -34.25 -0.19
C ALA E 131 -34.95 -33.09 -0.38
N SER E 132 -34.70 -32.02 0.37
CA SER E 132 -35.45 -30.78 0.28
C SER E 132 -34.43 -29.64 0.15
N ILE E 133 -34.22 -29.17 -1.07
CA ILE E 133 -33.20 -28.16 -1.34
C ILE E 133 -33.86 -26.79 -1.20
N ILE E 134 -33.71 -26.19 -0.03
CA ILE E 134 -34.21 -24.84 0.20
C ILE E 134 -33.09 -23.85 -0.04
N LEU E 135 -33.48 -22.71 -0.61
CA LEU E 135 -32.55 -21.64 -0.91
C LEU E 135 -33.05 -20.37 -0.25
N GLY E 136 -32.16 -19.66 0.44
CA GLY E 136 -32.49 -18.42 1.12
C GLY E 136 -32.28 -18.50 2.62
N GLN E 137 -32.63 -19.63 3.25
CA GLN E 137 -32.56 -19.79 4.69
C GLN E 137 -31.91 -21.12 5.03
N GLU E 138 -31.03 -21.10 6.03
CA GLU E 138 -30.48 -22.34 6.56
C GLU E 138 -31.56 -23.11 7.32
N GLN E 139 -31.51 -24.43 7.23
CA GLN E 139 -32.48 -25.30 7.88
C GLN E 139 -31.81 -26.14 8.94
N ASP E 140 -32.50 -26.32 10.07
CA ASP E 140 -32.10 -27.29 11.10
C ASP E 140 -33.03 -28.49 11.12
N SER E 141 -33.84 -28.67 10.07
CA SER E 141 -34.73 -29.80 9.96
C SER E 141 -35.17 -29.92 8.50
N PHE E 142 -35.87 -31.01 8.20
CA PHE E 142 -36.26 -31.27 6.81
C PHE E 142 -37.17 -30.17 6.27
N GLY E 143 -37.96 -29.54 7.14
CA GLY E 143 -38.91 -28.52 6.69
C GLY E 143 -38.41 -27.11 6.92
N GLY E 144 -38.95 -26.44 7.93
CA GLY E 144 -38.58 -25.07 8.23
C GLY E 144 -37.51 -24.96 9.29
N ASN E 145 -37.91 -24.54 10.49
CA ASN E 145 -36.98 -24.36 11.61
C ASN E 145 -35.85 -23.39 11.26
N PHE E 146 -36.16 -22.39 10.43
CA PHE E 146 -35.15 -21.44 10.02
C PHE E 146 -34.72 -20.56 11.19
N GLU E 147 -33.59 -19.87 10.99
CA GLU E 147 -33.08 -18.94 12.01
C GLU E 147 -32.82 -17.64 11.29
N GLY E 148 -33.50 -16.58 11.71
CA GLY E 148 -33.38 -15.30 11.02
C GLY E 148 -31.99 -14.73 11.03
N SER E 149 -31.20 -15.04 12.06
CA SER E 149 -29.84 -14.52 12.14
C SER E 149 -28.98 -15.00 10.99
N GLN E 150 -29.29 -16.17 10.43
CA GLN E 150 -28.49 -16.76 9.37
C GLN E 150 -29.08 -16.54 7.99
N SER E 151 -30.08 -15.68 7.86
CA SER E 151 -30.70 -15.44 6.57
C SER E 151 -29.75 -14.71 5.63
N LEU E 152 -30.09 -14.73 4.34
CA LEU E 152 -29.29 -14.11 3.30
C LEU E 152 -30.05 -12.94 2.70
N VAL E 153 -29.35 -11.83 2.48
CA VAL E 153 -29.91 -10.64 1.86
C VAL E 153 -29.00 -10.26 0.69
N GLY E 154 -29.50 -10.47 -0.53
CA GLY E 154 -28.72 -10.18 -1.72
C GLY E 154 -29.31 -10.83 -2.96
N ASP E 155 -28.45 -11.22 -3.91
CA ASP E 155 -28.88 -11.87 -5.13
C ASP E 155 -28.09 -13.15 -5.32
N ILE E 156 -28.72 -14.13 -5.96
CA ILE E 156 -28.07 -15.40 -6.22
C ILE E 156 -28.71 -15.98 -7.46
N GLY E 157 -27.94 -16.73 -8.24
CA GLY E 157 -28.45 -17.32 -9.47
C GLY E 157 -27.42 -18.22 -10.10
N ASN E 158 -27.83 -18.84 -11.21
CA ASN E 158 -26.97 -19.75 -11.98
C ASN E 158 -26.56 -20.96 -11.14
N VAL E 159 -27.55 -21.60 -10.55
CA VAL E 159 -27.32 -22.77 -9.70
C VAL E 159 -27.37 -24.01 -10.57
N ASN E 160 -26.24 -24.72 -10.66
CA ASN E 160 -26.15 -25.96 -11.41
C ASN E 160 -25.52 -27.03 -10.53
N MET E 161 -25.86 -28.29 -10.81
CA MET E 161 -25.35 -29.40 -10.01
C MET E 161 -25.29 -30.65 -10.86
N TRP E 162 -24.12 -31.29 -10.86
CA TRP E 162 -23.91 -32.58 -11.51
C TRP E 162 -23.66 -33.66 -10.47
N ASP E 163 -24.03 -34.89 -10.80
CA ASP E 163 -23.81 -36.01 -9.89
C ASP E 163 -22.35 -36.46 -9.87
N PHE E 164 -21.68 -36.43 -11.02
CA PHE E 164 -20.28 -36.85 -11.10
C PHE E 164 -19.38 -35.66 -10.83
N VAL E 165 -18.07 -35.83 -11.06
CA VAL E 165 -17.07 -34.82 -10.75
C VAL E 165 -16.54 -34.26 -12.06
N LEU E 166 -16.52 -32.93 -12.17
CA LEU E 166 -16.02 -32.27 -13.36
C LEU E 166 -14.49 -32.21 -13.35
N SER E 167 -13.93 -31.89 -14.50
CA SER E 167 -12.50 -31.72 -14.68
C SER E 167 -12.16 -30.24 -14.76
N PRO E 168 -10.90 -29.88 -14.53
CA PRO E 168 -10.55 -28.45 -14.53
C PRO E 168 -10.94 -27.72 -15.79
N ASP E 169 -10.79 -28.36 -16.94
CA ASP E 169 -11.20 -27.73 -18.19
C ASP E 169 -12.69 -27.44 -18.15
N GLU E 170 -13.47 -28.42 -17.72
CA GLU E 170 -14.93 -28.23 -17.64
C GLU E 170 -15.28 -27.06 -16.73
N ILE E 171 -14.58 -26.95 -15.59
CA ILE E 171 -14.85 -25.84 -14.67
C ILE E 171 -14.48 -24.52 -15.32
N ASN E 172 -13.38 -24.48 -16.07
CA ASN E 172 -13.00 -23.25 -16.75
C ASN E 172 -14.04 -22.86 -17.78
N THR E 173 -14.55 -23.83 -18.55
CA THR E 173 -15.62 -23.52 -19.51
C THR E 173 -16.87 -23.02 -18.79
N ILE E 174 -17.16 -23.62 -17.64
CA ILE E 174 -18.30 -23.16 -16.87
C ILE E 174 -18.10 -21.69 -16.52
N TYR E 175 -16.91 -21.35 -16.04
CA TYR E 175 -16.63 -19.98 -15.63
C TYR E 175 -16.76 -19.03 -16.81
N LEU E 176 -16.25 -19.42 -17.98
CA LEU E 176 -16.30 -18.56 -19.14
C LEU E 176 -17.70 -18.42 -19.72
N GLY E 177 -18.64 -19.27 -19.32
CA GLY E 177 -20.01 -19.15 -19.79
C GLY E 177 -20.26 -19.87 -21.09
N GLY E 178 -19.87 -21.14 -21.18
CA GLY E 178 -20.09 -21.93 -22.36
C GLY E 178 -21.27 -22.87 -22.21
N PRO E 179 -21.51 -23.69 -23.23
CA PRO E 179 -22.61 -24.66 -23.15
C PRO E 179 -22.26 -25.82 -22.23
N PHE E 180 -23.29 -26.49 -21.72
CA PHE E 180 -23.08 -27.65 -20.86
C PHE E 180 -24.43 -28.31 -20.61
N SER E 181 -24.43 -29.43 -19.91
CA SER E 181 -25.67 -30.16 -19.69
C SER E 181 -25.72 -30.78 -18.31
N PRO E 182 -26.35 -30.06 -17.36
CA PRO E 182 -26.51 -30.68 -16.04
C PRO E 182 -27.44 -31.87 -16.10
N ASN E 183 -27.47 -32.63 -15.00
CA ASN E 183 -28.32 -33.80 -14.91
C ASN E 183 -29.06 -33.92 -13.58
N VAL E 184 -28.88 -32.98 -12.66
CA VAL E 184 -29.59 -33.02 -11.38
C VAL E 184 -30.41 -31.74 -11.23
N LEU E 185 -29.72 -30.60 -11.24
CA LEU E 185 -30.38 -29.30 -11.15
C LEU E 185 -29.90 -28.45 -12.32
N ASN E 186 -30.77 -28.20 -13.29
CA ASN E 186 -30.43 -27.43 -14.48
C ASN E 186 -31.09 -26.06 -14.38
N TRP E 187 -30.27 -25.00 -14.42
CA TRP E 187 -30.80 -23.66 -14.35
C TRP E 187 -31.65 -23.30 -15.57
N ARG E 188 -31.47 -24.02 -16.68
CA ARG E 188 -32.25 -23.76 -17.89
C ARG E 188 -33.58 -24.47 -17.92
N ALA E 189 -33.78 -25.49 -17.06
CA ALA E 189 -35.03 -26.22 -16.99
C ALA E 189 -35.43 -26.41 -15.53
N LEU E 190 -35.35 -25.34 -14.76
CA LEU E 190 -35.59 -25.41 -13.33
C LEU E 190 -37.07 -25.64 -13.04
N LYS E 191 -37.33 -26.11 -11.81
CA LYS E 191 -38.69 -26.30 -11.32
C LYS E 191 -38.68 -26.00 -9.83
N TYR E 192 -39.39 -24.94 -9.42
CA TYR E 192 -39.21 -24.40 -8.10
C TYR E 192 -40.54 -23.89 -7.54
N GLU E 193 -40.59 -23.79 -6.22
CA GLU E 193 -41.65 -23.10 -5.50
C GLU E 193 -41.02 -21.95 -4.71
N VAL E 194 -41.84 -20.98 -4.34
CA VAL E 194 -41.36 -19.79 -3.64
C VAL E 194 -42.40 -19.36 -2.61
N GLN E 195 -41.93 -18.83 -1.48
CA GLN E 195 -42.82 -18.29 -0.46
C GLN E 195 -42.15 -17.09 0.19
N GLY E 196 -42.95 -16.07 0.48
CA GLY E 196 -42.46 -14.86 1.11
C GLY E 196 -42.11 -13.78 0.12
N GLU E 197 -41.20 -12.89 0.58
CA GLU E 197 -40.76 -11.79 -0.25
C GLU E 197 -39.56 -12.17 -1.07
N VAL E 198 -39.83 -12.69 -2.25
CA VAL E 198 -38.77 -13.04 -3.20
C VAL E 198 -39.20 -12.57 -4.58
N PHE E 199 -38.26 -11.97 -5.31
CA PHE E 199 -38.57 -11.40 -6.62
C PHE E 199 -37.63 -11.98 -7.66
N THR E 200 -38.05 -11.91 -8.93
CA THR E 200 -37.18 -12.36 -10.01
C THR E 200 -36.89 -11.17 -10.88
N LYS E 201 -35.63 -10.88 -11.09
CA LYS E 201 -35.19 -9.72 -11.86
C LYS E 201 -33.93 -10.08 -12.63
N PRO E 202 -33.63 -9.34 -13.69
CA PRO E 202 -32.41 -9.64 -14.46
C PRO E 202 -31.16 -9.57 -13.60
N GLN E 203 -30.21 -10.45 -13.92
CA GLN E 203 -28.98 -10.53 -13.15
C GLN E 203 -28.12 -9.30 -13.40
N LEU E 204 -27.57 -8.74 -12.32
CA LEU E 204 -26.70 -7.58 -12.45
C LEU E 204 -25.33 -7.97 -13.02
N TRP E 205 -24.76 -9.05 -12.53
CA TRP E 205 -23.43 -9.45 -12.96
C TRP E 205 -23.46 -9.84 -14.44
N PRO E 206 -22.34 -9.66 -15.16
CA PRO E 206 -22.30 -9.96 -16.60
C PRO E 206 -22.60 -11.43 -16.90
N HIS F 3 -27.61 -36.59 30.65
CA HIS F 3 -27.63 -35.54 29.64
C HIS F 3 -26.22 -35.24 29.15
N VAL F 4 -25.96 -33.98 28.80
CA VAL F 4 -24.62 -33.60 28.38
C VAL F 4 -23.85 -33.05 29.57
N GLN F 5 -22.64 -33.57 29.78
CA GLN F 5 -21.74 -33.07 30.82
C GLN F 5 -20.35 -32.92 30.23
N LEU F 6 -19.71 -31.78 30.49
CA LEU F 6 -18.36 -31.49 30.01
C LEU F 6 -17.45 -31.40 31.23
N VAL F 7 -16.37 -32.17 31.24
CA VAL F 7 -15.43 -32.23 32.35
C VAL F 7 -14.07 -31.73 31.88
N GLU F 8 -13.54 -30.71 32.55
CA GLU F 8 -12.23 -30.16 32.25
C GLU F 8 -11.23 -30.65 33.29
N SER F 9 -10.00 -30.89 32.84
CA SER F 9 -8.95 -31.37 33.72
C SER F 9 -7.60 -30.91 33.16
N GLY F 10 -6.56 -31.03 33.98
CA GLY F 10 -5.22 -30.65 33.58
C GLY F 10 -5.01 -29.15 33.58
N GLY F 11 -5.08 -28.53 34.76
CA GLY F 11 -4.85 -27.11 34.88
C GLY F 11 -4.26 -26.76 36.22
N GLY F 12 -3.65 -25.58 36.29
CA GLY F 12 -3.03 -25.11 37.51
C GLY F 12 -2.14 -23.90 37.30
N LEU F 13 -1.02 -23.86 38.03
CA LEU F 13 -0.06 -22.76 37.93
C LEU F 13 1.34 -23.32 37.81
N VAL F 14 2.18 -22.64 37.03
CA VAL F 14 3.55 -23.03 36.81
C VAL F 14 4.42 -21.79 36.68
N LEU F 15 5.72 -21.97 36.92
CA LEU F 15 6.65 -20.86 36.78
C LEU F 15 6.76 -20.49 35.32
N PRO F 16 7.31 -19.30 35.05
CA PRO F 16 7.39 -18.84 33.65
C PRO F 16 8.31 -19.72 32.82
N GLY F 17 7.91 -19.93 31.56
CA GLY F 17 8.67 -20.75 30.64
C GLY F 17 8.35 -22.24 30.69
N GLY F 18 7.46 -22.66 31.59
CA GLY F 18 7.11 -24.07 31.71
C GLY F 18 6.15 -24.52 30.63
N SER F 19 5.38 -25.56 30.94
CA SER F 19 4.41 -26.09 30.00
C SER F 19 3.35 -26.86 30.77
N LEU F 20 2.22 -27.09 30.11
CA LEU F 20 1.09 -27.79 30.72
C LEU F 20 0.23 -28.35 29.58
N ARG F 21 -0.77 -29.15 29.97
CA ARG F 21 -1.68 -29.73 29.00
C ARG F 21 -3.06 -29.84 29.62
N LEU F 22 -4.05 -29.42 28.73
CA LEU F 22 -5.44 -29.41 29.14
C LEU F 22 -6.23 -30.49 28.44
N SER F 23 -7.24 -31.06 29.19
CA SER F 23 -8.09 -32.06 28.57
C SER F 23 -9.54 -31.69 28.81
N CYS F 24 -10.34 -31.70 27.76
CA CYS F 24 -11.76 -31.37 27.84
C CYS F 24 -12.55 -32.61 27.43
N GLU F 25 -12.81 -33.49 28.40
CA GLU F 25 -13.59 -34.68 28.14
C GLU F 25 -15.07 -34.32 28.05
N ALA F 26 -15.79 -35.06 27.22
CA ALA F 26 -17.21 -34.82 26.99
C ALA F 26 -17.99 -36.12 27.15
N SER F 27 -19.28 -35.97 27.42
CA SER F 27 -20.18 -37.11 27.56
C SER F 27 -21.54 -36.74 26.98
N GLY F 28 -22.20 -37.70 26.37
CA GLY F 28 -23.46 -37.43 25.70
C GLY F 28 -23.27 -36.91 24.30
N ILE F 29 -22.49 -35.84 24.16
CA ILE F 29 -22.18 -35.30 22.84
C ILE F 29 -20.96 -36.02 22.27
N SER F 30 -20.83 -35.97 20.95
CA SER F 30 -19.75 -36.65 20.25
C SER F 30 -18.95 -35.64 19.43
N PHE F 31 -17.63 -35.70 19.55
CA PHE F 31 -16.77 -34.82 18.77
C PHE F 31 -16.69 -35.20 17.31
N SER F 32 -17.24 -36.36 16.93
CA SER F 32 -17.18 -36.78 15.53
C SER F 32 -17.93 -35.79 14.63
N SER F 33 -19.08 -35.32 15.07
CA SER F 33 -19.90 -34.39 14.31
C SER F 33 -20.04 -33.05 15.04
N ASN F 34 -18.94 -32.58 15.63
CA ASN F 34 -18.94 -31.31 16.34
C ASN F 34 -17.54 -30.73 16.29
N ALA F 35 -17.40 -29.52 16.83
CA ALA F 35 -16.13 -28.81 16.87
C ALA F 35 -15.92 -28.24 18.26
N VAL F 36 -14.68 -28.29 18.73
CA VAL F 36 -14.36 -27.85 20.09
C VAL F 36 -13.39 -26.69 20.05
N GLY F 37 -13.25 -26.00 21.17
CA GLY F 37 -12.32 -24.89 21.24
C GLY F 37 -12.12 -24.31 22.62
N TRP F 38 -10.96 -23.69 22.85
CA TRP F 38 -10.63 -23.08 24.12
C TRP F 38 -10.62 -21.57 23.99
N TYR F 39 -11.32 -20.90 24.90
CA TYR F 39 -11.44 -19.45 24.91
C TYR F 39 -10.88 -18.89 26.22
N ARG F 40 -10.29 -17.72 26.12
CA ARG F 40 -9.65 -17.05 27.24
C ARG F 40 -10.63 -16.04 27.87
N GLN F 41 -10.20 -15.46 28.99
CA GLN F 41 -10.97 -14.43 29.68
C GLN F 41 -10.48 -13.05 29.26
N ALA F 42 -11.34 -12.05 29.39
CA ALA F 42 -11.01 -10.70 28.97
C ALA F 42 -11.91 -9.70 29.67
N PRO F 43 -11.67 -8.39 29.51
CA PRO F 43 -12.52 -7.40 30.16
C PRO F 43 -13.97 -7.53 29.73
N GLY F 44 -14.90 -7.29 30.66
CA GLY F 44 -16.30 -7.50 30.37
C GLY F 44 -16.64 -8.98 30.29
N ASN F 45 -17.48 -9.34 29.33
CA ASN F 45 -17.88 -10.71 29.08
C ASN F 45 -17.41 -11.19 27.72
N GLN F 46 -16.22 -10.77 27.32
CA GLN F 46 -15.65 -11.10 26.00
C GLN F 46 -14.62 -12.21 26.17
N ARG F 47 -15.16 -13.43 25.63
CA ARG F 47 -14.24 -14.55 25.56
C ARG F 47 -13.41 -14.31 24.32
N THR F 48 -12.06 -14.62 24.46
CA THR F 48 -11.21 -14.42 23.29
C THR F 48 -10.80 -15.76 22.71
N LEU F 49 -10.75 -15.81 21.37
CA LEU F 49 -10.40 -17.03 20.69
C LEU F 49 -8.95 -17.41 20.99
N VAL F 50 -8.73 -18.70 21.28
CA VAL F 50 -7.39 -19.22 21.56
C VAL F 50 -7.01 -20.30 20.53
N ALA F 51 -7.79 -21.38 20.48
CA ALA F 51 -7.54 -22.45 19.52
C ALA F 51 -8.79 -23.31 19.41
N VAL F 52 -9.22 -23.56 18.18
CA VAL F 52 -10.44 -24.31 17.91
C VAL F 52 -10.15 -25.36 16.84
N ILE F 53 -10.69 -26.56 17.02
CA ILE F 53 -10.57 -27.65 16.06
C ILE F 53 -11.96 -28.07 15.63
N SER F 54 -12.18 -28.09 14.33
CA SER F 54 -13.46 -28.48 13.76
C SER F 54 -13.56 -30.00 13.64
N SER F 55 -14.77 -30.47 13.34
CA SER F 55 -14.99 -31.91 13.21
C SER F 55 -14.14 -32.50 12.10
N GLY F 56 -14.06 -31.82 10.96
CA GLY F 56 -13.31 -32.36 9.84
C GLY F 56 -11.85 -32.55 10.14
N GLY F 57 -11.23 -31.58 10.80
CA GLY F 57 -9.82 -31.67 11.13
C GLY F 57 -9.09 -30.35 11.02
N SER F 58 -9.66 -29.41 10.27
CA SER F 58 -9.07 -28.09 10.17
C SER F 58 -9.08 -27.38 11.52
N THR F 59 -8.04 -26.61 11.77
CA THR F 59 -7.96 -25.89 13.02
C THR F 59 -7.65 -24.43 12.82
N VAL F 60 -8.05 -23.62 13.78
CA VAL F 60 -7.83 -22.18 13.74
C VAL F 60 -7.24 -21.75 15.08
N TYR F 61 -6.09 -21.08 15.02
CA TYR F 61 -5.40 -20.60 16.21
C TYR F 61 -5.54 -19.09 16.33
N GLY F 62 -5.40 -18.60 17.57
CA GLY F 62 -5.48 -17.18 17.80
C GLY F 62 -4.37 -16.40 17.11
N ASP F 63 -4.66 -15.14 16.81
CA ASP F 63 -3.71 -14.31 16.10
C ASP F 63 -2.43 -14.13 16.90
N SER F 64 -2.56 -13.86 18.20
CA SER F 64 -1.39 -13.63 19.03
C SER F 64 -0.60 -14.91 19.26
N VAL F 65 -1.29 -16.04 19.36
CA VAL F 65 -0.67 -17.31 19.73
C VAL F 65 -0.33 -18.12 18.48
N ARG F 66 -0.28 -17.47 17.32
CA ARG F 66 0.03 -18.17 16.09
C ARG F 66 1.29 -19.00 16.23
N GLY F 67 1.15 -20.32 16.09
CA GLY F 67 2.29 -21.20 16.18
C GLY F 67 2.98 -21.21 17.53
N ARG F 68 2.21 -21.28 18.61
CA ARG F 68 2.78 -21.35 19.95
C ARG F 68 2.44 -22.64 20.68
N PHE F 69 1.03 -22.91 20.59
CA PHE F 69 0.52 -24.14 21.19
C PHE F 69 0.00 -25.10 20.11
N THR F 70 -0.39 -26.33 20.53
CA THR F 70 -1.01 -27.25 19.59
C THR F 70 -2.23 -27.91 20.21
N ILE F 71 -3.32 -27.93 19.45
CA ILE F 71 -4.55 -28.57 19.90
C ILE F 71 -4.77 -29.84 19.08
N SER F 72 -5.44 -30.81 19.69
CA SER F 72 -5.67 -32.08 19.02
C SER F 72 -6.86 -32.77 19.69
N LYS F 73 -7.39 -33.79 19.01
CA LYS F 73 -8.56 -34.48 19.50
C LYS F 73 -8.39 -35.98 19.29
N ASP F 74 -9.26 -36.74 19.96
CA ASP F 74 -9.24 -38.19 19.81
C ASP F 74 -10.67 -38.67 19.93
N ASN F 75 -11.25 -39.11 18.82
CA ASN F 75 -12.64 -39.60 18.83
C ASN F 75 -12.83 -40.86 19.69
N PRO F 76 -11.97 -41.88 19.52
CA PRO F 76 -12.18 -43.11 20.28
C PRO F 76 -12.63 -42.88 21.72
N LYS F 77 -11.87 -42.11 22.49
CA LYS F 77 -12.26 -41.74 23.83
C LYS F 77 -12.95 -40.38 23.89
N ASN F 78 -13.14 -39.74 22.75
CA ASN F 78 -13.89 -38.48 22.66
C ASN F 78 -13.32 -37.44 23.63
N THR F 79 -12.03 -37.15 23.45
CA THR F 79 -11.37 -36.20 24.35
C THR F 79 -10.45 -35.29 23.55
N ALA F 80 -10.43 -34.02 23.93
CA ALA F 80 -9.61 -33.01 23.26
C ALA F 80 -8.51 -32.55 24.19
N TYR F 81 -7.28 -32.53 23.67
CA TYR F 81 -6.09 -32.15 24.43
C TYR F 81 -5.45 -30.92 23.81
N LEU F 82 -5.16 -29.92 24.65
CA LEU F 82 -4.44 -28.73 24.23
C LEU F 82 -3.12 -28.68 24.99
N LEU F 83 -2.02 -28.67 24.23
CA LEU F 83 -0.70 -28.61 24.83
C LEU F 83 -0.17 -27.19 24.78
N MET F 84 0.03 -26.60 25.93
CA MET F 84 0.59 -25.26 26.03
C MET F 84 2.04 -25.36 26.47
N ASN F 85 2.93 -24.68 25.76
CA ASN F 85 4.33 -24.64 26.11
C ASN F 85 4.87 -23.25 25.82
N ASN F 86 5.88 -22.85 26.59
CA ASN F 86 6.51 -21.54 26.41
C ASN F 86 5.48 -20.42 26.59
N LEU F 87 4.94 -20.39 27.81
CA LEU F 87 3.93 -19.41 28.11
C LEU F 87 4.51 -18.25 28.87
N LYS F 88 4.16 -17.05 28.45
CA LYS F 88 4.61 -15.84 29.12
C LYS F 88 3.68 -15.51 30.29
N PRO F 89 4.13 -14.66 31.22
CA PRO F 89 3.30 -14.35 32.38
C PRO F 89 1.93 -13.79 32.03
N GLU F 90 1.83 -13.00 30.97
CA GLU F 90 0.56 -12.39 30.60
C GLU F 90 -0.49 -13.43 30.23
N ASP F 91 -0.07 -14.65 29.89
CA ASP F 91 -1.01 -15.69 29.49
C ASP F 91 -1.90 -16.17 30.64
N THR F 92 -1.59 -15.80 31.88
CA THR F 92 -2.38 -16.27 33.01
C THR F 92 -3.80 -15.74 32.93
N GLY F 93 -4.74 -16.51 33.45
CA GLY F 93 -6.12 -16.08 33.50
C GLY F 93 -7.07 -17.27 33.55
N VAL F 94 -8.28 -17.05 33.07
CA VAL F 94 -9.35 -18.03 33.13
C VAL F 94 -9.59 -18.57 31.74
N TYR F 95 -9.61 -19.90 31.61
CA TYR F 95 -9.78 -20.57 30.34
C TYR F 95 -11.00 -21.47 30.38
N TYR F 96 -11.68 -21.57 29.24
CA TYR F 96 -12.84 -22.44 29.12
C TYR F 96 -12.73 -23.26 27.86
N CYS F 97 -13.33 -24.45 27.87
CA CYS F 97 -13.39 -25.32 26.71
C CYS F 97 -14.85 -25.57 26.36
N ASN F 98 -15.25 -25.26 25.14
CA ASN F 98 -16.63 -25.38 24.70
C ASN F 98 -16.70 -26.19 23.42
N VAL F 99 -17.90 -26.69 23.14
CA VAL F 99 -18.17 -27.50 21.96
C VAL F 99 -19.44 -26.98 21.30
N ASP F 100 -19.46 -27.00 19.97
CA ASP F 100 -20.62 -26.53 19.21
C ASP F 100 -20.67 -27.29 17.90
N ARG F 101 -21.85 -27.28 17.28
CA ARG F 101 -22.04 -28.02 16.03
C ARG F 101 -21.17 -27.51 14.89
N ARG F 102 -20.60 -26.32 15.01
CA ARG F 102 -19.76 -25.79 13.95
C ARG F 102 -18.96 -24.61 14.49
N VAL F 103 -17.67 -24.55 14.13
CA VAL F 103 -16.83 -23.44 14.55
C VAL F 103 -17.50 -22.14 14.17
N HIS F 104 -17.61 -21.22 15.14
CA HIS F 104 -18.39 -20.01 14.95
C HIS F 104 -17.69 -18.77 15.48
N ALA F 105 -16.35 -18.78 15.54
CA ALA F 105 -15.61 -17.63 16.02
C ALA F 105 -16.16 -17.18 17.37
N LEU F 106 -16.53 -15.90 17.47
CA LEU F 106 -17.16 -15.36 18.67
C LEU F 106 -18.28 -16.31 19.11
N PRO F 107 -18.21 -16.82 20.33
CA PRO F 107 -19.16 -17.87 20.76
C PRO F 107 -20.62 -17.50 20.58
N ARG F 108 -21.51 -18.49 20.71
CA ARG F 108 -22.93 -18.27 20.54
C ARG F 108 -23.68 -18.88 21.71
N SER F 109 -24.91 -18.41 21.91
CA SER F 109 -25.67 -18.72 23.12
C SER F 109 -25.84 -20.21 23.37
N GLN F 110 -26.29 -20.97 22.36
CA GLN F 110 -26.59 -22.38 22.57
C GLN F 110 -25.34 -23.16 22.96
N SER F 111 -24.20 -22.83 22.34
CA SER F 111 -22.96 -23.55 22.58
C SER F 111 -22.69 -23.73 24.07
N TYR F 112 -22.53 -24.98 24.51
CA TYR F 112 -22.21 -25.26 25.91
C TYR F 112 -20.83 -24.71 26.24
N TRP F 113 -20.67 -24.25 27.48
CA TRP F 113 -19.43 -23.58 27.87
C TRP F 113 -18.48 -24.48 28.65
N GLY F 114 -18.97 -25.21 29.64
CA GLY F 114 -18.13 -26.18 30.33
C GLY F 114 -17.31 -25.64 31.48
N ARG F 115 -17.99 -25.09 32.49
CA ARG F 115 -17.30 -24.60 33.68
C ARG F 115 -16.16 -23.66 33.36
N GLY F 116 -14.94 -24.04 33.74
CA GLY F 116 -13.79 -23.20 33.53
C GLY F 116 -12.60 -23.70 34.30
N THR F 117 -11.49 -22.97 34.14
CA THR F 117 -10.24 -23.33 34.80
C THR F 117 -9.38 -22.09 34.97
N GLN F 118 -8.44 -22.20 35.92
CA GLN F 118 -7.55 -21.10 36.18
C GLN F 118 -6.12 -21.50 35.89
N VAL F 119 -5.34 -20.57 35.35
CA VAL F 119 -3.95 -20.79 35.02
C VAL F 119 -3.14 -19.59 35.49
N THR F 120 -2.04 -19.87 36.16
CA THR F 120 -1.17 -18.81 36.67
C THR F 120 0.24 -18.94 36.12
N VAL F 121 0.83 -17.81 35.77
CA VAL F 121 2.18 -17.78 35.21
C VAL F 121 3.11 -17.11 36.21
N SER F 122 2.81 -17.24 37.50
CA SER F 122 3.61 -16.60 38.53
C SER F 122 5.06 -17.06 38.44
N SER F 123 5.97 -16.11 38.62
CA SER F 123 7.41 -16.39 38.58
C SER F 123 7.92 -16.77 39.96
N GLN G 1 6.59 -48.42 -18.23
CA GLN G 1 6.57 -46.94 -18.15
C GLN G 1 5.16 -46.42 -18.34
N THR G 2 4.94 -45.16 -17.98
CA THR G 2 3.64 -44.53 -18.14
C THR G 2 3.84 -43.03 -18.37
N ASP G 3 2.85 -42.40 -18.98
CA ASP G 3 2.89 -40.98 -19.29
C ASP G 3 2.03 -40.24 -18.28
N MET G 4 2.67 -39.45 -17.42
CA MET G 4 1.99 -38.65 -16.42
C MET G 4 1.52 -37.29 -16.96
N SER G 5 1.44 -37.14 -18.28
CA SER G 5 1.05 -35.85 -18.84
C SER G 5 -0.31 -35.42 -18.32
N ARG G 6 -0.40 -34.16 -17.88
CA ARG G 6 -1.63 -33.61 -17.33
C ARG G 6 -2.12 -34.42 -16.12
N LYS G 7 -1.19 -34.97 -15.34
CA LYS G 7 -1.51 -35.71 -14.14
C LYS G 7 -0.61 -35.23 -13.01
N ALA G 8 -1.09 -35.40 -11.79
CA ALA G 8 -0.36 -34.92 -10.62
C ALA G 8 -0.68 -35.80 -9.42
N PHE G 9 0.33 -36.02 -8.58
CA PHE G 9 0.14 -36.72 -7.32
C PHE G 9 -0.46 -35.79 -6.27
N VAL G 10 -1.29 -36.38 -5.41
CA VAL G 10 -2.00 -35.64 -4.37
C VAL G 10 -1.81 -36.37 -3.06
N PHE G 11 -1.40 -35.63 -2.03
CA PHE G 11 -1.27 -36.12 -0.66
C PHE G 11 -2.38 -35.51 0.17
N PRO G 12 -3.41 -36.28 0.56
CA PRO G 12 -4.56 -35.66 1.24
C PRO G 12 -4.24 -35.13 2.63
N LYS G 13 -3.65 -35.96 3.48
CA LYS G 13 -3.46 -35.65 4.89
C LYS G 13 -2.00 -35.84 5.28
N GLU G 14 -1.57 -35.07 6.27
CA GLU G 14 -0.21 -35.21 6.75
C GLU G 14 -0.06 -36.52 7.48
N SER G 15 1.07 -37.17 7.31
CA SER G 15 1.36 -38.46 7.93
C SER G 15 2.84 -38.74 7.79
N ASP G 16 3.25 -39.95 8.17
CA ASP G 16 4.66 -40.35 8.06
C ASP G 16 4.82 -41.68 7.34
N THR G 17 3.85 -42.08 6.50
CA THR G 17 3.91 -43.35 5.80
C THR G 17 3.54 -43.25 4.33
N SER G 18 3.04 -42.11 3.86
CA SER G 18 2.66 -41.95 2.46
C SER G 18 3.80 -41.30 1.69
N TYR G 19 4.19 -41.92 0.57
CA TYR G 19 5.30 -41.44 -0.23
C TYR G 19 5.39 -42.26 -1.50
N VAL G 20 6.03 -41.67 -2.52
CA VAL G 20 6.31 -42.36 -3.76
C VAL G 20 7.82 -42.45 -3.95
N SER G 21 8.23 -43.40 -4.78
CA SER G 21 9.64 -43.63 -5.07
C SER G 21 9.81 -43.65 -6.58
N LEU G 22 10.78 -42.88 -7.08
CA LEU G 22 11.05 -42.79 -8.51
C LEU G 22 12.37 -43.49 -8.81
N LYS G 23 12.34 -44.38 -9.79
CA LYS G 23 13.52 -45.12 -10.22
C LYS G 23 14.11 -44.48 -11.47
N ALA G 24 15.42 -44.66 -11.62
CA ALA G 24 16.16 -44.08 -12.74
C ALA G 24 17.10 -45.13 -13.32
N PRO G 25 17.44 -45.02 -14.61
CA PRO G 25 18.43 -45.92 -15.20
C PRO G 25 19.88 -45.45 -15.04
N LEU G 26 20.14 -44.50 -14.16
CA LEU G 26 21.48 -43.95 -14.02
C LEU G 26 22.47 -45.04 -13.64
N THR G 27 23.66 -44.98 -14.25
CA THR G 27 24.68 -46.00 -14.01
C THR G 27 26.04 -45.39 -13.72
N LYS G 28 26.30 -44.18 -14.21
CA LYS G 28 27.61 -43.56 -14.06
C LYS G 28 27.53 -42.33 -13.14
N PRO G 29 28.63 -41.98 -12.47
CA PRO G 29 28.57 -40.85 -11.53
C PRO G 29 28.25 -39.54 -12.22
N LEU G 30 27.61 -38.65 -11.47
CA LEU G 30 27.19 -37.34 -11.99
C LEU G 30 28.22 -36.28 -11.67
N LYS G 31 28.53 -35.45 -12.66
CA LYS G 31 29.41 -34.30 -12.48
C LYS G 31 28.65 -32.99 -12.65
N ALA G 32 27.32 -33.04 -12.78
CA ALA G 32 26.47 -31.86 -12.90
C ALA G 32 25.04 -32.35 -12.94
N PHE G 33 24.10 -31.43 -12.74
CA PHE G 33 22.69 -31.83 -12.80
C PHE G 33 21.81 -30.60 -12.88
N THR G 34 20.56 -30.83 -13.25
CA THR G 34 19.53 -29.80 -13.29
C THR G 34 18.18 -30.47 -13.08
N VAL G 35 17.33 -29.87 -12.26
CA VAL G 35 16.02 -30.41 -11.99
C VAL G 35 14.98 -29.28 -12.10
N CYS G 36 13.76 -29.67 -12.43
CA CYS G 36 12.66 -28.73 -12.62
C CYS G 36 11.37 -29.39 -12.16
N LEU G 37 10.53 -28.62 -11.46
CA LEU G 37 9.26 -29.20 -11.03
C LEU G 37 8.27 -28.10 -10.64
N HIS G 38 7.00 -28.48 -10.63
CA HIS G 38 5.96 -27.56 -10.23
C HIS G 38 5.30 -28.13 -8.99
N PHE G 39 4.80 -27.26 -8.13
CA PHE G 39 4.17 -27.70 -6.89
C PHE G 39 3.27 -26.60 -6.36
N TYR G 40 2.36 -26.99 -5.46
CA TYR G 40 1.35 -26.08 -4.94
C TYR G 40 0.86 -26.62 -3.59
N THR G 41 1.08 -25.85 -2.53
CA THR G 41 0.65 -26.26 -1.20
C THR G 41 0.35 -25.03 -0.37
N GLU G 42 -0.46 -25.22 0.68
CA GLU G 42 -0.89 -24.14 1.56
C GLU G 42 -0.13 -24.11 2.87
N LEU G 43 0.91 -24.93 3.04
CA LEU G 43 1.69 -24.88 4.28
C LEU G 43 2.20 -23.48 4.55
N SER G 44 2.84 -22.90 3.53
CA SER G 44 3.34 -21.53 3.63
C SER G 44 4.05 -21.26 4.94
N SER G 45 3.81 -20.10 5.57
CA SER G 45 4.50 -19.76 6.81
C SER G 45 3.83 -20.44 8.01
N THR G 46 3.80 -21.77 8.01
CA THR G 46 3.31 -22.51 9.16
C THR G 46 4.40 -23.45 9.67
N ARG G 47 5.03 -24.18 8.76
CA ARG G 47 6.14 -25.07 9.10
C ARG G 47 6.93 -25.36 7.83
N GLY G 48 8.11 -25.93 8.00
CA GLY G 48 8.95 -26.29 6.88
C GLY G 48 8.55 -27.65 6.31
N TYR G 49 8.59 -27.75 4.98
CA TYR G 49 8.22 -28.98 4.29
C TYR G 49 9.27 -29.30 3.25
N SER G 50 9.42 -30.61 2.98
CA SER G 50 10.40 -31.06 1.99
C SER G 50 9.80 -31.03 0.60
N ILE G 51 10.62 -30.63 -0.37
CA ILE G 51 10.20 -30.50 -1.76
C ILE G 51 10.77 -31.64 -2.61
N PHE G 52 12.08 -31.82 -2.58
CA PHE G 52 12.73 -32.86 -3.39
C PHE G 52 13.90 -33.41 -2.59
N SER G 53 14.03 -34.73 -2.59
CA SER G 53 15.08 -35.44 -1.83
C SER G 53 15.78 -36.42 -2.73
N TYR G 54 17.08 -36.61 -2.48
CA TYR G 54 17.91 -37.51 -3.27
C TYR G 54 19.03 -37.99 -2.36
N ALA G 55 18.93 -39.24 -1.90
CA ALA G 55 19.85 -39.81 -0.94
C ALA G 55 20.68 -40.91 -1.59
N THR G 56 21.71 -41.36 -0.87
CA THR G 56 22.60 -42.41 -1.33
C THR G 56 22.90 -43.34 -0.17
N LYS G 57 23.88 -44.21 -0.35
CA LYS G 57 24.22 -45.20 0.67
C LYS G 57 25.13 -44.65 1.77
N ARG G 58 25.70 -43.46 1.58
CA ARG G 58 26.62 -42.88 2.56
C ARG G 58 26.26 -41.43 2.87
N GLN G 59 25.07 -40.98 2.49
CA GLN G 59 24.67 -39.60 2.72
C GLN G 59 23.16 -39.46 2.57
N ASP G 60 22.48 -38.88 3.55
CA ASP G 60 21.02 -38.76 3.47
C ASP G 60 20.58 -37.53 2.70
N ASN G 61 21.49 -36.58 2.48
CA ASN G 61 21.14 -35.31 1.84
C ASN G 61 22.05 -35.05 0.65
N GLU G 62 22.20 -36.06 -0.22
CA GLU G 62 23.00 -35.86 -1.43
C GLU G 62 22.49 -34.66 -2.22
N ILE G 63 21.18 -34.60 -2.43
CA ILE G 63 20.52 -33.41 -2.97
C ILE G 63 19.23 -33.20 -2.21
N LEU G 64 18.94 -31.97 -1.81
CA LEU G 64 17.69 -31.73 -1.12
C LEU G 64 17.28 -30.27 -1.26
N ILE G 65 15.98 -30.07 -1.44
CA ILE G 65 15.37 -28.74 -1.51
C ILE G 65 14.33 -28.64 -0.40
N PHE G 66 14.41 -27.58 0.40
CA PHE G 66 13.54 -27.40 1.55
C PHE G 66 13.03 -25.97 1.58
N TRP G 67 11.99 -25.74 2.39
CA TRP G 67 11.40 -24.43 2.59
C TRP G 67 11.53 -24.08 4.06
N SER G 68 12.67 -23.46 4.43
CA SER G 68 12.91 -23.14 5.82
C SER G 68 12.00 -22.00 6.27
N LYS G 69 11.31 -22.24 7.39
CA LYS G 69 10.31 -21.33 7.93
C LYS G 69 10.84 -19.92 8.09
N ASP G 70 10.24 -18.97 7.37
CA ASP G 70 10.64 -17.55 7.48
C ASP G 70 12.03 -17.26 6.93
N ILE G 71 12.75 -18.28 6.49
CA ILE G 71 14.08 -18.08 5.92
C ILE G 71 14.03 -18.09 4.40
N GLY G 72 13.35 -19.07 3.81
CA GLY G 72 13.21 -19.14 2.38
C GLY G 72 13.64 -20.49 1.86
N TYR G 73 14.03 -20.53 0.59
CA TYR G 73 14.39 -21.82 -0.01
C TYR G 73 15.78 -22.23 0.46
N SER G 74 15.96 -23.53 0.69
CA SER G 74 17.23 -24.08 1.14
C SER G 74 17.64 -25.18 0.18
N PHE G 75 18.78 -24.99 -0.48
CA PHE G 75 19.30 -25.96 -1.44
C PHE G 75 20.59 -26.54 -0.89
N THR G 76 20.63 -27.87 -0.74
CA THR G 76 21.78 -28.52 -0.14
C THR G 76 22.25 -29.68 -1.01
N VAL G 77 23.57 -29.77 -1.17
CA VAL G 77 24.23 -30.82 -1.93
C VAL G 77 25.35 -31.40 -1.08
N GLY G 78 25.44 -32.72 -1.06
CA GLY G 78 26.52 -33.42 -0.37
C GLY G 78 26.86 -32.84 0.99
N GLY G 79 25.85 -32.52 1.77
CA GLY G 79 26.05 -31.94 3.10
C GLY G 79 26.06 -30.43 3.13
N SER G 80 26.85 -29.82 2.25
CA SER G 80 26.89 -28.36 2.19
C SER G 80 25.53 -27.82 1.80
N GLU G 81 25.24 -26.60 2.27
CA GLU G 81 23.94 -26.02 2.00
C GLU G 81 23.95 -24.51 1.91
N ILE G 82 23.10 -24.00 1.02
CA ILE G 82 22.97 -22.57 0.87
C ILE G 82 21.48 -22.26 1.01
N LEU G 83 21.14 -21.00 1.17
CA LEU G 83 19.75 -20.58 1.31
C LEU G 83 19.50 -19.35 0.45
N PHE G 84 18.47 -19.42 -0.38
CA PHE G 84 17.99 -18.26 -1.09
C PHE G 84 16.83 -17.63 -0.34
N GLU G 85 16.92 -16.32 -0.11
CA GLU G 85 15.97 -15.61 0.75
C GLU G 85 14.80 -15.10 -0.08
N VAL G 86 13.61 -15.26 0.47
CA VAL G 86 12.39 -14.76 -0.15
C VAL G 86 11.72 -13.81 0.84
N PRO G 87 11.43 -12.56 0.46
CA PRO G 87 10.90 -11.61 1.46
C PRO G 87 9.48 -11.90 1.88
N GLU G 88 8.61 -12.24 0.94
CA GLU G 88 7.19 -12.45 1.23
C GLU G 88 6.73 -13.73 0.55
N VAL G 89 5.64 -14.29 1.06
CA VAL G 89 5.09 -15.55 0.60
C VAL G 89 3.68 -15.32 0.08
N THR G 90 3.35 -15.99 -1.02
CA THR G 90 2.03 -15.94 -1.63
C THR G 90 1.39 -17.34 -1.55
N VAL G 91 0.21 -17.47 -2.15
CA VAL G 91 -0.53 -18.72 -2.16
C VAL G 91 -0.96 -18.99 -3.61
N ALA G 92 -0.17 -19.79 -4.32
CA ALA G 92 -0.49 -20.15 -5.70
C ALA G 92 0.53 -21.17 -6.20
N PRO G 93 0.20 -21.94 -7.24
CA PRO G 93 1.18 -22.89 -7.77
C PRO G 93 2.45 -22.18 -8.23
N VAL G 94 3.58 -22.84 -8.01
CA VAL G 94 4.88 -22.27 -8.33
C VAL G 94 5.74 -23.31 -9.05
N HIS G 95 6.56 -22.82 -9.97
CA HIS G 95 7.48 -23.64 -10.75
C HIS G 95 8.92 -23.26 -10.39
N ILE G 96 9.76 -24.27 -10.17
CA ILE G 96 11.15 -24.03 -9.79
C ILE G 96 12.06 -24.86 -10.67
N CYS G 97 13.29 -24.35 -10.84
CA CYS G 97 14.29 -25.01 -11.69
C CYS G 97 15.66 -24.69 -11.14
N THR G 98 16.36 -25.70 -10.63
CA THR G 98 17.70 -25.51 -10.09
C THR G 98 18.73 -26.27 -10.91
N SER G 99 19.95 -25.77 -10.94
CA SER G 99 21.03 -26.40 -11.71
C SER G 99 22.35 -26.19 -11.00
N TRP G 100 23.20 -27.22 -11.05
CA TRP G 100 24.51 -27.19 -10.41
C TRP G 100 25.53 -27.87 -11.31
N GLU G 101 26.76 -27.38 -11.24
CA GLU G 101 27.87 -27.89 -12.03
C GLU G 101 29.07 -28.12 -11.13
N SER G 102 29.90 -29.10 -11.51
CA SER G 102 31.03 -29.47 -10.66
C SER G 102 32.23 -28.55 -10.90
N ALA G 103 32.74 -28.51 -12.13
CA ALA G 103 33.96 -27.76 -12.40
C ALA G 103 33.81 -26.30 -12.01
N SER G 104 32.74 -25.66 -12.48
CA SER G 104 32.48 -24.25 -12.15
C SER G 104 32.10 -24.09 -10.70
N GLY G 105 31.37 -25.06 -10.15
CA GLY G 105 30.90 -24.94 -8.79
C GLY G 105 29.95 -23.79 -8.58
N ILE G 106 28.98 -23.62 -9.49
CA ILE G 106 28.03 -22.53 -9.44
C ILE G 106 26.63 -23.12 -9.41
N VAL G 107 25.74 -22.49 -8.63
CA VAL G 107 24.37 -22.94 -8.46
C VAL G 107 23.44 -21.86 -9.01
N GLU G 108 22.49 -22.25 -9.85
CA GLU G 108 21.47 -21.36 -10.37
C GLU G 108 20.10 -21.85 -9.93
N PHE G 109 19.22 -20.91 -9.58
CA PHE G 109 17.91 -21.23 -8.99
C PHE G 109 16.87 -20.29 -9.58
N TRP G 110 16.22 -20.73 -10.65
CA TRP G 110 15.12 -19.97 -11.24
C TRP G 110 13.82 -20.30 -10.55
N VAL G 111 13.09 -19.25 -10.17
CA VAL G 111 11.79 -19.38 -9.49
C VAL G 111 10.77 -18.60 -10.29
N ASP G 112 9.76 -19.31 -10.81
CA ASP G 112 8.65 -18.68 -11.53
C ASP G 112 9.15 -17.81 -12.68
N GLY G 113 10.18 -18.29 -13.36
CA GLY G 113 10.72 -17.62 -14.53
C GLY G 113 11.83 -16.63 -14.25
N LYS G 114 11.70 -15.85 -13.18
CA LYS G 114 12.73 -14.88 -12.85
C LYS G 114 13.95 -15.59 -12.26
N PRO G 115 15.16 -15.17 -12.61
CA PRO G 115 16.36 -15.79 -12.03
C PRO G 115 16.83 -15.08 -10.78
N ARG G 116 17.63 -15.81 -9.99
CA ARG G 116 18.25 -15.29 -8.79
C ARG G 116 19.75 -15.21 -8.97
N VAL G 117 20.40 -14.49 -8.05
CA VAL G 117 21.85 -14.31 -8.13
C VAL G 117 22.55 -15.66 -8.04
N ARG G 118 23.64 -15.79 -8.80
CA ARG G 118 24.41 -17.02 -8.77
C ARG G 118 25.23 -17.12 -7.50
N LYS G 119 25.55 -18.35 -7.11
CA LYS G 119 26.31 -18.58 -5.89
C LYS G 119 27.17 -19.83 -6.08
N SER G 120 28.21 -19.93 -5.24
CA SER G 120 29.18 -21.01 -5.32
C SER G 120 28.90 -22.05 -4.23
N LEU G 121 29.13 -23.32 -4.55
CA LEU G 121 28.87 -24.40 -3.61
C LEU G 121 29.55 -25.69 -4.04
N LYS G 122 30.34 -26.28 -3.15
CA LYS G 122 30.90 -27.62 -3.34
C LYS G 122 31.69 -27.71 -4.66
N LYS G 123 32.77 -26.95 -4.71
CA LYS G 123 33.59 -26.96 -5.91
C LYS G 123 34.42 -28.22 -5.99
N GLY G 124 34.39 -28.87 -7.14
CA GLY G 124 35.20 -30.05 -7.38
C GLY G 124 34.82 -31.25 -6.53
N TYR G 125 33.64 -31.81 -6.77
CA TYR G 125 33.18 -32.97 -6.02
C TYR G 125 32.07 -33.65 -6.81
N THR G 126 32.13 -34.98 -6.83
CA THR G 126 31.22 -35.79 -7.64
C THR G 126 30.04 -36.27 -6.81
N VAL G 127 29.04 -36.81 -7.51
CA VAL G 127 27.82 -37.32 -6.90
C VAL G 127 27.69 -38.80 -7.27
N GLY G 128 27.23 -39.59 -6.31
CA GLY G 128 27.11 -41.02 -6.51
C GLY G 128 26.01 -41.36 -7.51
N ALA G 129 25.92 -42.66 -7.80
CA ALA G 129 24.96 -43.19 -8.77
C ALA G 129 23.82 -43.94 -8.14
N GLU G 130 24.11 -44.95 -7.31
CA GLU G 130 23.06 -45.69 -6.61
C GLU G 130 22.28 -44.72 -5.73
N ALA G 131 21.01 -44.51 -6.06
CA ALA G 131 20.20 -43.51 -5.38
C ALA G 131 18.78 -44.03 -5.21
N SER G 132 18.08 -43.45 -4.24
CA SER G 132 16.69 -43.76 -3.97
C SER G 132 15.95 -42.42 -3.85
N ILE G 133 15.25 -42.05 -4.91
CA ILE G 133 14.59 -40.75 -4.99
C ILE G 133 13.18 -40.89 -4.41
N ILE G 134 13.04 -40.46 -3.15
CA ILE G 134 11.74 -40.49 -2.52
C ILE G 134 11.09 -39.13 -2.66
N LEU G 135 9.77 -39.17 -2.89
CA LEU G 135 9.00 -37.94 -3.03
C LEU G 135 7.87 -37.98 -2.03
N GLY G 136 7.68 -36.89 -1.30
CA GLY G 136 6.63 -36.77 -0.29
C GLY G 136 7.17 -36.58 1.11
N GLN G 137 8.26 -37.26 1.45
CA GLN G 137 8.82 -37.21 2.80
C GLN G 137 10.32 -37.03 2.72
N GLU G 138 10.85 -36.19 3.61
CA GLU G 138 12.31 -36.10 3.76
C GLU G 138 12.83 -37.36 4.41
N GLN G 139 13.99 -37.82 3.95
CA GLN G 139 14.60 -39.05 4.43
C GLN G 139 15.93 -38.75 5.09
N ASP G 140 16.18 -39.39 6.23
CA ASP G 140 17.46 -39.31 6.92
C ASP G 140 18.27 -40.59 6.75
N SER G 141 17.88 -41.44 5.82
CA SER G 141 18.61 -42.67 5.52
C SER G 141 18.18 -43.16 4.15
N PHE G 142 18.87 -44.18 3.66
CA PHE G 142 18.59 -44.67 2.31
C PHE G 142 17.17 -45.18 2.17
N GLY G 143 16.58 -45.65 3.26
CA GLY G 143 15.23 -46.21 3.20
C GLY G 143 14.17 -45.25 3.71
N GLY G 144 13.67 -45.50 4.91
CA GLY G 144 12.63 -44.67 5.49
C GLY G 144 13.16 -43.61 6.43
N ASN G 145 12.98 -43.81 7.73
CA ASN G 145 13.42 -42.86 8.76
C ASN G 145 12.81 -41.48 8.54
N PHE G 146 11.58 -41.43 8.04
CA PHE G 146 10.93 -40.17 7.76
C PHE G 146 10.58 -39.45 9.07
N GLU G 147 10.26 -38.16 8.93
CA GLU G 147 9.86 -37.36 10.07
C GLU G 147 8.53 -36.71 9.72
N GLY G 148 7.49 -36.99 10.48
CA GLY G 148 6.17 -36.48 10.16
C GLY G 148 6.11 -34.96 10.16
N SER G 149 6.93 -34.31 10.98
CA SER G 149 6.91 -32.85 11.04
C SER G 149 7.32 -32.23 9.71
N GLN G 150 8.14 -32.93 8.92
CA GLN G 150 8.67 -32.40 7.68
C GLN G 150 7.90 -32.89 6.46
N SER G 151 6.75 -33.53 6.65
CA SER G 151 5.99 -34.04 5.53
C SER G 151 5.38 -32.90 4.71
N LEU G 152 4.94 -33.24 3.50
CA LEU G 152 4.34 -32.28 2.58
C LEU G 152 2.87 -32.61 2.37
N VAL G 153 2.03 -31.58 2.37
CA VAL G 153 0.60 -31.72 2.14
C VAL G 153 0.25 -30.75 1.01
N GLY G 154 -0.11 -31.28 -0.15
CA GLY G 154 -0.44 -30.45 -1.29
C GLY G 154 -0.42 -31.23 -2.60
N ASP G 155 0.08 -30.61 -3.66
CA ASP G 155 0.17 -31.24 -4.97
C ASP G 155 1.54 -30.94 -5.58
N ILE G 156 2.05 -31.88 -6.37
CA ILE G 156 3.32 -31.69 -7.02
C ILE G 156 3.30 -32.49 -8.32
N GLY G 157 4.01 -32.02 -9.33
CA GLY G 157 4.07 -32.70 -10.61
C GLY G 157 5.05 -32.04 -11.55
N ASN G 158 5.18 -32.65 -12.73
CA ASN G 158 6.06 -32.15 -13.78
C ASN G 158 7.52 -32.16 -13.32
N VAL G 159 7.96 -33.31 -12.81
CA VAL G 159 9.32 -33.48 -12.31
C VAL G 159 10.19 -33.94 -13.47
N ASN G 160 11.18 -33.11 -13.83
CA ASN G 160 12.12 -33.47 -14.88
C ASN G 160 13.52 -33.25 -14.38
N MET G 161 14.49 -33.96 -14.95
CA MET G 161 15.87 -33.86 -14.50
C MET G 161 16.80 -34.20 -15.65
N TRP G 162 17.79 -33.34 -15.88
CA TRP G 162 18.85 -33.56 -16.86
C TRP G 162 20.19 -33.68 -16.15
N ASP G 163 21.10 -34.44 -16.75
CA ASP G 163 22.43 -34.60 -16.17
C ASP G 163 23.31 -33.38 -16.42
N PHE G 164 23.19 -32.74 -17.59
CA PHE G 164 24.00 -31.57 -17.90
C PHE G 164 23.28 -30.31 -17.44
N VAL G 165 23.79 -29.15 -17.82
CA VAL G 165 23.27 -27.86 -17.38
C VAL G 165 22.58 -27.19 -18.55
N LEU G 166 21.36 -26.72 -18.33
CA LEU G 166 20.59 -26.05 -19.36
C LEU G 166 21.02 -24.58 -19.48
N SER G 167 20.61 -23.96 -20.58
CA SER G 167 20.86 -22.56 -20.85
C SER G 167 19.61 -21.74 -20.58
N PRO G 168 19.74 -20.43 -20.40
CA PRO G 168 18.55 -19.63 -20.06
C PRO G 168 17.42 -19.77 -21.06
N ASP G 169 17.75 -19.85 -22.34
CA ASP G 169 16.73 -20.04 -23.35
C ASP G 169 15.98 -21.34 -23.10
N GLU G 170 16.71 -22.41 -22.85
CA GLU G 170 16.10 -23.70 -22.59
C GLU G 170 15.16 -23.63 -21.38
N ILE G 171 15.59 -22.94 -20.32
CA ILE G 171 14.76 -22.82 -19.14
C ILE G 171 13.49 -22.04 -19.47
N ASN G 172 13.62 -20.98 -20.26
CA ASN G 172 12.44 -20.21 -20.66
C ASN G 172 11.46 -21.06 -21.46
N THR G 173 11.99 -21.87 -22.39
CA THR G 173 11.11 -22.75 -23.16
C THR G 173 10.44 -23.77 -22.26
N ILE G 174 11.16 -24.30 -21.28
CA ILE G 174 10.56 -25.22 -20.31
C ILE G 174 9.42 -24.54 -19.58
N TYR G 175 9.65 -23.30 -19.14
CA TYR G 175 8.62 -22.56 -18.43
C TYR G 175 7.38 -22.35 -19.30
N LEU G 176 7.61 -22.03 -20.57
CA LEU G 176 6.51 -21.76 -21.48
C LEU G 176 5.75 -23.02 -21.87
N GLY G 177 6.32 -24.19 -21.62
CA GLY G 177 5.64 -25.44 -21.91
C GLY G 177 5.85 -25.91 -23.33
N GLY G 178 7.11 -25.96 -23.77
CA GLY G 178 7.44 -26.46 -25.08
C GLY G 178 7.92 -27.89 -25.03
N PRO G 179 8.38 -28.41 -26.16
CA PRO G 179 8.94 -29.77 -26.17
C PRO G 179 10.34 -29.82 -25.56
N PHE G 180 10.73 -30.99 -25.07
CA PHE G 180 12.06 -31.15 -24.50
C PHE G 180 12.28 -32.63 -24.24
N SER G 181 13.54 -33.05 -24.15
CA SER G 181 13.85 -34.47 -23.96
C SER G 181 14.75 -34.70 -22.78
N PRO G 182 14.18 -35.08 -21.64
CA PRO G 182 15.05 -35.41 -20.50
C PRO G 182 15.81 -36.69 -20.76
N ASN G 183 16.79 -36.95 -19.88
CA ASN G 183 17.61 -38.14 -19.99
C ASN G 183 17.85 -38.84 -18.67
N VAL G 184 17.30 -38.35 -17.56
CA VAL G 184 17.47 -38.99 -16.26
C VAL G 184 16.10 -39.36 -15.71
N LEU G 185 15.26 -38.33 -15.50
CA LEU G 185 13.90 -38.54 -15.04
C LEU G 185 12.96 -37.82 -16.00
N ASN G 186 12.19 -38.57 -16.79
CA ASN G 186 11.29 -38.01 -17.79
C ASN G 186 9.86 -38.17 -17.28
N TRP G 187 9.16 -37.05 -17.12
CA TRP G 187 7.78 -37.08 -16.66
C TRP G 187 6.87 -37.78 -17.67
N ARG G 188 7.28 -37.87 -18.93
CA ARG G 188 6.47 -38.50 -19.96
C ARG G 188 6.68 -40.01 -20.04
N ALA G 189 7.76 -40.53 -19.45
CA ALA G 189 8.03 -41.97 -19.43
C ALA G 189 8.48 -42.38 -18.04
N LEU G 190 7.75 -41.92 -17.03
CA LEU G 190 8.13 -42.14 -15.65
C LEU G 190 7.91 -43.62 -15.26
N LYS G 191 8.62 -44.03 -14.21
CA LYS G 191 8.46 -45.37 -13.65
C LYS G 191 8.59 -45.23 -12.14
N TYR G 192 7.52 -45.54 -11.41
CA TYR G 192 7.44 -45.18 -10.01
C TYR G 192 6.71 -46.25 -9.22
N GLU G 193 6.96 -46.25 -7.91
CA GLU G 193 6.18 -47.00 -6.94
C GLU G 193 5.55 -46.04 -5.95
N VAL G 194 4.50 -46.48 -5.27
CA VAL G 194 3.77 -45.62 -4.35
C VAL G 194 3.33 -46.45 -3.15
N GLN G 195 3.31 -45.82 -1.98
CA GLN G 195 2.80 -46.46 -0.77
C GLN G 195 2.10 -45.43 0.08
N GLY G 196 1.00 -45.84 0.71
CA GLY G 196 0.23 -44.97 1.57
C GLY G 196 -0.92 -44.29 0.85
N GLU G 197 -1.31 -43.14 1.42
CA GLU G 197 -2.42 -42.37 0.87
C GLU G 197 -1.91 -41.37 -0.15
N VAL G 198 -1.82 -41.79 -1.38
CA VAL G 198 -1.42 -40.93 -2.48
C VAL G 198 -2.35 -41.20 -3.65
N PHE G 199 -2.79 -40.13 -4.31
CA PHE G 199 -3.75 -40.25 -5.39
C PHE G 199 -3.22 -39.57 -6.65
N THR G 200 -3.77 -39.95 -7.80
CA THR G 200 -3.37 -39.30 -9.04
C THR G 200 -4.60 -38.63 -9.61
N LYS G 201 -4.50 -37.34 -9.87
CA LYS G 201 -5.62 -36.54 -10.34
C LYS G 201 -5.11 -35.48 -11.30
N PRO G 202 -5.97 -34.95 -12.16
CA PRO G 202 -5.52 -33.92 -13.11
C PRO G 202 -4.94 -32.70 -12.39
N GLN G 203 -3.92 -32.12 -13.01
CA GLN G 203 -3.24 -30.97 -12.41
C GLN G 203 -4.15 -29.75 -12.43
N LEU G 204 -4.19 -29.03 -11.31
CA LEU G 204 -5.01 -27.83 -11.23
C LEU G 204 -4.38 -26.69 -12.01
N TRP G 205 -3.07 -26.48 -11.86
CA TRP G 205 -2.41 -25.37 -12.52
C TRP G 205 -2.46 -25.55 -14.04
N PRO G 206 -2.46 -24.44 -14.79
CA PRO G 206 -2.56 -24.52 -16.25
C PRO G 206 -1.41 -25.29 -16.89
N HIS H 3 32.80 -37.98 23.09
CA HIS H 3 31.55 -37.68 22.41
C HIS H 3 31.56 -36.24 21.87
N VAL H 4 30.40 -35.60 21.86
CA VAL H 4 30.34 -34.21 21.42
C VAL H 4 30.42 -33.29 22.62
N GLN H 5 31.32 -32.31 22.55
CA GLN H 5 31.43 -31.28 23.59
C GLN H 5 31.53 -29.93 22.92
N LEU H 6 30.77 -28.96 23.44
CA LEU H 6 30.77 -27.59 22.94
C LEU H 6 31.32 -26.67 24.02
N VAL H 7 32.34 -25.89 23.68
CA VAL H 7 33.02 -25.00 24.62
C VAL H 7 32.87 -23.56 24.14
N GLU H 8 32.33 -22.71 25.00
CA GLU H 8 32.17 -21.30 24.72
C GLU H 8 33.21 -20.50 25.49
N SER H 9 33.70 -19.43 24.86
CA SER H 9 34.71 -18.59 25.49
C SER H 9 34.58 -17.17 24.94
N GLY H 10 35.25 -16.23 25.60
CA GLY H 10 35.22 -14.85 25.18
C GLY H 10 33.94 -14.13 25.52
N GLY H 11 33.67 -13.98 26.82
CA GLY H 11 32.48 -13.29 27.27
C GLY H 11 32.72 -12.60 28.59
N GLY H 12 31.85 -11.64 28.90
CA GLY H 12 31.96 -10.88 30.13
C GLY H 12 31.09 -9.63 30.15
N LEU H 13 31.60 -8.56 30.75
CA LEU H 13 30.88 -7.30 30.84
C LEU H 13 31.80 -6.16 30.43
N VAL H 14 31.23 -5.16 29.77
CA VAL H 14 31.98 -3.99 29.31
C VAL H 14 31.09 -2.75 29.42
N LEU H 15 31.73 -1.60 29.47
CA LEU H 15 30.99 -0.35 29.52
C LEU H 15 30.28 -0.12 28.20
N PRO H 16 29.32 0.80 28.19
CA PRO H 16 28.55 1.03 26.95
C PRO H 16 29.41 1.60 25.84
N GLY H 17 29.15 1.15 24.62
CA GLY H 17 29.90 1.58 23.46
C GLY H 17 31.14 0.76 23.16
N GLY H 18 31.46 -0.23 24.00
CA GLY H 18 32.63 -1.06 23.80
C GLY H 18 32.41 -2.14 22.77
N SER H 19 33.26 -3.17 22.83
CA SER H 19 33.16 -4.29 21.91
C SER H 19 33.76 -5.52 22.55
N LEU H 20 33.40 -6.68 22.00
CA LEU H 20 33.85 -7.97 22.50
C LEU H 20 33.79 -8.97 21.36
N ARG H 21 34.28 -10.18 21.61
CA ARG H 21 34.25 -11.24 20.61
C ARG H 21 34.11 -12.57 21.33
N LEU H 22 33.18 -13.40 20.83
CA LEU H 22 32.91 -14.70 21.42
C LEU H 22 33.31 -15.82 20.47
N SER H 23 33.79 -16.91 21.05
CA SER H 23 34.25 -18.06 20.28
C SER H 23 33.51 -19.30 20.75
N CYS H 24 32.99 -20.07 19.80
CA CYS H 24 32.23 -21.28 20.09
C CYS H 24 32.99 -22.46 19.48
N GLU H 25 33.95 -22.99 20.23
CA GLU H 25 34.70 -24.13 19.75
C GLU H 25 33.89 -25.41 19.94
N ALA H 26 34.08 -26.35 19.01
CA ALA H 26 33.36 -27.61 19.02
C ALA H 26 34.33 -28.77 18.89
N SER H 27 33.89 -29.93 19.35
CA SER H 27 34.68 -31.15 19.26
C SER H 27 33.74 -32.31 18.93
N GLY H 28 34.25 -33.27 18.17
CA GLY H 28 33.43 -34.37 17.72
C GLY H 28 32.64 -34.03 16.48
N ILE H 29 31.87 -32.94 16.53
CA ILE H 29 31.13 -32.49 15.37
C ILE H 29 32.02 -31.59 14.51
N SER H 30 31.65 -31.45 13.23
CA SER H 30 32.43 -30.68 12.28
C SER H 30 31.55 -29.60 11.66
N PHE H 31 32.06 -28.37 11.64
CA PHE H 31 31.32 -27.27 11.02
C PHE H 31 31.30 -27.34 9.51
N SER H 32 32.08 -28.24 8.91
CA SER H 32 32.10 -28.35 7.45
C SER H 32 30.73 -28.72 6.91
N SER H 33 30.05 -29.66 7.56
CA SER H 33 28.73 -30.12 7.14
C SER H 33 27.67 -29.79 8.18
N ASN H 34 27.75 -28.60 8.76
CA ASN H 34 26.80 -28.16 9.77
C ASN H 34 26.70 -26.64 9.73
N ALA H 35 25.79 -26.10 10.53
CA ALA H 35 25.57 -24.67 10.62
C ALA H 35 25.50 -24.26 12.08
N VAL H 36 26.06 -23.11 12.41
CA VAL H 36 26.13 -22.65 13.79
C VAL H 36 25.36 -21.35 13.94
N GLY H 37 25.08 -20.96 15.19
CA GLY H 37 24.38 -19.72 15.43
C GLY H 37 24.28 -19.34 16.89
N TRP H 38 24.15 -18.04 17.14
CA TRP H 38 24.04 -17.50 18.50
C TRP H 38 22.64 -16.97 18.73
N TYR H 39 22.03 -17.39 19.83
CA TYR H 39 20.70 -16.97 20.22
C TYR H 39 20.75 -16.28 21.58
N ARG H 40 19.84 -15.32 21.75
CA ARG H 40 19.75 -14.50 22.95
C ARG H 40 18.72 -15.08 23.91
N GLN H 41 18.58 -14.45 25.07
CA GLN H 41 17.58 -14.82 26.06
C GLN H 41 16.37 -13.92 25.94
N ALA H 42 15.23 -14.41 26.40
CA ALA H 42 13.98 -13.65 26.30
C ALA H 42 12.99 -14.16 27.33
N PRO H 43 11.83 -13.49 27.48
CA PRO H 43 10.83 -13.95 28.45
C PRO H 43 10.38 -15.37 28.16
N GLY H 44 10.11 -16.14 29.21
CA GLY H 44 9.79 -17.55 29.03
C GLY H 44 11.00 -18.35 28.61
N ASN H 45 10.79 -19.28 27.69
CA ASN H 45 11.84 -20.11 27.14
C ASN H 45 12.04 -19.84 25.65
N GLN H 46 11.96 -18.57 25.27
CA GLN H 46 12.07 -18.15 23.86
C GLN H 46 13.48 -17.60 23.62
N ARG H 47 14.36 -18.44 23.11
CA ARG H 47 15.62 -17.95 22.59
C ARG H 47 15.39 -17.24 21.26
N THR H 48 16.05 -16.11 21.07
CA THR H 48 15.83 -15.26 19.92
C THR H 48 17.02 -15.32 18.97
N LEU H 49 16.72 -15.30 17.67
CA LEU H 49 17.77 -15.37 16.67
C LEU H 49 18.63 -14.11 16.71
N VAL H 50 19.94 -14.30 16.67
CA VAL H 50 20.90 -13.19 16.66
C VAL H 50 21.72 -13.20 15.37
N ALA H 51 22.45 -14.28 15.12
CA ALA H 51 23.25 -14.42 13.90
C ALA H 51 23.60 -15.89 13.72
N VAL H 52 23.37 -16.39 12.51
CA VAL H 52 23.59 -17.79 12.18
C VAL H 52 24.33 -17.88 10.86
N ILE H 53 25.31 -18.79 10.82
CA ILE H 53 26.04 -19.03 9.58
C ILE H 53 25.89 -20.50 9.19
N SER H 54 25.48 -20.74 7.96
CA SER H 54 25.26 -22.08 7.44
C SER H 54 26.57 -22.69 6.97
N SER H 55 26.53 -23.99 6.67
CA SER H 55 27.73 -24.68 6.21
C SER H 55 28.23 -24.09 4.90
N GLY H 56 27.32 -23.80 3.97
CA GLY H 56 27.74 -23.29 2.67
C GLY H 56 28.46 -21.97 2.77
N GLY H 57 27.96 -21.05 3.59
CA GLY H 57 28.57 -19.76 3.73
C GLY H 57 27.58 -18.62 3.89
N SER H 58 26.34 -18.86 3.48
CA SER H 58 25.30 -17.85 3.65
C SER H 58 25.04 -17.62 5.13
N THR H 59 24.76 -16.36 5.45
CA THR H 59 24.48 -16.02 6.84
C THR H 59 23.19 -15.24 6.98
N VAL H 60 22.59 -15.35 8.15
CA VAL H 60 21.33 -14.68 8.46
C VAL H 60 21.49 -13.96 9.80
N TYR H 61 21.25 -12.65 9.80
CA TYR H 61 21.35 -11.84 11.00
C TYR H 61 19.96 -11.47 11.52
N GLY H 62 19.90 -11.16 12.82
CA GLY H 62 18.64 -10.76 13.40
C GLY H 62 18.12 -9.46 12.81
N ASP H 63 16.79 -9.32 12.85
CA ASP H 63 16.16 -8.13 12.27
C ASP H 63 16.62 -6.86 12.96
N SER H 64 16.65 -6.88 14.29
CA SER H 64 17.05 -5.69 15.03
C SER H 64 18.53 -5.38 14.85
N VAL H 65 19.36 -6.41 14.74
CA VAL H 65 20.81 -6.24 14.73
C VAL H 65 21.33 -6.20 13.29
N ARG H 66 20.45 -5.96 12.33
CA ARG H 66 20.84 -5.91 10.94
C ARG H 66 22.04 -4.99 10.74
N GLY H 67 23.15 -5.56 10.30
CA GLY H 67 24.34 -4.77 10.05
C GLY H 67 24.94 -4.11 11.28
N ARG H 68 25.04 -4.86 12.38
CA ARG H 68 25.65 -4.33 13.59
C ARG H 68 26.92 -5.06 14.00
N PHE H 69 26.70 -6.49 13.97
CA PHE H 69 27.82 -7.36 14.29
C PHE H 69 28.24 -8.19 13.08
N THR H 70 29.35 -8.97 13.22
CA THR H 70 29.74 -9.86 12.13
C THR H 70 30.09 -11.24 12.70
N ILE H 71 29.56 -12.27 12.08
CA ILE H 71 29.86 -13.65 12.46
C ILE H 71 30.73 -14.28 11.37
N SER H 72 31.57 -15.22 11.77
CA SER H 72 32.45 -15.89 10.83
C SER H 72 32.88 -17.22 11.42
N LYS H 73 33.44 -18.08 10.57
CA LYS H 73 33.82 -19.42 10.98
C LYS H 73 35.18 -19.76 10.39
N ASP H 74 35.77 -20.82 10.93
CA ASP H 74 37.06 -21.29 10.43
C ASP H 74 37.07 -22.80 10.56
N ASN H 75 36.99 -23.50 9.43
CA ASN H 75 36.99 -24.96 9.46
C ASN H 75 38.30 -25.57 9.99
N PRO H 76 39.46 -25.10 9.49
CA PRO H 76 40.72 -25.71 9.94
C PRO H 76 40.75 -26.04 11.42
N LYS H 77 40.51 -25.05 12.28
CA LYS H 77 40.41 -25.27 13.71
C LYS H 77 38.97 -25.46 14.18
N ASN H 78 38.01 -25.46 13.25
CA ASN H 78 36.61 -25.74 13.55
C ASN H 78 36.11 -24.84 14.69
N THR H 79 36.22 -23.53 14.47
CA THR H 79 35.81 -22.58 15.51
C THR H 79 35.07 -21.42 14.87
N ALA H 80 34.02 -20.96 15.55
CA ALA H 80 33.19 -19.86 15.07
C ALA H 80 33.38 -18.65 15.97
N TYR H 81 33.61 -17.49 15.35
CA TYR H 81 33.84 -16.25 16.07
C TYR H 81 32.76 -15.24 15.71
N LEU H 82 32.15 -14.65 16.74
CA LEU H 82 31.18 -13.57 16.57
C LEU H 82 31.76 -12.31 17.20
N LEU H 83 31.93 -11.26 16.39
CA LEU H 83 32.49 -10.01 16.84
C LEU H 83 31.39 -8.99 17.06
N MET H 84 31.15 -8.63 18.31
CA MET H 84 30.13 -7.64 18.66
C MET H 84 30.82 -6.30 18.91
N ASN H 85 30.30 -5.25 18.29
CA ASN H 85 30.82 -3.91 18.50
C ASN H 85 29.66 -2.93 18.52
N ASN H 86 29.81 -1.84 19.26
CA ASN H 86 28.79 -0.81 19.35
C ASN H 86 27.49 -1.40 19.92
N LEU H 87 27.62 -1.89 21.14
CA LEU H 87 26.48 -2.50 21.79
C LEU H 87 25.82 -1.56 22.75
N LYS H 88 24.51 -1.50 22.70
CA LYS H 88 23.74 -0.67 23.61
C LYS H 88 23.46 -1.42 24.90
N PRO H 89 23.07 -0.70 25.96
CA PRO H 89 22.84 -1.36 27.25
C PRO H 89 21.80 -2.47 27.19
N GLU H 90 20.76 -2.30 26.38
CA GLU H 90 19.70 -3.30 26.30
C GLU H 90 20.20 -4.64 25.79
N ASP H 91 21.36 -4.67 25.13
CA ASP H 91 21.89 -5.90 24.57
C ASP H 91 22.35 -6.88 25.64
N THR H 92 22.45 -6.45 26.90
CA THR H 92 22.91 -7.34 27.96
C THR H 92 21.92 -8.49 28.17
N GLY H 93 22.46 -9.62 28.60
CA GLY H 93 21.62 -10.78 28.86
C GLY H 93 22.42 -12.06 28.80
N VAL H 94 21.75 -13.14 28.40
CA VAL H 94 22.33 -14.46 28.31
C VAL H 94 22.36 -14.88 26.86
N TYR H 95 23.53 -15.36 26.41
CA TYR H 95 23.73 -15.76 25.03
C TYR H 95 24.18 -17.21 24.97
N TYR H 96 23.73 -17.91 23.92
CA TYR H 96 24.11 -19.29 23.71
C TYR H 96 24.52 -19.48 22.26
N CYS H 97 25.44 -20.42 22.03
CA CYS H 97 25.88 -20.78 20.69
C CYS H 97 25.59 -22.25 20.47
N ASN H 98 24.86 -22.54 19.39
CA ASN H 98 24.45 -23.91 19.09
C ASN H 98 24.77 -24.26 17.64
N VAL H 99 24.76 -25.56 17.36
CA VAL H 99 25.06 -26.10 16.04
C VAL H 99 24.00 -27.11 15.66
N ASP H 100 23.67 -27.17 14.38
CA ASP H 100 22.68 -28.11 13.87
C ASP H 100 23.00 -28.45 12.43
N ARG H 101 22.40 -29.53 11.94
CA ARG H 101 22.68 -29.98 10.58
C ARG H 101 22.22 -28.99 9.52
N ARG H 102 21.36 -28.03 9.87
CA ARG H 102 20.89 -27.06 8.90
C ARG H 102 20.21 -25.92 9.64
N VAL H 103 20.47 -24.69 9.19
CA VAL H 103 19.83 -23.52 9.80
C VAL H 103 18.33 -23.73 9.83
N HIS H 104 17.73 -23.54 11.00
CA HIS H 104 16.32 -23.87 11.20
C HIS H 104 15.57 -22.78 11.95
N ALA H 105 16.02 -21.53 11.87
CA ALA H 105 15.34 -20.44 12.56
C ALA H 105 15.12 -20.80 14.02
N LEU H 106 13.87 -20.77 14.47
CA LEU H 106 13.57 -21.16 15.83
C LEU H 106 14.24 -22.49 16.08
N PRO H 107 14.96 -22.59 17.19
CA PRO H 107 15.72 -23.83 17.44
C PRO H 107 14.86 -25.08 17.51
N ARG H 108 15.50 -26.24 17.50
CA ARG H 108 14.80 -27.51 17.52
C ARG H 108 15.43 -28.39 18.59
N SER H 109 14.66 -29.39 19.04
CA SER H 109 15.03 -30.20 20.19
C SER H 109 16.39 -30.87 20.04
N GLN H 110 16.62 -31.54 18.91
CA GLN H 110 17.87 -32.28 18.73
C GLN H 110 19.08 -31.36 18.77
N SER H 111 18.97 -30.18 18.18
CA SER H 111 20.07 -29.24 18.12
C SER H 111 20.74 -29.05 19.47
N TYR H 112 22.05 -29.31 19.54
CA TYR H 112 22.80 -29.11 20.77
C TYR H 112 22.84 -27.63 21.12
N TRP H 113 22.82 -27.33 22.42
CA TRP H 113 22.71 -25.95 22.86
C TRP H 113 24.04 -25.35 23.29
N GLY H 114 24.82 -26.04 24.12
CA GLY H 114 26.15 -25.58 24.45
C GLY H 114 26.23 -24.60 25.61
N ARG H 115 25.79 -25.04 26.79
CA ARG H 115 25.88 -24.20 27.98
C ARG H 115 25.32 -22.81 27.79
N GLY H 116 26.17 -21.80 27.94
CA GLY H 116 25.71 -20.43 27.83
C GLY H 116 26.76 -19.46 28.33
N THR H 117 26.41 -18.18 28.26
CA THR H 117 27.30 -17.12 28.68
C THR H 117 26.50 -15.88 29.05
N GLN H 118 27.14 -15.00 29.82
CA GLN H 118 26.52 -13.80 30.36
C GLN H 118 27.24 -12.56 29.84
N VAL H 119 26.48 -11.57 29.38
CA VAL H 119 27.06 -10.33 28.86
C VAL H 119 26.36 -9.16 29.54
N THR H 120 27.16 -8.22 30.03
CA THR H 120 26.61 -7.05 30.70
C THR H 120 27.03 -5.77 30.00
N VAL H 121 26.12 -4.83 29.90
CA VAL H 121 26.37 -3.56 29.23
C VAL H 121 26.31 -2.44 30.27
N SER H 122 26.69 -2.75 31.50
CA SER H 122 26.64 -1.77 32.58
C SER H 122 27.48 -0.55 32.24
N SER H 123 26.95 0.63 32.55
CA SER H 123 27.65 1.88 32.30
C SER H 123 28.54 2.25 33.48
N GLN I 1 41.17 -10.21 -30.35
CA GLN I 1 39.84 -9.73 -29.88
C GLN I 1 38.87 -10.89 -29.79
N THR I 2 37.74 -10.67 -29.12
CA THR I 2 36.72 -11.69 -28.98
C THR I 2 35.36 -10.99 -28.86
N ASP I 3 34.30 -11.73 -29.18
CA ASP I 3 32.94 -11.23 -29.14
C ASP I 3 32.25 -11.78 -27.90
N MET I 4 32.00 -10.91 -26.92
CA MET I 4 31.31 -11.27 -25.69
C MET I 4 29.79 -11.22 -25.83
N SER I 5 29.25 -11.27 -27.05
CA SER I 5 27.81 -11.19 -27.23
C SER I 5 27.14 -12.33 -26.48
N ARG I 6 26.08 -11.99 -25.73
CA ARG I 6 25.34 -12.97 -24.95
C ARG I 6 26.24 -13.68 -23.94
N LYS I 7 27.24 -12.98 -23.42
CA LYS I 7 28.14 -13.53 -22.42
C LYS I 7 28.31 -12.51 -21.30
N ALA I 8 28.63 -13.00 -20.11
CA ALA I 8 28.74 -12.14 -18.94
C ALA I 8 29.76 -12.72 -17.97
N PHE I 9 30.49 -11.83 -17.32
CA PHE I 9 31.41 -12.24 -16.26
C PHE I 9 30.65 -12.47 -14.96
N VAL I 10 31.13 -13.44 -14.19
CA VAL I 10 30.52 -13.84 -12.93
C VAL I 10 31.61 -13.90 -11.87
N PHE I 11 31.36 -13.26 -10.74
CA PHE I 11 32.22 -13.30 -9.56
C PHE I 11 31.54 -14.14 -8.50
N PRO I 12 32.00 -15.36 -8.22
CA PRO I 12 31.25 -16.24 -7.31
C PRO I 12 31.25 -15.76 -5.87
N LYS I 13 32.42 -15.47 -5.32
CA LYS I 13 32.57 -15.16 -3.90
C LYS I 13 33.31 -13.85 -3.73
N GLU I 14 33.01 -13.16 -2.63
CA GLU I 14 33.70 -11.92 -2.34
C GLU I 14 35.13 -12.21 -1.97
N SER I 15 36.04 -11.36 -2.41
CA SER I 15 37.47 -11.52 -2.14
C SER I 15 38.17 -10.21 -2.50
N ASP I 16 39.50 -10.23 -2.48
CA ASP I 16 40.29 -9.05 -2.82
C ASP I 16 41.35 -9.35 -3.88
N THR I 17 41.20 -10.42 -4.65
CA THR I 17 42.17 -10.79 -5.66
C THR I 17 41.58 -11.13 -7.02
N SER I 18 40.25 -11.20 -7.14
CA SER I 18 39.61 -11.52 -8.41
C SER I 18 39.19 -10.23 -9.11
N TYR I 19 39.57 -10.09 -10.37
CA TYR I 19 39.27 -8.88 -11.12
C TYR I 19 39.70 -9.09 -12.58
N VAL I 20 39.10 -8.29 -13.46
CA VAL I 20 39.48 -8.28 -14.87
C VAL I 20 39.99 -6.89 -15.21
N SER I 21 40.76 -6.83 -16.30
CA SER I 21 41.34 -5.59 -16.78
C SER I 21 41.02 -5.45 -18.26
N LEU I 22 40.49 -4.29 -18.63
CA LEU I 22 40.11 -4.02 -20.02
C LEU I 22 41.09 -3.02 -20.62
N LYS I 23 41.62 -3.34 -21.79
CA LYS I 23 42.55 -2.48 -22.50
C LYS I 23 41.82 -1.71 -23.59
N ALA I 24 42.37 -0.55 -23.93
CA ALA I 24 41.78 0.33 -24.92
C ALA I 24 42.87 0.85 -25.85
N PRO I 25 42.53 1.20 -27.09
CA PRO I 25 43.50 1.84 -27.99
C PRO I 25 43.59 3.35 -27.87
N LEU I 26 43.04 3.92 -26.80
CA LEU I 26 43.00 5.37 -26.65
C LEU I 26 44.42 5.95 -26.68
N THR I 27 44.58 7.07 -27.35
CA THR I 27 45.90 7.69 -27.48
C THR I 27 45.86 9.19 -27.18
N LYS I 28 44.70 9.83 -27.38
CA LYS I 28 44.60 11.27 -27.21
C LYS I 28 43.71 11.62 -26.01
N PRO I 29 43.93 12.78 -25.39
CA PRO I 29 43.15 13.12 -24.19
C PRO I 29 41.66 13.25 -24.50
N LEU I 30 40.85 12.94 -23.49
CA LEU I 30 39.40 12.98 -23.61
C LEU I 30 38.84 14.32 -23.14
N LYS I 31 37.92 14.88 -23.92
CA LYS I 31 37.19 16.08 -23.55
C LYS I 31 35.71 15.80 -23.31
N ALA I 32 35.30 14.53 -23.31
CA ALA I 32 33.94 14.12 -23.04
C ALA I 32 33.91 12.60 -23.06
N PHE I 33 32.82 12.04 -22.55
CA PHE I 33 32.72 10.58 -22.57
C PHE I 33 31.30 10.16 -22.25
N THR I 34 31.00 8.90 -22.54
CA THR I 34 29.72 8.29 -22.22
C THR I 34 29.94 6.80 -22.06
N VAL I 35 29.36 6.20 -21.02
CA VAL I 35 29.49 4.78 -20.76
C VAL I 35 28.12 4.19 -20.50
N CYS I 36 27.98 2.90 -20.79
CA CYS I 36 26.72 2.18 -20.62
C CYS I 36 27.03 0.75 -20.21
N LEU I 37 26.25 0.21 -19.28
CA LEU I 37 26.48 -1.17 -18.87
C LEU I 37 25.29 -1.74 -18.13
N HIS I 38 25.23 -3.06 -18.08
CA HIS I 38 24.18 -3.73 -17.37
C HIS I 38 24.81 -4.52 -16.24
N PHE I 39 24.09 -4.69 -15.15
CA PHE I 39 24.64 -5.41 -14.00
C PHE I 39 23.49 -5.89 -13.12
N TYR I 40 23.81 -6.87 -12.26
CA TYR I 40 22.81 -7.51 -11.42
C TYR I 40 23.50 -8.13 -10.22
N THR I 41 23.16 -7.68 -9.03
CA THR I 41 23.75 -8.20 -7.81
C THR I 41 22.75 -8.07 -6.66
N GLU I 42 22.97 -8.87 -5.63
CA GLU I 42 22.08 -8.91 -4.47
C GLU I 42 22.64 -8.17 -3.26
N LEU I 43 23.76 -7.47 -3.40
CA LEU I 43 24.30 -6.71 -2.27
C LEU I 43 23.27 -5.75 -1.71
N SER I 44 22.67 -4.96 -2.62
CA SER I 44 21.62 -4.04 -2.24
C SER I 44 21.95 -3.24 -0.98
N SER I 45 20.99 -3.08 -0.07
CA SER I 45 21.22 -2.31 1.14
C SER I 45 21.94 -3.15 2.19
N THR I 46 23.14 -3.61 1.87
CA THR I 46 23.97 -4.31 2.85
C THR I 46 25.31 -3.58 2.99
N ARG I 47 25.93 -3.25 1.87
CA ARG I 47 27.18 -2.50 1.87
C ARG I 47 27.34 -1.87 0.50
N GLY I 48 28.30 -0.94 0.39
CA GLY I 48 28.60 -0.29 -0.88
C GLY I 48 29.55 -1.14 -1.71
N TYR I 49 29.29 -1.16 -3.01
CA TYR I 49 30.10 -1.93 -3.95
C TYR I 49 30.47 -1.06 -5.16
N SER I 50 31.62 -1.36 -5.74
CA SER I 50 32.09 -0.61 -6.90
C SER I 50 31.50 -1.17 -8.18
N ILE I 51 31.13 -0.27 -9.08
CA ILE I 51 30.50 -0.63 -10.36
C ILE I 51 31.49 -0.49 -11.50
N PHE I 52 32.06 0.70 -11.68
CA PHE I 52 32.99 0.95 -12.78
C PHE I 52 34.08 1.88 -12.26
N SER I 53 35.33 1.56 -12.60
CA SER I 53 36.49 2.30 -12.16
C SER I 53 37.38 2.63 -13.35
N TYR I 54 38.05 3.79 -13.28
CA TYR I 54 38.92 4.27 -14.35
C TYR I 54 39.96 5.16 -13.69
N ALA I 55 41.17 4.66 -13.55
CA ALA I 55 42.26 5.35 -12.86
C ALA I 55 43.34 5.76 -13.86
N THR I 56 44.28 6.57 -13.37
CA THR I 56 45.39 7.06 -14.17
C THR I 56 46.65 7.03 -13.30
N LYS I 57 47.70 7.68 -13.79
CA LYS I 57 48.99 7.68 -13.10
C LYS I 57 49.08 8.74 -12.01
N ARG I 58 48.11 9.67 -11.93
CA ARG I 58 48.14 10.75 -10.95
C ARG I 58 46.79 10.89 -10.25
N GLN I 59 45.90 9.91 -10.38
CA GLN I 59 44.59 9.99 -9.76
C GLN I 59 43.92 8.62 -9.72
N ASP I 60 43.45 8.18 -8.56
CA ASP I 60 42.85 6.85 -8.45
C ASP I 60 41.39 6.85 -8.85
N ASN I 61 40.75 8.02 -8.89
CA ASN I 61 39.32 8.11 -9.18
C ASN I 61 39.07 9.05 -10.36
N GLU I 62 39.79 8.83 -11.46
CA GLU I 62 39.54 9.63 -12.65
C GLU I 62 38.08 9.55 -13.06
N ILE I 63 37.54 8.33 -13.12
CA ILE I 63 36.11 8.11 -13.27
C ILE I 63 35.71 6.96 -12.36
N LEU I 64 34.61 7.12 -11.65
CA LEU I 64 34.17 6.02 -10.79
C LEU I 64 32.68 6.13 -10.52
N ILE I 65 32.02 4.96 -10.53
CA ILE I 65 30.61 4.83 -10.20
C ILE I 65 30.49 3.91 -9.00
N PHE I 66 29.77 4.34 -7.98
CA PHE I 66 29.63 3.60 -6.74
C PHE I 66 28.17 3.59 -6.29
N TRP I 67 27.86 2.72 -5.35
CA TRP I 67 26.52 2.60 -4.77
C TRP I 67 26.65 2.86 -3.27
N SER I 68 26.56 4.13 -2.88
CA SER I 68 26.71 4.50 -1.48
C SER I 68 25.52 4.01 -0.68
N LYS I 69 25.81 3.30 0.42
CA LYS I 69 24.81 2.66 1.26
C LYS I 69 23.75 3.64 1.73
N ASP I 70 22.50 3.38 1.32
CA ASP I 70 21.36 4.23 1.74
C ASP I 70 21.40 5.63 1.16
N ILE I 71 22.43 5.96 0.39
CA ILE I 71 22.53 7.28 -0.24
C ILE I 71 22.11 7.22 -1.70
N GLY I 72 22.62 6.24 -2.44
CA GLY I 72 22.25 6.08 -3.83
C GLY I 72 23.48 6.02 -4.71
N TYR I 73 23.30 6.36 -5.98
CA TYR I 73 24.40 6.26 -6.92
C TYR I 73 25.36 7.43 -6.71
N SER I 74 26.66 7.16 -6.84
CA SER I 74 27.68 8.18 -6.66
C SER I 74 28.57 8.19 -7.90
N PHE I 75 28.58 9.31 -8.61
CA PHE I 75 29.36 9.47 -9.83
C PHE I 75 30.45 10.49 -9.58
N THR I 76 31.70 10.09 -9.74
CA THR I 76 32.83 10.96 -9.46
C THR I 76 33.80 11.00 -10.63
N VAL I 77 34.26 12.22 -10.92
CA VAL I 77 35.22 12.47 -11.98
C VAL I 77 36.33 13.35 -11.43
N GLY I 78 37.58 13.00 -11.75
CA GLY I 78 38.73 13.79 -11.36
C GLY I 78 38.69 14.31 -9.94
N GLY I 79 38.25 13.48 -9.01
CA GLY I 79 38.15 13.86 -7.61
C GLY I 79 36.80 14.40 -7.21
N SER I 80 36.26 15.34 -7.98
CA SER I 80 34.94 15.86 -7.67
C SER I 80 33.90 14.76 -7.78
N GLU I 81 32.82 14.90 -7.02
CA GLU I 81 31.81 13.87 -7.01
C GLU I 81 30.41 14.38 -6.73
N ILE I 82 29.45 13.71 -7.36
CA ILE I 82 28.05 14.05 -7.18
C ILE I 82 27.36 12.77 -6.74
N LEU I 83 26.14 12.89 -6.23
CA LEU I 83 25.37 11.71 -5.81
C LEU I 83 23.93 11.88 -6.29
N PHE I 84 23.45 10.91 -7.06
CA PHE I 84 22.05 10.84 -7.41
C PHE I 84 21.32 9.96 -6.41
N GLU I 85 20.20 10.46 -5.89
CA GLU I 85 19.48 9.83 -4.79
C GLU I 85 18.42 8.89 -5.33
N VAL I 86 18.34 7.70 -4.75
CA VAL I 86 17.32 6.71 -5.09
C VAL I 86 16.51 6.41 -3.83
N PRO I 87 15.19 6.56 -3.85
CA PRO I 87 14.43 6.40 -2.60
C PRO I 87 14.35 4.97 -2.12
N GLU I 88 14.13 4.01 -3.02
CA GLU I 88 13.95 2.62 -2.66
C GLU I 88 14.77 1.73 -3.59
N VAL I 89 15.06 0.53 -3.12
CA VAL I 89 15.92 -0.42 -3.82
C VAL I 89 15.11 -1.67 -4.13
N THR I 90 15.33 -2.20 -5.33
CA THR I 90 14.70 -3.45 -5.78
C THR I 90 15.77 -4.51 -5.98
N VAL I 91 15.36 -5.67 -6.47
CA VAL I 91 16.26 -6.80 -6.72
C VAL I 91 15.96 -7.29 -8.14
N ALA I 92 16.75 -6.83 -9.10
CA ALA I 92 16.60 -7.27 -10.49
C ALA I 92 17.72 -6.67 -11.33
N PRO I 93 18.03 -7.23 -12.49
CA PRO I 93 19.07 -6.64 -13.35
C PRO I 93 18.70 -5.22 -13.73
N VAL I 94 19.73 -4.36 -13.80
CA VAL I 94 19.55 -2.95 -14.08
C VAL I 94 20.56 -2.50 -15.13
N HIS I 95 20.13 -1.58 -15.99
CA HIS I 95 20.96 -0.99 -17.02
C HIS I 95 21.17 0.49 -16.73
N ILE I 96 22.41 0.93 -16.89
CA ILE I 96 22.75 2.31 -16.58
C ILE I 96 23.51 2.93 -17.74
N CYS I 97 23.44 4.24 -17.86
CA CYS I 97 24.11 4.95 -18.95
C CYS I 97 24.42 6.37 -18.48
N THR I 98 25.70 6.69 -18.31
CA THR I 98 26.09 8.02 -17.87
C THR I 98 26.90 8.73 -18.95
N SER I 99 26.84 10.05 -18.98
CA SER I 99 27.55 10.84 -19.98
C SER I 99 27.99 12.17 -19.38
N TRP I 100 29.17 12.62 -19.77
CA TRP I 100 29.74 13.87 -19.27
C TRP I 100 30.44 14.60 -20.41
N GLU I 101 30.39 15.92 -20.35
CA GLU I 101 30.99 16.79 -21.36
C GLU I 101 31.83 17.85 -20.66
N SER I 102 32.89 18.30 -21.35
CA SER I 102 33.81 19.25 -20.76
C SER I 102 33.30 20.69 -20.87
N ALA I 103 33.10 21.17 -22.10
CA ALA I 103 32.73 22.56 -22.31
C ALA I 103 31.47 22.91 -21.54
N SER I 104 30.42 22.12 -21.72
CA SER I 104 29.15 22.36 -21.02
C SER I 104 29.28 22.06 -19.54
N GLY I 105 30.05 21.05 -19.19
CA GLY I 105 30.16 20.66 -17.79
C GLY I 105 28.87 20.15 -17.21
N ILE I 106 28.17 19.29 -17.95
CA ILE I 106 26.88 18.76 -17.53
C ILE I 106 26.97 17.24 -17.51
N VAL I 107 26.33 16.62 -16.52
CA VAL I 107 26.35 15.18 -16.32
C VAL I 107 24.93 14.67 -16.48
N GLU I 108 24.76 13.63 -17.30
CA GLU I 108 23.47 12.96 -17.47
C GLU I 108 23.59 11.51 -17.03
N PHE I 109 22.56 11.01 -16.35
CA PHE I 109 22.60 9.68 -15.73
C PHE I 109 21.25 9.00 -15.95
N TRP I 110 21.15 8.27 -17.05
CA TRP I 110 19.96 7.47 -17.33
C TRP I 110 20.03 6.14 -16.60
N VAL I 111 18.95 5.79 -15.91
CA VAL I 111 18.84 4.52 -15.21
C VAL I 111 17.58 3.82 -15.70
N ASP I 112 17.74 2.60 -16.19
CA ASP I 112 16.61 1.76 -16.61
C ASP I 112 15.69 2.51 -17.56
N GLY I 113 16.29 3.28 -18.47
CA GLY I 113 15.55 4.01 -19.49
C GLY I 113 15.09 5.40 -19.09
N LYS I 114 14.62 5.55 -17.85
CA LYS I 114 14.15 6.85 -17.42
C LYS I 114 15.34 7.78 -17.15
N PRO I 115 15.24 9.06 -17.51
CA PRO I 115 16.34 9.98 -17.23
C PRO I 115 16.20 10.68 -15.89
N ARG I 116 17.35 11.10 -15.36
CA ARG I 116 17.41 11.87 -14.12
C ARG I 116 17.78 13.31 -14.42
N VAL I 117 17.77 14.13 -13.37
CA VAL I 117 18.01 15.56 -13.53
C VAL I 117 19.44 15.80 -13.98
N ARG I 118 19.63 16.87 -14.74
CA ARG I 118 20.97 17.24 -15.17
C ARG I 118 21.67 18.01 -14.08
N LYS I 119 22.98 17.88 -13.99
CA LYS I 119 23.76 18.52 -12.94
C LYS I 119 25.11 18.92 -13.51
N SER I 120 25.74 19.89 -12.85
CA SER I 120 27.01 20.44 -13.29
C SER I 120 28.15 19.85 -12.47
N LEU I 121 29.28 19.63 -13.13
CA LEU I 121 30.44 19.02 -12.47
C LEU I 121 31.72 19.22 -13.27
N LYS I 122 32.75 19.76 -12.64
CA LYS I 122 34.09 19.83 -13.22
C LYS I 122 34.07 20.53 -14.58
N LYS I 123 33.71 21.80 -14.56
CA LYS I 123 33.65 22.55 -15.80
C LYS I 123 35.02 22.95 -16.29
N GLY I 124 35.31 22.67 -17.54
CA GLY I 124 36.58 23.03 -18.15
C GLY I 124 37.77 22.28 -17.60
N TYR I 125 37.83 20.98 -17.85
CA TYR I 125 38.94 20.16 -17.37
C TYR I 125 38.99 18.88 -18.19
N THR I 126 40.21 18.48 -18.55
CA THR I 126 40.44 17.35 -19.44
C THR I 126 40.72 16.07 -18.65
N VAL I 127 40.70 14.95 -19.35
CA VAL I 127 40.93 13.64 -18.77
C VAL I 127 42.13 13.02 -19.47
N GLY I 128 42.97 12.32 -18.70
CA GLY I 128 44.17 11.73 -19.26
C GLY I 128 43.86 10.57 -20.19
N ALA I 129 44.93 10.04 -20.78
CA ALA I 129 44.84 8.96 -21.75
C ALA I 129 45.33 7.63 -21.21
N GLU I 130 46.57 7.57 -20.70
CA GLU I 130 47.08 6.35 -20.10
C GLU I 130 46.19 5.93 -18.95
N ALA I 131 45.49 4.81 -19.08
CA ALA I 131 44.51 4.39 -18.10
C ALA I 131 44.60 2.89 -17.91
N SER I 132 44.09 2.43 -16.76
CA SER I 132 44.02 1.02 -16.41
C SER I 132 42.60 0.76 -15.91
N ILE I 133 41.75 0.24 -16.79
CA ILE I 133 40.33 0.06 -16.49
C ILE I 133 40.18 -1.31 -15.83
N ILE I 134 40.10 -1.31 -14.50
CA ILE I 134 39.87 -2.52 -13.74
C ILE I 134 38.38 -2.68 -13.49
N LEU I 135 37.92 -3.93 -13.57
CA LEU I 135 36.52 -4.24 -13.33
C LEU I 135 36.45 -5.31 -12.26
N GLY I 136 35.61 -5.12 -11.27
CA GLY I 136 35.43 -6.06 -10.16
C GLY I 136 35.81 -5.48 -8.81
N GLN I 137 36.87 -4.68 -8.76
CA GLN I 137 37.38 -4.14 -7.51
C GLN I 137 37.68 -2.66 -7.69
N GLU I 138 37.31 -1.86 -6.69
CA GLU I 138 37.74 -0.46 -6.66
C GLU I 138 39.24 -0.38 -6.41
N GLN I 139 39.90 0.58 -7.06
CA GLN I 139 41.34 0.74 -6.95
C GLN I 139 41.65 2.11 -6.37
N ASP I 140 42.62 2.13 -5.44
CA ASP I 140 43.14 3.37 -4.89
C ASP I 140 44.51 3.71 -5.47
N SER I 141 44.90 3.04 -6.55
CA SER I 141 46.17 3.31 -7.22
C SER I 141 46.09 2.72 -8.62
N PHE I 142 47.12 3.02 -9.42
CA PHE I 142 47.11 2.58 -10.81
C PHE I 142 47.04 1.06 -10.93
N GLY I 143 47.61 0.35 -9.96
CA GLY I 143 47.65 -1.10 -10.02
C GLY I 143 46.58 -1.76 -9.17
N GLY I 144 46.99 -2.31 -8.02
CA GLY I 144 46.08 -3.01 -7.15
C GLY I 144 45.55 -2.15 -6.04
N ASN I 145 46.02 -2.36 -4.81
CA ASN I 145 45.58 -1.61 -3.64
C ASN I 145 44.08 -1.74 -3.44
N PHE I 146 43.51 -2.88 -3.78
CA PHE I 146 42.07 -3.08 -3.66
C PHE I 146 41.66 -3.15 -2.20
N GLU I 147 40.34 -3.03 -1.98
CA GLU I 147 39.80 -3.12 -0.62
C GLU I 147 38.68 -4.16 -0.68
N GLY I 148 38.81 -5.23 0.08
CA GLY I 148 37.83 -6.30 0.03
C GLY I 148 36.43 -5.86 0.40
N SER I 149 36.32 -4.86 1.28
CA SER I 149 35.01 -4.39 1.70
C SER I 149 34.22 -3.81 0.54
N GLN I 150 34.92 -3.27 -0.47
CA GLN I 150 34.28 -2.61 -1.59
C GLN I 150 34.15 -3.50 -2.82
N SER I 151 34.40 -4.80 -2.68
CA SER I 151 34.32 -5.71 -3.82
C SER I 151 32.87 -5.91 -4.25
N LEU I 152 32.71 -6.44 -5.46
CA LEU I 152 31.41 -6.70 -6.05
C LEU I 152 31.19 -8.20 -6.18
N VAL I 153 29.98 -8.64 -5.86
CA VAL I 153 29.58 -10.05 -5.98
C VAL I 153 28.29 -10.09 -6.78
N GLY I 154 28.38 -10.56 -8.03
CA GLY I 154 27.22 -10.63 -8.90
C GLY I 154 27.60 -10.84 -10.35
N ASP I 155 26.83 -10.25 -11.27
CA ASP I 155 27.09 -10.37 -12.70
C ASP I 155 27.09 -8.97 -13.32
N ILE I 156 27.91 -8.80 -14.36
CA ILE I 156 27.98 -7.53 -15.06
C ILE I 156 28.35 -7.83 -16.50
N GLY I 157 27.86 -7.02 -17.43
CA GLY I 157 28.16 -7.21 -18.84
C GLY I 157 27.61 -6.08 -19.67
N ASN I 158 27.89 -6.16 -20.97
CA ASN I 158 27.43 -5.18 -21.95
C ASN I 158 28.03 -3.80 -21.66
N VAL I 159 29.35 -3.77 -21.49
CA VAL I 159 30.06 -2.54 -21.17
C VAL I 159 30.47 -1.88 -22.48
N ASN I 160 29.90 -0.69 -22.74
CA ASN I 160 30.25 0.06 -23.94
C ASN I 160 30.64 1.46 -23.53
N MET I 161 31.44 2.12 -24.34
CA MET I 161 31.92 3.46 -24.03
C MET I 161 32.23 4.21 -25.32
N TRP I 162 31.71 5.43 -25.43
CA TRP I 162 31.98 6.34 -26.53
C TRP I 162 32.70 7.58 -26.00
N ASP I 163 33.52 8.18 -26.87
CA ASP I 163 34.24 9.38 -26.48
C ASP I 163 33.34 10.62 -26.50
N PHE I 164 32.42 10.70 -27.45
CA PHE I 164 31.53 11.85 -27.55
C PHE I 164 30.28 11.60 -26.71
N VAL I 165 29.27 12.46 -26.85
CA VAL I 165 28.06 12.40 -26.05
C VAL I 165 26.91 11.96 -26.94
N LEU I 166 26.15 10.98 -26.47
CA LEU I 166 25.01 10.47 -27.22
C LEU I 166 23.79 11.36 -27.01
N SER I 167 22.82 11.19 -27.88
CA SER I 167 21.54 11.89 -27.81
C SER I 167 20.47 10.98 -27.22
N PRO I 168 19.37 11.55 -26.73
CA PRO I 168 18.35 10.70 -26.09
C PRO I 168 17.85 9.58 -26.97
N ASP I 169 17.67 9.84 -28.26
CA ASP I 169 17.24 8.80 -29.18
C ASP I 169 18.26 7.66 -29.18
N GLU I 170 19.54 8.01 -29.27
CA GLU I 170 20.59 6.99 -29.29
C GLU I 170 20.55 6.16 -28.02
N ILE I 171 20.34 6.80 -26.87
CA ILE I 171 20.28 6.06 -25.61
C ILE I 171 19.07 5.13 -25.61
N ASN I 172 17.94 5.59 -26.14
CA ASN I 172 16.76 4.75 -26.20
C ASN I 172 17.01 3.53 -27.09
N THR I 173 17.66 3.73 -28.23
CA THR I 173 17.99 2.60 -29.09
C THR I 173 18.94 1.65 -28.39
N ILE I 174 19.91 2.18 -27.67
CA ILE I 174 20.81 1.33 -26.87
C ILE I 174 20.01 0.48 -25.91
N TYR I 175 19.06 1.10 -25.20
CA TYR I 175 18.26 0.37 -24.23
C TYR I 175 17.45 -0.73 -24.91
N LEU I 176 16.86 -0.42 -26.07
CA LEU I 176 16.05 -1.41 -26.77
C LEU I 176 16.87 -2.53 -27.38
N GLY I 177 18.19 -2.37 -27.47
CA GLY I 177 19.05 -3.42 -28.00
C GLY I 177 19.19 -3.39 -29.50
N GLY I 178 19.49 -2.22 -30.05
CA GLY I 178 19.69 -2.07 -31.48
C GLY I 178 21.17 -2.08 -31.85
N PRO I 179 21.46 -1.89 -33.13
CA PRO I 179 22.85 -1.83 -33.57
C PRO I 179 23.51 -0.52 -33.17
N PHE I 180 24.84 -0.52 -33.07
CA PHE I 180 25.58 0.70 -32.75
C PHE I 180 27.06 0.40 -32.85
N SER I 181 27.88 1.45 -32.93
CA SER I 181 29.32 1.26 -33.11
C SER I 181 30.13 2.05 -32.11
N PRO I 182 30.57 1.39 -31.03
CA PRO I 182 31.46 2.10 -30.11
C PRO I 182 32.80 2.40 -30.75
N ASN I 183 33.58 3.24 -30.07
CA ASN I 183 34.90 3.62 -30.56
C ASN I 183 35.98 3.61 -29.48
N VAL I 184 35.65 3.27 -28.24
CA VAL I 184 36.63 3.23 -27.16
C VAL I 184 36.67 1.82 -26.58
N LEU I 185 35.53 1.37 -26.06
CA LEU I 185 35.40 0.02 -25.53
C LEU I 185 34.19 -0.62 -26.17
N ASN I 186 34.41 -1.60 -27.05
CA ASN I 186 33.35 -2.29 -27.78
C ASN I 186 33.17 -3.68 -27.19
N TRP I 187 31.96 -3.95 -26.68
CA TRP I 187 31.68 -5.27 -26.12
C TRP I 187 31.76 -6.36 -27.17
N ARG I 188 31.63 -6.02 -28.45
CA ARG I 188 31.67 -7.01 -29.51
C ARG I 188 33.08 -7.32 -29.98
N ALA I 189 34.06 -6.47 -29.66
CA ALA I 189 35.45 -6.69 -30.03
C ALA I 189 36.35 -6.40 -28.83
N LEU I 190 35.97 -6.93 -27.67
CA LEU I 190 36.68 -6.64 -26.44
C LEU I 190 38.04 -7.32 -26.42
N LYS I 191 38.92 -6.79 -25.57
CA LYS I 191 40.25 -7.36 -25.36
C LYS I 191 40.57 -7.18 -23.89
N TYR I 192 40.71 -8.29 -23.16
CA TYR I 192 40.71 -8.23 -21.70
C TYR I 192 41.67 -9.28 -21.13
N GLU I 193 42.10 -9.03 -19.90
CA GLU I 193 42.80 -10.00 -19.08
C GLU I 193 41.97 -10.26 -17.82
N VAL I 194 42.21 -11.39 -17.17
CA VAL I 194 41.45 -11.79 -16.00
C VAL I 194 42.38 -12.47 -15.01
N GLN I 195 42.14 -12.25 -13.71
CA GLN I 195 42.88 -12.93 -12.67
C GLN I 195 41.95 -13.24 -11.51
N GLY I 196 42.14 -14.41 -10.91
CA GLY I 196 41.33 -14.82 -9.78
C GLY I 196 40.15 -15.69 -10.19
N GLU I 197 39.14 -15.67 -9.31
CA GLU I 197 37.93 -16.44 -9.54
C GLU I 197 36.92 -15.65 -10.31
N VAL I 198 36.99 -15.74 -11.62
CA VAL I 198 36.04 -15.07 -12.51
C VAL I 198 35.66 -16.06 -13.60
N PHE I 199 34.37 -16.12 -13.93
CA PHE I 199 33.88 -17.08 -14.90
C PHE I 199 33.09 -16.35 -15.99
N THR I 200 32.96 -17.00 -17.15
CA THR I 200 32.16 -16.42 -18.22
C THR I 200 31.01 -17.36 -18.48
N LYS I 201 29.80 -16.84 -18.41
CA LYS I 201 28.59 -17.63 -18.57
C LYS I 201 27.54 -16.80 -19.27
N PRO I 202 26.55 -17.44 -19.88
CA PRO I 202 25.50 -16.69 -20.58
C PRO I 202 24.77 -15.73 -19.65
N GLN I 203 24.41 -14.58 -20.19
CA GLN I 203 23.73 -13.56 -19.40
C GLN I 203 22.32 -14.00 -19.01
N LEU I 204 21.97 -13.79 -17.75
CA LEU I 204 20.64 -14.16 -17.28
C LEU I 204 19.59 -13.18 -17.81
N TRP I 205 19.88 -11.89 -17.75
CA TRP I 205 18.89 -10.90 -18.17
C TRP I 205 18.63 -11.01 -19.68
N PRO I 206 17.42 -10.66 -20.12
CA PRO I 206 17.07 -10.78 -21.54
C PRO I 206 17.97 -9.95 -22.45
N HIS J 3 51.23 18.45 9.47
CA HIS J 3 50.37 17.36 9.01
C HIS J 3 48.93 17.84 8.84
N VAL J 4 47.97 16.96 9.11
CA VAL J 4 46.57 17.36 9.03
C VAL J 4 46.08 17.74 10.41
N GLN J 5 45.45 18.91 10.51
CA GLN J 5 44.83 19.37 11.75
C GLN J 5 43.45 19.92 11.44
N LEU J 6 42.47 19.53 12.25
CA LEU J 6 41.09 19.99 12.09
C LEU J 6 40.71 20.82 13.31
N VAL J 7 40.23 22.04 13.08
CA VAL J 7 39.90 22.98 14.15
C VAL J 7 38.43 23.33 14.06
N GLU J 8 37.71 23.11 15.16
CA GLU J 8 36.30 23.45 15.20
C GLU J 8 36.12 24.71 16.04
N SER J 9 35.12 25.50 15.70
CA SER J 9 34.83 26.74 16.42
C SER J 9 33.36 27.08 16.26
N GLY J 10 32.90 28.03 17.06
CA GLY J 10 31.52 28.46 17.00
C GLY J 10 30.55 27.50 17.66
N GLY J 11 30.68 27.31 18.96
CA GLY J 11 29.79 26.43 19.70
C GLY J 11 29.61 26.90 21.12
N GLY J 12 28.54 26.41 21.73
CA GLY J 12 28.22 26.78 23.10
C GLY J 12 26.82 26.38 23.51
N LEU J 13 26.17 27.22 24.32
CA LEU J 13 24.81 26.98 24.79
C LEU J 13 23.97 28.22 24.60
N VAL J 14 22.69 28.01 24.27
CA VAL J 14 21.75 29.10 24.05
C VAL J 14 20.38 28.68 24.55
N LEU J 15 19.54 29.67 24.83
CA LEU J 15 18.19 29.39 25.27
C LEU J 15 17.41 28.78 24.11
N PRO J 16 16.26 28.16 24.42
CA PRO J 16 15.50 27.51 23.35
C PRO J 16 14.98 28.50 22.33
N GLY J 17 15.01 28.09 21.07
CA GLY J 17 14.57 28.93 19.97
C GLY J 17 15.62 29.86 19.41
N GLY J 18 16.83 29.87 19.98
CA GLY J 18 17.89 30.74 19.53
C GLY J 18 18.55 30.25 18.26
N SER J 19 19.78 30.70 18.03
CA SER J 19 20.51 30.32 16.84
C SER J 19 22.00 30.47 17.10
N LEU J 20 22.78 29.72 16.27
CA LEU J 20 24.23 29.70 16.41
C LEU J 20 24.79 29.28 15.05
N ARG J 21 26.12 29.27 14.91
CA ARG J 21 26.75 28.82 13.67
C ARG J 21 28.10 28.21 14.00
N LEU J 22 28.29 27.01 13.30
CA LEU J 22 29.51 26.26 13.50
C LEU J 22 30.46 26.37 12.32
N SER J 23 31.80 26.38 12.66
CA SER J 23 32.78 26.41 11.59
C SER J 23 33.80 25.31 11.81
N CYS J 24 34.08 24.55 10.76
CA CYS J 24 35.03 23.45 10.80
C CYS J 24 36.17 23.76 9.84
N GLU J 25 37.16 24.50 10.33
CA GLU J 25 38.33 24.83 9.52
C GLU J 25 39.27 23.64 9.46
N ALA J 26 39.94 23.49 8.31
CA ALA J 26 40.85 22.39 8.09
C ALA J 26 42.18 22.91 7.56
N SER J 27 43.22 22.11 7.75
CA SER J 27 44.56 22.44 7.29
C SER J 27 45.22 21.18 6.78
N GLY J 28 46.06 21.32 5.74
CA GLY J 28 46.68 20.18 5.12
C GLY J 28 45.79 19.53 4.08
N ILE J 29 44.56 19.18 4.48
CA ILE J 29 43.60 18.61 3.55
C ILE J 29 42.83 19.74 2.87
N SER J 30 42.26 19.43 1.70
CA SER J 30 41.54 20.40 0.90
C SER J 30 40.12 19.93 0.67
N PHE J 31 39.15 20.82 0.89
CA PHE J 31 37.75 20.49 0.66
C PHE J 31 37.41 20.44 -0.82
N SER J 32 38.32 20.86 -1.70
CA SER J 32 38.03 20.83 -3.14
C SER J 32 37.77 19.40 -3.61
N SER J 33 38.58 18.46 -3.15
CA SER J 33 38.48 17.06 -3.53
C SER J 33 38.12 16.18 -2.34
N ASN J 34 37.21 16.65 -1.50
CA ASN J 34 36.78 15.91 -0.32
C ASN J 34 35.36 16.33 0.03
N ALA J 35 34.79 15.66 1.03
CA ALA J 35 33.44 15.93 1.50
C ALA J 35 33.45 16.01 3.01
N VAL J 36 32.66 16.94 3.56
CA VAL J 36 32.65 17.16 4.99
C VAL J 36 31.26 16.89 5.55
N GLY J 37 31.16 16.77 6.87
CA GLY J 37 29.87 16.53 7.49
C GLY J 37 29.88 16.58 9.00
N TRP J 38 28.72 16.91 9.58
CA TRP J 38 28.57 17.00 11.02
C TRP J 38 27.71 15.86 11.53
N TYR J 39 28.20 15.16 12.55
CA TYR J 39 27.51 14.04 13.16
C TYR J 39 27.25 14.33 14.64
N ARG J 40 26.13 13.80 15.13
CA ARG J 40 25.68 14.00 16.49
C ARG J 40 26.12 12.82 17.37
N GLN J 41 25.84 12.93 18.66
CA GLN J 41 26.12 11.88 19.62
C GLN J 41 24.87 11.05 19.86
N ALA J 42 25.07 9.81 20.30
CA ALA J 42 23.96 8.90 20.52
C ALA J 42 24.37 7.79 21.47
N PRO J 43 23.44 6.92 21.89
CA PRO J 43 23.81 5.84 22.81
C PRO J 43 24.86 4.92 22.22
N GLY J 44 25.77 4.44 23.07
CA GLY J 44 26.88 3.65 22.56
C GLY J 44 27.89 4.53 21.85
N ASN J 45 28.42 4.00 20.74
CA ASN J 45 29.37 4.70 19.90
C ASN J 45 28.78 4.98 18.52
N GLN J 46 27.49 5.31 18.47
CA GLN J 46 26.78 5.53 17.22
C GLN J 46 26.64 7.04 16.98
N ARG J 47 27.55 7.59 16.19
CA ARG J 47 27.36 8.95 15.70
C ARG J 47 26.29 8.94 14.61
N THR J 48 25.40 9.93 14.68
CA THR J 48 24.25 10.00 13.81
C THR J 48 24.44 11.09 12.76
N LEU J 49 23.98 10.81 11.54
CA LEU J 49 24.11 11.76 10.45
C LEU J 49 23.27 13.00 10.74
N VAL J 50 23.84 14.17 10.50
CA VAL J 50 23.15 15.45 10.66
C VAL J 50 23.08 16.20 9.34
N ALA J 51 24.23 16.53 8.75
CA ALA J 51 24.27 17.21 7.47
C ALA J 51 25.66 17.05 6.88
N VAL J 52 25.72 16.65 5.62
CA VAL J 52 26.98 16.39 4.93
C VAL J 52 26.94 17.04 3.56
N ILE J 53 28.06 17.66 3.18
CA ILE J 53 28.21 18.28 1.86
C ILE J 53 29.38 17.62 1.14
N SER J 54 29.12 17.16 -0.07
CA SER J 54 30.13 16.50 -0.89
C SER J 54 30.98 17.52 -1.62
N SER J 55 32.07 17.02 -2.23
CA SER J 55 32.96 17.92 -2.98
C SER J 55 32.24 18.57 -4.14
N GLY J 56 31.43 17.81 -4.87
CA GLY J 56 30.75 18.36 -6.04
C GLY J 56 29.81 19.49 -5.68
N GLY J 57 29.03 19.32 -4.61
CA GLY J 57 28.09 20.34 -4.21
C GLY J 57 26.79 19.79 -3.67
N SER J 58 26.48 18.54 -4.00
CA SER J 58 25.29 17.90 -3.48
C SER J 58 25.39 17.75 -1.96
N THR J 59 24.25 17.89 -1.31
CA THR J 59 24.22 17.77 0.13
C THR J 59 23.15 16.81 0.59
N VAL J 60 23.36 16.23 1.75
CA VAL J 60 22.43 15.27 2.34
C VAL J 60 22.18 15.67 3.79
N TYR J 61 20.92 15.86 4.15
CA TYR J 61 20.53 16.25 5.50
C TYR J 61 19.89 15.07 6.22
N GLY J 62 19.92 15.13 7.56
CA GLY J 62 19.32 14.08 8.35
C GLY J 62 17.82 13.99 8.15
N ASP J 63 17.29 12.80 8.37
CA ASP J 63 15.86 12.57 8.15
C ASP J 63 15.01 13.43 9.08
N SER J 64 15.39 13.50 10.36
CA SER J 64 14.61 14.29 11.31
C SER J 64 14.77 15.78 11.06
N VAL J 65 15.87 16.17 10.41
CA VAL J 65 16.22 17.57 10.23
C VAL J 65 15.91 18.03 8.81
N ARG J 66 15.07 17.30 8.09
CA ARG J 66 14.77 17.67 6.71
C ARG J 66 14.27 19.11 6.63
N GLY J 67 15.04 19.95 5.96
CA GLY J 67 14.67 21.34 5.79
C GLY J 67 14.59 22.15 7.06
N ARG J 68 15.60 22.03 7.93
CA ARG J 68 15.62 22.79 9.17
C ARG J 68 16.80 23.76 9.25
N PHE J 69 18.03 23.07 8.97
CA PHE J 69 19.27 23.86 8.98
C PHE J 69 19.88 24.00 7.59
N THR J 70 21.00 24.75 7.49
CA THR J 70 21.69 24.86 6.21
C THR J 70 23.19 24.71 6.41
N ILE J 71 23.80 23.86 5.61
CA ILE J 71 25.25 23.68 5.61
C ILE J 71 25.81 24.28 4.33
N SER J 72 27.06 24.72 4.40
CA SER J 72 27.70 25.32 3.23
C SER J 72 29.21 25.25 3.42
N LYS J 73 29.93 25.45 2.32
CA LYS J 73 31.39 25.36 2.34
C LYS J 73 31.97 26.52 1.56
N ASP J 74 33.28 26.70 1.70
CA ASP J 74 33.98 27.77 1.00
C ASP J 74 35.39 27.29 0.73
N ASN J 75 35.72 27.06 -0.53
CA ASN J 75 37.06 26.61 -0.88
C ASN J 75 38.15 27.66 -0.63
N PRO J 76 37.93 28.92 -1.06
CA PRO J 76 39.00 29.92 -0.93
C PRO J 76 39.76 29.85 0.39
N LYS J 77 39.07 29.96 1.52
CA LYS J 77 39.71 29.75 2.82
C LYS J 77 39.43 28.37 3.40
N ASN J 78 38.84 27.48 2.61
CA ASN J 78 38.71 26.06 2.99
C ASN J 78 38.04 25.91 4.35
N THR J 79 36.81 26.41 4.44
CA THR J 79 36.09 26.35 5.70
C THR J 79 34.63 26.01 5.45
N ALA J 80 34.06 25.18 6.34
CA ALA J 80 32.68 24.76 6.24
C ALA J 80 31.88 25.34 7.39
N TYR J 81 30.72 25.94 7.07
CA TYR J 81 29.86 26.59 8.04
C TYR J 81 28.50 25.90 8.07
N LEU J 82 28.04 25.53 9.26
CA LEU J 82 26.72 24.98 9.47
C LEU J 82 25.93 25.95 10.34
N LEU J 83 24.74 26.35 9.87
CA LEU J 83 23.94 27.35 10.56
C LEU J 83 22.88 26.67 11.41
N MET J 84 22.92 26.91 12.71
CA MET J 84 22.01 26.33 13.69
C MET J 84 20.87 27.32 13.93
N ASN J 85 19.64 26.91 13.64
CA ASN J 85 18.49 27.78 13.86
C ASN J 85 17.26 26.96 14.16
N ASN J 86 16.45 27.43 15.10
CA ASN J 86 15.26 26.69 15.53
C ASN J 86 15.67 25.34 16.13
N LEU J 87 16.42 25.45 17.22
CA LEU J 87 16.92 24.25 17.89
C LEU J 87 16.10 23.95 19.12
N LYS J 88 15.46 22.79 19.14
CA LYS J 88 14.67 22.36 20.27
C LYS J 88 15.57 21.84 21.38
N PRO J 89 15.04 21.73 22.60
CA PRO J 89 15.90 21.27 23.72
C PRO J 89 16.54 19.92 23.48
N GLU J 90 15.83 19.01 22.81
CA GLU J 90 16.39 17.68 22.56
C GLU J 90 17.64 17.72 21.68
N ASP J 91 17.83 18.81 20.92
CA ASP J 91 18.97 18.89 20.03
C ASP J 91 20.31 19.02 20.76
N THR J 92 20.29 19.27 22.07
CA THR J 92 21.53 19.41 22.81
C THR J 92 22.31 18.10 22.81
N GLY J 93 23.63 18.22 22.88
CA GLY J 93 24.48 17.04 22.92
C GLY J 93 25.89 17.38 22.46
N VAL J 94 26.54 16.38 21.88
CA VAL J 94 27.91 16.49 21.41
C VAL J 94 27.93 16.36 19.89
N TYR J 95 28.60 17.29 19.24
CA TYR J 95 28.66 17.34 17.78
C TYR J 95 30.10 17.27 17.32
N TYR J 96 30.31 16.61 16.18
CA TYR J 96 31.63 16.51 15.59
C TYR J 96 31.54 16.83 14.11
N CYS J 97 32.64 17.35 13.56
CA CYS J 97 32.75 17.62 12.14
C CYS J 97 33.92 16.84 11.57
N ASN J 98 33.65 16.04 10.54
CA ASN J 98 34.66 15.17 9.95
C ASN J 98 34.70 15.37 8.44
N VAL J 99 35.81 14.92 7.85
CA VAL J 99 36.05 15.03 6.42
C VAL J 99 36.55 13.69 5.89
N ASP J 100 36.13 13.35 4.68
CA ASP J 100 36.54 12.10 4.06
C ASP J 100 36.56 12.28 2.55
N ARG J 101 37.22 11.35 1.86
CA ARG J 101 37.35 11.43 0.42
C ARG J 101 36.02 11.32 -0.31
N ARG J 102 34.96 10.86 0.36
CA ARG J 102 33.66 10.72 -0.29
C ARG J 102 32.61 10.48 0.78
N VAL J 103 31.45 11.10 0.61
CA VAL J 103 30.35 10.90 1.56
C VAL J 103 30.08 9.41 1.68
N HIS J 104 30.02 8.93 2.93
CA HIS J 104 29.94 7.50 3.17
C HIS J 104 28.90 7.14 4.24
N ALA J 105 27.89 7.99 4.44
CA ALA J 105 26.88 7.71 5.44
C ALA J 105 27.52 7.40 6.79
N LEU J 106 27.16 6.25 7.37
CA LEU J 106 27.78 5.79 8.61
C LEU J 106 29.30 5.92 8.48
N PRO J 107 29.94 6.68 9.39
CA PRO J 107 31.36 6.99 9.23
C PRO J 107 32.25 5.77 9.07
N ARG J 108 33.50 5.99 8.70
CA ARG J 108 34.46 4.91 8.49
C ARG J 108 35.75 5.23 9.23
N SER J 109 36.51 4.18 9.52
CA SER J 109 37.69 4.29 10.38
C SER J 109 38.68 5.34 9.91
N GLN J 110 39.03 5.31 8.63
CA GLN J 110 40.05 6.23 8.12
C GLN J 110 39.62 7.68 8.27
N SER J 111 38.34 7.96 8.04
CA SER J 111 37.82 9.32 8.11
C SER J 111 38.25 10.03 9.39
N TYR J 112 38.91 11.17 9.26
CA TYR J 112 39.32 11.95 10.42
C TYR J 112 38.08 12.49 11.13
N TRP J 113 38.16 12.58 12.46
CA TRP J 113 36.99 12.95 13.25
C TRP J 113 36.98 14.41 13.69
N GLY J 114 38.09 14.91 14.23
CA GLY J 114 38.19 16.32 14.54
C GLY J 114 37.64 16.75 15.89
N ARG J 115 38.21 16.20 16.95
CA ARG J 115 37.80 16.57 18.31
C ARG J 115 36.31 16.50 18.52
N GLY J 116 35.70 17.64 18.83
CA GLY J 116 34.28 17.66 19.13
C GLY J 116 33.87 18.97 19.75
N THR J 117 32.58 19.08 20.03
CA THR J 117 32.01 20.28 20.61
C THR J 117 30.73 19.95 21.36
N GLN J 118 30.35 20.84 22.26
CA GLN J 118 29.19 20.66 23.15
C GLN J 118 28.17 21.77 22.88
N VAL J 119 26.90 21.37 22.76
CA VAL J 119 25.81 22.31 22.51
C VAL J 119 24.71 22.06 23.52
N THR J 120 24.25 23.14 24.14
CA THR J 120 23.18 23.02 25.13
C THR J 120 21.96 23.83 24.74
N VAL J 121 20.79 23.28 24.98
CA VAL J 121 19.53 23.93 24.63
C VAL J 121 18.78 24.29 25.91
N SER J 122 19.53 24.55 26.99
CA SER J 122 18.91 24.85 28.27
C SER J 122 17.98 26.05 28.16
N SER J 123 16.83 25.94 28.82
CA SER J 123 15.85 27.03 28.82
C SER J 123 16.10 27.99 29.96
#